data_5I5R
#
_entry.id   5I5R
#
_cell.length_a   56.080
_cell.length_b   187.699
_cell.length_c   97.640
_cell.angle_alpha   90.000
_cell.angle_beta   94.210
_cell.angle_gamma   90.000
#
_symmetry.space_group_name_H-M   'P 1 21 1'
#
loop_
_entity.id
_entity.type
_entity.pdbx_description
1 polymer Alpha-L-fucosidase
2 non-polymer 'SULFATE ION'
3 non-polymer IMIDAZOLE
4 non-polymer "(2S,3S,4R,5S,2'S,3'S,4'R,5'S)-2,2'-(butane-1,4-diyl)bis(5-methylpyrrolidine-3,4-diol)"
5 water water
#
_entity_poly.entity_id   1
_entity_poly.type   'polypeptide(L)'
_entity_poly.pdbx_seq_one_letter_code
;AEIPLKYGATNEGKRQDPAMQKFRDNRLGAFIHWGLYAIPGGEWNGKVYGGAAEWLKSWAKVPADEWLKLMDQWNPTKFD
AKKWAKMAKEMGTKYVKITTKHHEGFCLWPSKYTKYTVANTPYKRDILGELVKAYNDEGIDVHFYFSVMDWSNPDYRYDI
KSKEDSIAFSRFLEFTDNQLKELATRYPTVKDFWFDGTWDASVKKNGWWTAHAEQMLKELVPGVAINSRLRADDKGKRHF
DSNGRLMGDYESGYERRLPDPVKDLKVTQWDWEACMTIPENQWGYHKDWSLSYVKTPIEVIDRIVHAVSMGGNMVVNFGP
QADGDFRPEEKAMATAIGKWMNRYGKAVYACDYAGFEKQDWGYYTRGKNDEVYMVVFNQPYSERLIVKTPKGITVEKATL
LTTGEDITVVETTRNEYNVSVPKKNPGEPYVIQLKVRAAKGTKSIY
;
_entity_poly.pdbx_strand_id   A,B,C,D
#
# COMPACT_ATOMS: atom_id res chain seq x y z
N GLU A 2 67.74 33.81 -29.93
CA GLU A 2 66.56 33.32 -29.18
C GLU A 2 65.64 34.50 -28.75
N ILE A 3 64.42 34.60 -29.30
CA ILE A 3 63.55 35.79 -29.14
C ILE A 3 62.88 35.81 -27.75
N PRO A 4 62.80 37.00 -27.08
CA PRO A 4 62.03 37.10 -25.82
C PRO A 4 60.52 37.01 -26.05
N LEU A 5 59.82 36.17 -25.30
CA LEU A 5 58.39 36.01 -25.49
C LEU A 5 57.72 35.85 -24.15
N LYS A 6 56.59 36.55 -23.96
CA LYS A 6 55.73 36.39 -22.78
C LYS A 6 54.61 35.34 -23.00
N TYR A 7 54.21 35.13 -24.26
CA TYR A 7 53.04 34.29 -24.60
C TYR A 7 53.42 33.12 -25.52
N GLY A 8 54.66 32.65 -25.40
CA GLY A 8 55.18 31.54 -26.19
C GLY A 8 55.03 30.24 -25.44
N ALA A 9 55.83 29.25 -25.79
CA ALA A 9 55.65 27.89 -25.27
C ALA A 9 55.91 27.81 -23.78
N THR A 10 55.16 26.95 -23.09
CA THR A 10 55.31 26.70 -21.65
C THR A 10 56.04 25.37 -21.41
N ASN A 11 55.46 24.27 -21.90
CA ASN A 11 56.06 22.90 -21.82
C ASN A 11 57.44 22.82 -22.52
N GLU A 12 58.36 22.03 -21.98
CA GLU A 12 59.70 21.81 -22.60
C GLU A 12 59.65 20.67 -23.62
N GLY A 13 59.35 19.45 -23.16
CA GLY A 13 59.09 18.29 -24.03
C GLY A 13 57.67 17.79 -23.87
N LYS A 14 57.50 16.47 -23.96
CA LYS A 14 56.17 15.84 -23.80
C LYS A 14 55.78 15.84 -22.35
N ARG A 15 54.53 16.22 -22.05
CA ARG A 15 53.99 15.99 -20.70
C ARG A 15 54.03 14.49 -20.39
N GLN A 16 54.44 14.13 -19.17
CA GLN A 16 54.48 12.74 -18.76
C GLN A 16 53.68 12.44 -17.48
N ASP A 17 52.81 13.38 -17.08
CA ASP A 17 51.84 13.13 -16.03
C ASP A 17 50.83 12.06 -16.48
N PRO A 18 50.13 11.43 -15.51
CA PRO A 18 49.19 10.38 -15.90
C PRO A 18 48.12 10.82 -16.86
N ALA A 19 47.62 12.06 -16.76
CA ALA A 19 46.50 12.50 -17.60
C ALA A 19 46.90 12.58 -19.09
N MET A 20 48.11 13.07 -19.36
CA MET A 20 48.64 13.09 -20.72
C MET A 20 48.97 11.69 -21.23
N GLN A 21 49.48 10.82 -20.36
CA GLN A 21 49.78 9.43 -20.73
C GLN A 21 48.52 8.68 -21.14
N LYS A 22 47.40 9.06 -20.54
CA LYS A 22 46.12 8.52 -20.85
C LYS A 22 45.62 9.07 -22.19
N PHE A 23 45.80 10.39 -22.38
CA PHE A 23 45.45 11.06 -23.64
C PHE A 23 46.14 10.32 -24.80
N ARG A 24 47.41 10.05 -24.62
CA ARG A 24 48.29 9.38 -25.58
C ARG A 24 47.93 7.93 -25.80
N ASP A 25 47.83 7.18 -24.71
CA ASP A 25 47.57 5.74 -24.78
C ASP A 25 46.23 5.39 -25.39
N ASN A 26 45.24 6.25 -25.19
CA ASN A 26 43.97 6.11 -25.81
C ASN A 26 44.09 5.83 -27.32
N ARG A 27 44.88 6.69 -28.01
CA ARG A 27 45.23 6.64 -29.46
C ARG A 27 44.12 6.87 -30.47
N LEU A 28 42.99 6.19 -30.31
CA LEU A 28 41.90 6.26 -31.22
C LEU A 28 40.66 6.95 -30.63
N GLY A 29 40.17 7.96 -31.32
CA GLY A 29 39.02 8.72 -30.92
C GLY A 29 38.04 8.88 -32.02
N ALA A 30 36.86 9.36 -31.64
CA ALA A 30 35.83 9.78 -32.61
C ALA A 30 35.57 11.26 -32.43
N PHE A 31 35.19 11.93 -33.52
CA PHE A 31 34.84 13.31 -33.55
C PHE A 31 33.35 13.35 -33.81
N ILE A 32 32.62 14.21 -33.11
CA ILE A 32 31.20 14.41 -33.36
C ILE A 32 31.00 15.86 -33.75
N HIS A 33 30.46 16.07 -34.95
CA HIS A 33 30.03 17.39 -35.41
C HIS A 33 28.53 17.37 -35.50
N TRP A 34 27.92 18.07 -34.54
CA TRP A 34 26.46 18.22 -34.52
C TRP A 34 26.10 19.63 -34.10
N GLY A 35 25.23 20.21 -34.92
CA GLY A 35 24.79 21.57 -34.79
C GLY A 35 23.64 21.78 -35.76
N LEU A 36 23.24 23.04 -35.92
CA LEU A 36 22.07 23.39 -36.72
C LEU A 36 22.25 23.08 -38.18
N TYR A 37 23.51 23.11 -38.65
CA TYR A 37 23.86 22.63 -40.02
C TYR A 37 23.32 21.24 -40.39
N ALA A 38 23.07 20.39 -39.38
CA ALA A 38 22.52 19.07 -39.67
C ALA A 38 21.12 19.11 -40.25
N ILE A 39 20.37 20.18 -39.99
CA ILE A 39 18.98 20.30 -40.49
C ILE A 39 18.91 20.50 -42.00
N PRO A 40 19.49 21.60 -42.53
CA PRO A 40 19.53 21.69 -44.02
C PRO A 40 20.41 20.61 -44.71
N GLY A 41 21.40 20.05 -44.00
CA GLY A 41 22.26 18.97 -44.53
C GLY A 41 22.95 19.29 -45.86
N GLY A 42 23.46 20.52 -45.97
CA GLY A 42 24.14 20.98 -47.16
C GLY A 42 23.29 21.57 -48.27
N GLU A 43 21.96 21.62 -48.06
CA GLU A 43 21.03 22.20 -49.05
C GLU A 43 20.39 23.46 -48.49
N TRP A 44 20.45 24.55 -49.24
CA TRP A 44 19.79 25.81 -48.86
C TRP A 44 18.93 26.34 -50.00
N ASN A 45 17.66 26.60 -49.67
CA ASN A 45 16.71 27.15 -50.64
C ASN A 45 16.72 26.31 -51.94
N GLY A 46 16.58 24.98 -51.82
CA GLY A 46 16.59 24.09 -53.02
C GLY A 46 17.92 23.85 -53.75
N LYS A 47 19.02 24.54 -53.37
CA LYS A 47 20.35 24.32 -53.94
C LYS A 47 21.24 23.53 -52.97
N VAL A 48 21.71 22.36 -53.43
CA VAL A 48 22.66 21.48 -52.69
C VAL A 48 24.06 22.03 -52.93
N TYR A 49 24.75 22.46 -51.88
CA TYR A 49 26.12 22.92 -52.04
C TYR A 49 27.11 21.76 -51.75
N GLY A 50 28.18 21.68 -52.55
CA GLY A 50 29.20 20.63 -52.46
C GLY A 50 30.21 20.83 -51.33
N GLY A 51 30.42 22.07 -50.89
CA GLY A 51 31.28 22.38 -49.76
C GLY A 51 30.81 21.74 -48.46
N ALA A 52 31.67 21.82 -47.44
CA ALA A 52 31.40 21.23 -46.15
C ALA A 52 30.04 21.73 -45.59
N ALA A 53 29.15 20.80 -45.26
CA ALA A 53 27.81 21.12 -44.77
C ALA A 53 27.78 22.03 -43.56
N GLU A 54 28.74 21.90 -42.65
CA GLU A 54 28.82 22.78 -41.49
C GLU A 54 29.21 24.24 -41.80
N TRP A 55 29.69 24.47 -43.02
CA TRP A 55 29.94 25.82 -43.55
C TRP A 55 28.81 26.31 -44.50
N LEU A 56 27.63 25.67 -44.52
CA LEU A 56 26.55 26.06 -45.44
C LEU A 56 26.13 27.50 -45.26
N LYS A 57 26.11 27.98 -44.01
CA LYS A 57 25.84 29.39 -43.75
C LYS A 57 26.70 30.28 -44.64
N SER A 58 27.98 29.92 -44.80
CA SER A 58 28.91 30.68 -45.65
C SER A 58 28.64 30.44 -47.17
N TRP A 59 28.53 29.19 -47.59
CA TRP A 59 28.35 28.92 -49.02
C TRP A 59 27.12 29.56 -49.60
N ALA A 60 26.01 29.49 -48.88
CA ALA A 60 24.73 30.04 -49.32
C ALA A 60 24.48 31.49 -48.86
N LYS A 61 25.48 32.13 -48.25
CA LYS A 61 25.43 33.55 -47.87
C LYS A 61 24.20 33.88 -46.97
N VAL A 62 23.91 32.99 -46.02
CA VAL A 62 22.72 33.10 -45.18
C VAL A 62 23.09 34.01 -44.00
N PRO A 63 22.29 35.07 -43.73
CA PRO A 63 22.56 35.93 -42.56
C PRO A 63 22.19 35.26 -41.21
N ALA A 64 22.87 35.72 -40.16
CA ALA A 64 22.86 35.08 -38.87
C ALA A 64 21.43 34.81 -38.35
N ASP A 65 20.61 35.86 -38.38
CA ASP A 65 19.25 35.81 -37.87
C ASP A 65 18.51 34.70 -38.55
N GLU A 66 18.65 34.60 -39.87
CA GLU A 66 17.94 33.56 -40.63
C GLU A 66 18.50 32.17 -40.39
N TRP A 67 19.84 32.06 -40.31
CA TRP A 67 20.49 30.77 -40.03
C TRP A 67 20.07 30.23 -38.65
N LEU A 68 20.16 31.10 -37.63
CA LEU A 68 19.85 30.70 -36.26
C LEU A 68 18.35 30.37 -36.02
N LYS A 69 17.47 30.83 -36.92
CA LYS A 69 16.05 30.42 -36.93
C LYS A 69 15.88 28.89 -37.14
N LEU A 70 16.92 28.19 -37.61
CA LEU A 70 16.91 26.74 -37.61
C LEU A 70 16.69 26.12 -36.21
N MET A 71 17.10 26.82 -35.15
CA MET A 71 16.79 26.44 -33.77
C MET A 71 15.35 25.99 -33.56
N ASP A 72 14.41 26.64 -34.25
CA ASP A 72 13.00 26.32 -34.17
C ASP A 72 12.67 24.94 -34.71
N GLN A 73 13.53 24.38 -35.55
CA GLN A 73 13.37 22.99 -36.02
C GLN A 73 14.27 21.98 -35.29
N TRP A 74 15.03 22.44 -34.31
CA TRP A 74 15.96 21.54 -33.60
C TRP A 74 15.21 20.71 -32.59
N ASN A 75 14.96 19.46 -32.97
CA ASN A 75 14.15 18.58 -32.18
C ASN A 75 14.52 17.13 -32.56
N PRO A 76 15.74 16.69 -32.17
CA PRO A 76 16.20 15.37 -32.52
C PRO A 76 15.52 14.26 -31.70
N THR A 77 14.35 13.84 -32.21
CA THR A 77 13.53 12.82 -31.57
C THR A 77 14.25 11.49 -31.33
N LYS A 78 15.07 11.05 -32.28
CA LYS A 78 15.80 9.77 -32.17
C LYS A 78 17.06 9.84 -31.31
N PHE A 79 17.38 11.00 -30.73
CA PHE A 79 18.63 11.12 -29.94
C PHE A 79 18.63 10.28 -28.67
N ASP A 80 19.68 9.51 -28.47
CA ASP A 80 19.80 8.68 -27.26
C ASP A 80 21.28 8.58 -26.88
N ALA A 81 21.69 9.34 -25.87
CA ALA A 81 23.09 9.42 -25.51
C ALA A 81 23.73 8.07 -25.19
N LYS A 82 22.94 7.17 -24.58
CA LYS A 82 23.40 5.82 -24.26
C LYS A 82 23.73 5.03 -25.51
N LYS A 83 22.89 5.18 -26.51
CA LYS A 83 23.11 4.54 -27.82
C LYS A 83 24.41 5.03 -28.47
N TRP A 84 24.60 6.34 -28.43
CA TRP A 84 25.79 6.93 -28.98
C TRP A 84 27.02 6.34 -28.33
N ALA A 85 27.00 6.21 -27.01
CA ALA A 85 28.17 5.77 -26.27
C ALA A 85 28.46 4.31 -26.53
N LYS A 86 27.40 3.53 -26.72
CA LYS A 86 27.56 2.14 -27.08
C LYS A 86 28.22 2.07 -28.46
N MET A 87 27.77 2.89 -29.39
CA MET A 87 28.36 2.87 -30.74
C MET A 87 29.88 3.18 -30.67
N ALA A 88 30.26 4.17 -29.88
CA ALA A 88 31.68 4.52 -29.70
C ALA A 88 32.48 3.41 -29.06
N LYS A 89 31.89 2.77 -28.04
CA LYS A 89 32.52 1.60 -27.38
C LYS A 89 32.79 0.43 -28.36
N GLU A 90 31.78 0.09 -29.12
CA GLU A 90 31.81 -0.97 -30.14
C GLU A 90 32.85 -0.64 -31.23
N MET A 91 32.99 0.63 -31.60
CA MET A 91 34.03 1.05 -32.54
C MET A 91 35.43 0.85 -32.01
N GLY A 92 35.60 0.84 -30.69
CA GLY A 92 36.92 0.74 -30.09
C GLY A 92 37.54 2.11 -29.81
N THR A 93 36.73 3.19 -29.87
CA THR A 93 37.23 4.52 -29.53
C THR A 93 37.38 4.66 -28.03
N LYS A 94 38.52 5.17 -27.58
CA LYS A 94 38.76 5.43 -26.17
C LYS A 94 38.35 6.83 -25.73
N TYR A 95 38.06 7.70 -26.70
CA TYR A 95 37.62 9.06 -26.43
C TYR A 95 36.81 9.60 -27.56
N VAL A 96 35.99 10.59 -27.23
CA VAL A 96 35.18 11.31 -28.17
C VAL A 96 35.37 12.82 -28.00
N LYS A 97 35.55 13.52 -29.15
CA LYS A 97 35.67 14.97 -29.19
C LYS A 97 34.36 15.49 -29.71
N ILE A 98 33.71 16.37 -28.94
CA ILE A 98 32.35 16.84 -29.30
C ILE A 98 32.35 18.33 -29.62
N THR A 99 31.65 18.72 -30.69
CA THR A 99 31.44 20.12 -30.99
C THR A 99 30.47 20.71 -29.94
N THR A 100 31.02 21.40 -28.93
CA THR A 100 30.19 22.18 -28.00
C THR A 100 29.52 23.39 -28.68
N LYS A 101 30.28 24.03 -29.56
CA LYS A 101 29.84 25.19 -30.36
C LYS A 101 30.70 25.22 -31.63
N HIS A 102 30.10 25.16 -32.82
CA HIS A 102 30.84 25.34 -34.08
C HIS A 102 30.82 26.83 -34.50
N HIS A 103 31.29 27.15 -35.70
CA HIS A 103 31.36 28.54 -36.17
C HIS A 103 30.00 29.25 -36.12
N GLU A 104 28.94 28.52 -36.45
CA GLU A 104 27.56 29.03 -36.40
C GLU A 104 27.18 29.66 -35.03
N GLY A 105 27.83 29.23 -33.95
CA GLY A 105 27.59 29.79 -32.62
C GLY A 105 26.53 29.08 -31.75
N PHE A 106 25.73 28.19 -32.35
CA PHE A 106 24.74 27.38 -31.61
C PHE A 106 25.41 26.45 -30.61
N CYS A 107 25.05 26.62 -29.34
CA CYS A 107 25.67 25.87 -28.26
C CYS A 107 24.89 24.60 -27.93
N LEU A 108 25.58 23.48 -27.79
CA LEU A 108 24.94 22.22 -27.40
C LEU A 108 24.74 22.05 -25.89
N TRP A 109 25.07 23.08 -25.11
CA TRP A 109 24.78 23.12 -23.69
C TRP A 109 24.03 24.43 -23.44
N PRO A 110 23.21 24.51 -22.36
CA PRO A 110 22.40 25.72 -22.14
C PRO A 110 23.25 26.88 -21.58
N SER A 111 24.03 27.53 -22.43
CA SER A 111 24.88 28.60 -21.98
C SER A 111 24.00 29.74 -21.47
N LYS A 112 24.44 30.39 -20.41
CA LYS A 112 23.71 31.58 -19.93
C LYS A 112 24.22 32.84 -20.64
N TYR A 113 25.23 32.72 -21.52
CA TYR A 113 25.86 33.88 -22.13
C TYR A 113 25.40 34.17 -23.53
N THR A 114 24.41 33.42 -23.99
CA THR A 114 23.78 33.67 -25.29
C THR A 114 22.44 32.96 -25.32
N LYS A 115 21.52 33.46 -26.12
CA LYS A 115 20.27 32.76 -26.35
C LYS A 115 20.33 31.67 -27.43
N TYR A 116 21.44 31.56 -28.17
CA TYR A 116 21.54 30.59 -29.25
C TYR A 116 22.07 29.26 -28.70
N THR A 117 21.20 28.58 -27.96
CA THR A 117 21.55 27.33 -27.29
C THR A 117 20.40 26.35 -27.41
N VAL A 118 20.72 25.09 -27.13
CA VAL A 118 19.72 24.00 -27.04
C VAL A 118 18.52 24.25 -26.12
N ALA A 119 18.69 25.09 -25.10
CA ALA A 119 17.57 25.47 -24.19
C ALA A 119 16.41 26.16 -24.91
N ASN A 120 16.71 26.94 -25.93
CA ASN A 120 15.69 27.68 -26.68
C ASN A 120 15.28 27.01 -27.96
N THR A 121 15.24 25.68 -27.93
CA THR A 121 14.81 24.88 -29.07
C THR A 121 13.68 24.07 -28.53
N PRO A 122 12.83 23.53 -29.40
CA PRO A 122 11.80 22.59 -28.94
C PRO A 122 12.34 21.43 -28.09
N TYR A 123 13.55 20.96 -28.39
CA TYR A 123 14.15 19.86 -27.67
C TYR A 123 14.56 20.22 -26.23
N LYS A 124 15.07 21.43 -26.02
CA LYS A 124 15.34 22.00 -24.68
C LYS A 124 16.47 21.41 -23.91
N ARG A 125 16.70 20.11 -24.06
CA ARG A 125 17.63 19.40 -23.17
C ARG A 125 19.13 19.68 -23.40
N ASP A 126 19.89 19.51 -22.32
CA ASP A 126 21.32 19.67 -22.31
C ASP A 126 21.98 18.45 -22.98
N ILE A 127 22.04 18.49 -24.30
CA ILE A 127 22.62 17.42 -25.12
C ILE A 127 24.03 17.14 -24.70
N LEU A 128 24.82 18.21 -24.55
CA LEU A 128 26.19 18.02 -24.16
C LEU A 128 26.31 17.26 -22.83
N GLY A 129 25.55 17.66 -21.82
CA GLY A 129 25.59 16.99 -20.51
C GLY A 129 25.14 15.53 -20.56
N GLU A 130 24.11 15.25 -21.35
CA GLU A 130 23.73 13.86 -21.58
C GLU A 130 24.86 13.03 -22.21
N LEU A 131 25.55 13.57 -23.22
CA LEU A 131 26.69 12.89 -23.85
C LEU A 131 27.81 12.71 -22.89
N VAL A 132 28.15 13.73 -22.12
CA VAL A 132 29.28 13.60 -21.17
C VAL A 132 29.09 12.41 -20.20
N LYS A 133 27.90 12.37 -19.61
CA LYS A 133 27.48 11.31 -18.69
C LYS A 133 27.53 9.92 -19.37
N ALA A 134 26.89 9.80 -20.53
CA ALA A 134 26.81 8.52 -21.24
C ALA A 134 28.17 8.00 -21.69
N TYR A 135 29.02 8.87 -22.22
CA TYR A 135 30.36 8.44 -22.60
C TYR A 135 31.17 8.10 -21.39
N ASN A 136 31.17 8.97 -20.37
CA ASN A 136 31.88 8.62 -19.12
C ASN A 136 31.41 7.28 -18.50
N ASP A 137 30.12 6.99 -18.54
CA ASP A 137 29.60 5.67 -18.06
C ASP A 137 30.20 4.47 -18.80
N GLU A 138 30.62 4.64 -20.06
CA GLU A 138 31.30 3.57 -20.80
C GLU A 138 32.80 3.53 -20.62
N GLY A 139 33.34 4.38 -19.73
CA GLY A 139 34.78 4.56 -19.60
C GLY A 139 35.45 5.29 -20.78
N ILE A 140 34.71 6.13 -21.47
CA ILE A 140 35.19 6.89 -22.63
C ILE A 140 35.44 8.34 -22.20
N ASP A 141 36.68 8.82 -22.37
CA ASP A 141 37.00 10.22 -22.09
C ASP A 141 36.28 11.12 -23.05
N VAL A 142 35.97 12.33 -22.57
CA VAL A 142 35.28 13.32 -23.38
C VAL A 142 36.15 14.57 -23.53
N HIS A 143 36.30 15.01 -24.78
CA HIS A 143 37.08 16.20 -25.16
C HIS A 143 36.11 17.18 -25.77
N PHE A 144 36.37 18.48 -25.55
CA PHE A 144 35.46 19.54 -26.07
C PHE A 144 36.07 20.30 -27.23
N TYR A 145 35.46 20.20 -28.39
CA TYR A 145 35.76 21.07 -29.51
C TYR A 145 35.08 22.40 -29.21
N PHE A 146 35.79 23.50 -29.47
CA PHE A 146 35.22 24.84 -29.30
C PHE A 146 35.71 25.80 -30.39
N SER A 147 34.78 26.37 -31.17
CA SER A 147 35.14 27.34 -32.16
C SER A 147 35.20 28.75 -31.56
N VAL A 148 36.37 29.38 -31.63
CA VAL A 148 36.52 30.77 -31.15
C VAL A 148 35.74 31.68 -32.07
N MET A 149 35.99 31.56 -33.36
CA MET A 149 35.19 32.27 -34.35
C MET A 149 33.71 31.94 -34.19
N ASP A 150 32.88 32.99 -34.09
CA ASP A 150 31.47 32.86 -33.80
C ASP A 150 30.65 33.79 -34.67
N TRP A 151 29.95 33.20 -35.64
CA TRP A 151 29.09 33.91 -36.58
C TRP A 151 27.75 34.40 -35.99
N SER A 152 27.44 34.00 -34.73
CA SER A 152 26.20 34.42 -34.05
C SER A 152 26.37 35.67 -33.20
N ASN A 153 27.63 36.02 -32.90
CA ASN A 153 27.90 37.15 -32.06
C ASN A 153 28.43 38.34 -32.90
N PRO A 154 27.64 39.44 -32.98
CA PRO A 154 28.07 40.61 -33.78
C PRO A 154 29.35 41.34 -33.27
N ASP A 155 29.79 41.09 -32.05
CA ASP A 155 31.09 41.58 -31.59
C ASP A 155 32.31 40.82 -32.12
N TYR A 156 32.09 39.71 -32.85
CA TYR A 156 33.21 39.01 -33.47
C TYR A 156 33.85 39.92 -34.52
N ARG A 157 35.19 39.87 -34.63
CA ARG A 157 35.93 40.55 -35.68
C ARG A 157 36.99 39.65 -36.35
N TYR A 158 37.05 39.73 -37.69
CA TYR A 158 38.03 39.01 -38.53
C TYR A 158 39.40 39.68 -38.47
N ASP A 159 39.40 41.00 -38.30
CA ASP A 159 40.62 41.74 -38.04
C ASP A 159 40.32 42.99 -37.22
N ILE A 160 41.38 43.57 -36.66
CA ILE A 160 41.31 44.78 -35.88
C ILE A 160 41.80 45.95 -36.74
N LYS A 161 40.89 46.62 -37.44
CA LYS A 161 41.23 47.79 -38.28
C LYS A 161 40.77 49.18 -37.72
N SER A 162 40.28 49.24 -36.48
CA SER A 162 39.82 50.49 -35.83
C SER A 162 39.72 50.32 -34.31
N LYS A 163 39.69 51.43 -33.58
CA LYS A 163 39.46 51.40 -32.12
C LYS A 163 38.07 50.76 -31.79
N GLU A 164 37.08 50.91 -32.68
CA GLU A 164 35.75 50.25 -32.49
C GLU A 164 35.83 48.74 -32.61
N ASP A 165 36.63 48.25 -33.58
CA ASP A 165 36.93 46.82 -33.73
C ASP A 165 37.55 46.28 -32.45
N SER A 166 38.55 46.99 -31.92
CA SER A 166 39.18 46.61 -30.65
C SER A 166 38.22 46.52 -29.44
N ILE A 167 37.31 47.47 -29.35
CA ILE A 167 36.34 47.49 -28.28
C ILE A 167 35.43 46.26 -28.38
N ALA A 168 34.84 46.08 -29.55
CA ALA A 168 33.89 44.98 -29.82
C ALA A 168 34.57 43.63 -29.56
N PHE A 169 35.80 43.48 -30.07
CA PHE A 169 36.53 42.23 -29.93
C PHE A 169 36.91 41.95 -28.48
N SER A 170 37.27 42.99 -27.73
CA SER A 170 37.52 42.82 -26.30
C SER A 170 36.33 42.23 -25.51
N ARG A 171 35.15 42.72 -25.84
CA ARG A 171 33.88 42.17 -25.31
C ARG A 171 33.65 40.72 -25.72
N PHE A 172 33.89 40.46 -27.02
CA PHE A 172 33.84 39.10 -27.56
C PHE A 172 34.77 38.09 -26.81
N LEU A 173 36.00 38.48 -26.52
CA LEU A 173 36.91 37.63 -25.78
C LEU A 173 36.45 37.35 -24.35
N GLU A 174 35.78 38.32 -23.74
CA GLU A 174 35.21 38.15 -22.38
C GLU A 174 34.06 37.14 -22.42
N PHE A 175 33.17 37.33 -23.40
CA PHE A 175 32.12 36.39 -23.70
C PHE A 175 32.67 34.97 -23.91
N THR A 176 33.78 34.85 -24.61
CA THR A 176 34.38 33.57 -24.88
C THR A 176 34.90 32.94 -23.60
N ASP A 177 35.69 33.71 -22.84
CA ASP A 177 36.18 33.26 -21.54
C ASP A 177 35.04 32.74 -20.68
N ASN A 178 33.93 33.47 -20.71
CA ASN A 178 32.77 33.10 -19.90
C ASN A 178 32.19 31.75 -20.29
N GLN A 179 32.01 31.55 -21.59
CA GLN A 179 31.56 30.27 -22.11
C GLN A 179 32.51 29.16 -21.74
N LEU A 180 33.81 29.41 -21.86
CA LEU A 180 34.80 28.40 -21.53
C LEU A 180 34.77 28.01 -20.06
N LYS A 181 34.76 29.01 -19.17
CA LYS A 181 34.70 28.78 -17.71
C LYS A 181 33.44 28.00 -17.34
N GLU A 182 32.33 28.37 -17.97
CA GLU A 182 31.09 27.67 -17.84
C GLU A 182 31.18 26.16 -18.22
N LEU A 183 31.77 25.87 -19.38
CA LEU A 183 32.01 24.48 -19.81
C LEU A 183 32.88 23.71 -18.82
N ALA A 184 33.94 24.34 -18.36
CA ALA A 184 34.87 23.68 -17.45
C ALA A 184 34.26 23.31 -16.11
N THR A 185 33.32 24.14 -15.65
CA THR A 185 32.74 23.98 -14.31
C THR A 185 31.43 23.20 -14.39
N ARG A 186 30.65 23.36 -15.45
CA ARG A 186 29.48 22.53 -15.64
C ARG A 186 29.85 21.07 -15.89
N TYR A 187 30.98 20.82 -16.57
CA TYR A 187 31.37 19.45 -16.99
C TYR A 187 32.78 19.15 -16.59
N PRO A 188 33.03 19.05 -15.27
CA PRO A 188 34.41 18.89 -14.77
C PRO A 188 35.17 17.60 -15.13
N THR A 189 34.50 16.58 -15.69
CA THR A 189 35.24 15.40 -16.24
C THR A 189 35.89 15.62 -17.64
N VAL A 190 35.62 16.74 -18.30
CA VAL A 190 36.30 17.09 -19.57
C VAL A 190 37.81 16.90 -19.48
N LYS A 191 38.42 16.25 -20.49
CA LYS A 191 39.87 15.97 -20.48
C LYS A 191 40.69 16.84 -21.44
N ASP A 192 40.04 17.59 -22.31
CA ASP A 192 40.74 18.29 -23.35
C ASP A 192 39.81 19.37 -23.88
N PHE A 193 40.40 20.51 -24.24
CA PHE A 193 39.71 21.49 -25.08
C PHE A 193 40.49 21.58 -26.41
N TRP A 194 39.76 21.41 -27.51
CA TRP A 194 40.31 21.44 -28.84
C TRP A 194 39.73 22.67 -29.53
N PHE A 195 40.54 23.72 -29.56
CA PHE A 195 40.15 24.99 -30.19
C PHE A 195 40.26 24.94 -31.71
N ASP A 196 39.27 25.50 -32.37
CA ASP A 196 39.25 25.74 -33.81
C ASP A 196 38.86 27.22 -34.04
N GLY A 197 38.97 27.68 -35.28
CA GLY A 197 38.49 29.01 -35.64
C GLY A 197 39.33 30.06 -34.96
N THR A 198 40.64 29.82 -34.90
CA THR A 198 41.58 30.72 -34.25
C THR A 198 42.63 31.28 -35.24
N TRP A 199 42.34 31.23 -36.54
CA TRP A 199 43.29 31.60 -37.59
C TRP A 199 43.17 33.08 -38.02
N ASP A 200 42.03 33.72 -37.75
CA ASP A 200 41.81 35.12 -38.13
C ASP A 200 42.85 36.06 -37.50
N ALA A 201 43.18 37.12 -38.23
CA ALA A 201 44.15 38.15 -37.75
C ALA A 201 43.82 38.74 -36.36
N SER A 202 42.53 38.91 -36.07
CA SER A 202 42.05 39.33 -34.72
C SER A 202 42.62 38.50 -33.56
N VAL A 203 42.58 37.18 -33.74
CA VAL A 203 43.13 36.25 -32.76
C VAL A 203 44.67 36.28 -32.79
N LYS A 204 45.29 36.25 -33.98
CA LYS A 204 46.76 36.30 -34.07
C LYS A 204 47.33 37.54 -33.36
N LYS A 205 46.61 38.64 -33.44
CA LYS A 205 47.05 39.88 -32.76
C LYS A 205 46.88 39.85 -31.26
N ASN A 206 46.17 38.86 -30.73
CA ASN A 206 45.87 38.76 -29.30
C ASN A 206 46.37 37.45 -28.71
N GLY A 207 47.65 37.19 -28.94
CA GLY A 207 48.31 36.01 -28.41
C GLY A 207 48.13 35.86 -26.91
N TRP A 208 48.25 36.99 -26.20
CA TRP A 208 48.09 37.04 -24.74
C TRP A 208 46.79 36.33 -24.32
N TRP A 209 45.72 36.53 -25.08
CA TRP A 209 44.46 35.91 -24.77
C TRP A 209 44.52 34.37 -24.89
N THR A 210 45.21 33.89 -25.93
CA THR A 210 45.33 32.45 -26.18
C THR A 210 46.07 31.79 -25.04
N ALA A 211 47.15 32.43 -24.57
CA ALA A 211 47.92 31.89 -23.43
C ALA A 211 47.12 31.94 -22.16
N HIS A 212 46.33 33.00 -22.02
CA HIS A 212 45.48 33.20 -20.86
C HIS A 212 44.39 32.11 -20.79
N ALA A 213 43.79 31.82 -21.93
CA ALA A 213 42.75 30.79 -22.03
C ALA A 213 43.31 29.42 -21.61
N GLU A 214 44.53 29.14 -22.04
CA GLU A 214 45.19 27.88 -21.69
C GLU A 214 45.44 27.80 -20.16
N GLN A 215 46.09 28.83 -19.60
CA GLN A 215 46.34 28.92 -18.13
C GLN A 215 45.03 28.82 -17.35
N MET A 216 44.01 29.60 -17.74
CA MET A 216 42.72 29.61 -17.08
C MET A 216 42.07 28.22 -17.04
N LEU A 217 42.05 27.53 -18.18
CA LEU A 217 41.39 26.21 -18.25
C LEU A 217 42.18 25.19 -17.47
N LYS A 218 43.50 25.27 -17.51
CA LYS A 218 44.33 24.36 -16.71
C LYS A 218 44.15 24.51 -15.18
N GLU A 219 43.85 25.73 -14.72
CA GLU A 219 43.55 25.98 -13.31
C GLU A 219 42.20 25.40 -12.94
N LEU A 220 41.22 25.51 -13.83
CA LEU A 220 39.88 24.99 -13.58
C LEU A 220 39.73 23.48 -13.70
N VAL A 221 40.54 22.83 -14.54
CA VAL A 221 40.41 21.39 -14.82
C VAL A 221 41.79 20.75 -14.69
N PRO A 222 42.09 20.14 -13.53
CA PRO A 222 43.41 19.52 -13.35
C PRO A 222 43.76 18.46 -14.43
N GLY A 223 44.90 18.62 -15.08
CA GLY A 223 45.37 17.66 -16.08
C GLY A 223 44.78 17.78 -17.47
N VAL A 224 43.97 18.80 -17.69
CA VAL A 224 43.32 19.01 -18.97
C VAL A 224 44.41 19.24 -20.04
N ALA A 225 44.14 18.75 -21.25
CA ALA A 225 45.02 18.96 -22.40
C ALA A 225 44.42 20.06 -23.24
N ILE A 226 45.31 20.81 -23.88
CA ILE A 226 44.91 21.97 -24.69
C ILE A 226 45.69 21.87 -26.03
N ASN A 227 45.00 21.98 -27.16
CA ASN A 227 45.63 21.80 -28.46
C ASN A 227 46.43 23.01 -28.90
N SER A 228 47.38 22.76 -29.77
CA SER A 228 48.29 23.80 -30.27
C SER A 228 47.54 24.84 -31.08
N ARG A 229 46.43 24.44 -31.70
CA ARG A 229 45.67 25.33 -32.61
C ARG A 229 45.11 26.59 -31.92
N LEU A 230 44.92 26.52 -30.62
CA LEU A 230 44.48 27.67 -29.84
C LEU A 230 45.49 28.80 -29.96
N ARG A 231 46.76 28.43 -29.96
CA ARG A 231 47.79 29.31 -29.46
C ARG A 231 48.50 30.14 -30.53
N ALA A 232 48.69 31.42 -30.21
CA ALA A 232 49.50 32.33 -30.96
C ALA A 232 50.43 33.02 -29.96
N ASP A 233 51.67 33.25 -30.35
CA ASP A 233 52.60 33.97 -29.47
C ASP A 233 52.47 35.52 -29.61
N ASP A 234 53.40 36.22 -28.96
CA ASP A 234 53.55 37.70 -29.00
C ASP A 234 53.56 38.25 -30.43
N LYS A 235 54.19 37.53 -31.36
CA LYS A 235 54.33 37.95 -32.77
C LYS A 235 53.22 37.49 -33.71
N GLY A 236 52.25 36.74 -33.19
CA GLY A 236 51.17 36.16 -34.00
C GLY A 236 51.52 34.85 -34.70
N LYS A 237 52.67 34.24 -34.37
CA LYS A 237 53.04 32.91 -34.87
C LYS A 237 52.14 31.87 -34.18
N ARG A 238 51.47 31.03 -34.98
CA ARG A 238 50.50 30.03 -34.48
C ARG A 238 51.06 28.59 -34.38
N HIS A 239 50.58 27.82 -33.39
CA HIS A 239 50.99 26.41 -33.14
C HIS A 239 52.34 26.31 -32.48
N PHE A 240 53.38 26.70 -33.21
CA PHE A 240 54.76 26.74 -32.71
C PHE A 240 55.15 28.21 -32.62
N ASP A 241 55.84 28.57 -31.55
CA ASP A 241 56.12 29.98 -31.31
C ASP A 241 57.31 30.46 -32.16
N SER A 242 57.66 31.74 -32.00
CA SER A 242 58.76 32.36 -32.76
C SER A 242 60.13 31.70 -32.56
N ASN A 243 60.32 30.98 -31.45
CA ASN A 243 61.50 30.14 -31.24
C ASN A 243 61.27 28.67 -31.68
N GLY A 244 60.22 28.40 -32.45
CA GLY A 244 59.93 27.05 -32.95
C GLY A 244 59.53 26.01 -31.92
N ARG A 245 59.12 26.46 -30.72
CA ARG A 245 58.72 25.57 -29.64
C ARG A 245 57.17 25.42 -29.68
N LEU A 246 56.72 24.16 -29.54
CA LEU A 246 55.28 23.84 -29.60
C LEU A 246 54.53 24.48 -28.45
N MET A 247 53.44 25.17 -28.76
CA MET A 247 52.52 25.69 -27.74
C MET A 247 51.36 24.73 -27.57
N GLY A 248 50.73 24.80 -26.41
CA GLY A 248 49.75 23.79 -25.99
C GLY A 248 50.41 22.45 -25.72
N ASP A 249 49.58 21.43 -25.52
CA ASP A 249 50.10 20.13 -25.05
C ASP A 249 50.38 19.17 -26.17
N TYR A 250 49.83 19.46 -27.34
CA TYR A 250 49.98 18.58 -28.49
C TYR A 250 49.66 19.31 -29.79
N GLU A 251 50.33 18.85 -30.84
CA GLU A 251 50.23 19.44 -32.17
C GLU A 251 48.95 18.93 -32.81
N SER A 252 48.20 19.84 -33.42
CA SER A 252 46.86 19.62 -33.91
C SER A 252 46.62 20.22 -35.30
N GLY A 253 47.63 20.24 -36.14
CA GLY A 253 47.50 20.71 -37.53
C GLY A 253 47.14 19.69 -38.59
N TYR A 254 47.28 18.40 -38.30
CA TYR A 254 47.04 17.38 -39.33
C TYR A 254 45.56 17.11 -39.43
N GLU A 255 44.91 17.85 -40.31
CA GLU A 255 43.48 17.78 -40.53
C GLU A 255 43.25 17.26 -41.92
N ARG A 256 42.73 16.05 -42.02
CA ARG A 256 42.51 15.39 -43.30
C ARG A 256 43.81 15.16 -44.08
N ARG A 257 44.95 15.08 -43.39
CA ARG A 257 46.21 14.67 -44.00
C ARG A 257 47.16 14.26 -42.87
N LEU A 258 48.28 13.62 -43.23
CA LEU A 258 49.15 13.01 -42.25
C LEU A 258 50.59 13.26 -42.61
N PRO A 259 51.48 13.23 -41.61
CA PRO A 259 52.89 13.41 -41.90
C PRO A 259 53.44 12.25 -42.73
N ASP A 260 54.42 12.57 -43.55
CA ASP A 260 55.05 11.58 -44.37
C ASP A 260 55.90 10.64 -43.49
N PRO A 261 55.74 9.31 -43.66
CA PRO A 261 56.47 8.36 -42.80
C PRO A 261 57.99 8.29 -42.96
N VAL A 262 58.50 8.82 -44.07
CA VAL A 262 59.93 8.92 -44.28
C VAL A 262 60.42 10.36 -43.97
N LYS A 263 59.72 11.39 -44.41
CA LYS A 263 60.23 12.76 -44.37
C LYS A 263 59.85 13.60 -43.14
N ASP A 264 58.84 13.20 -42.38
CA ASP A 264 58.31 14.00 -41.28
C ASP A 264 58.50 13.32 -39.92
N LEU A 265 59.63 12.63 -39.75
CA LEU A 265 59.94 11.96 -38.49
C LEU A 265 60.09 12.93 -37.32
N LYS A 266 60.28 14.21 -37.59
CA LYS A 266 60.30 15.23 -36.52
C LYS A 266 59.05 15.15 -35.62
N VAL A 267 57.92 14.70 -36.15
CA VAL A 267 56.66 14.70 -35.37
C VAL A 267 56.73 13.76 -34.17
N THR A 268 57.65 12.80 -34.19
CA THR A 268 57.80 11.85 -33.11
C THR A 268 58.36 12.50 -31.82
N GLN A 269 58.86 13.72 -31.92
CA GLN A 269 59.38 14.46 -30.76
C GLN A 269 58.31 15.11 -29.88
N TRP A 270 57.08 15.22 -30.36
CA TRP A 270 56.01 15.79 -29.55
C TRP A 270 54.70 15.02 -29.70
N ASP A 271 53.77 15.25 -28.76
CA ASP A 271 52.48 14.60 -28.83
C ASP A 271 51.74 15.29 -29.91
N TRP A 272 50.89 14.55 -30.61
CA TRP A 272 50.09 15.12 -31.65
C TRP A 272 48.88 14.25 -31.94
N GLU A 273 47.87 14.88 -32.50
CA GLU A 273 46.64 14.23 -32.85
C GLU A 273 46.19 14.72 -34.24
N ALA A 274 45.83 13.77 -35.07
CA ALA A 274 45.23 14.01 -36.36
C ALA A 274 43.73 13.82 -36.31
N CYS A 275 43.02 14.47 -37.22
CA CYS A 275 41.63 14.20 -37.42
C CYS A 275 41.36 13.96 -38.87
N MET A 276 40.25 13.31 -39.16
CA MET A 276 39.88 12.99 -40.52
C MET A 276 38.40 12.85 -40.69
N THR A 277 37.96 12.92 -41.94
CA THR A 277 36.59 12.76 -42.37
C THR A 277 36.46 11.55 -43.23
N ILE A 278 35.25 11.00 -43.32
CA ILE A 278 34.98 9.79 -44.13
C ILE A 278 34.86 10.15 -45.63
N PRO A 279 33.99 11.10 -45.96
CA PRO A 279 34.11 11.71 -47.27
C PRO A 279 35.30 12.67 -47.32
N GLU A 280 35.48 13.29 -48.48
CA GLU A 280 36.65 14.14 -48.71
C GLU A 280 36.71 15.33 -47.77
N ASN A 281 35.59 16.04 -47.65
CA ASN A 281 35.49 17.17 -46.71
C ASN A 281 34.06 17.48 -46.28
N GLN A 282 33.53 16.63 -45.40
CA GLN A 282 32.25 16.84 -44.76
C GLN A 282 32.43 16.49 -43.29
N TRP A 283 32.28 17.46 -42.41
CA TRP A 283 32.34 17.20 -40.98
C TRP A 283 30.91 17.09 -40.41
N GLY A 284 30.10 18.15 -40.61
CA GLY A 284 28.67 18.10 -40.30
C GLY A 284 27.92 17.25 -41.31
N TYR A 285 26.71 16.82 -40.94
CA TYR A 285 25.88 16.00 -41.80
C TYR A 285 25.59 16.67 -43.12
N HIS A 286 25.90 15.95 -44.20
CA HIS A 286 25.53 16.33 -45.56
C HIS A 286 24.70 15.22 -46.15
N LYS A 287 23.58 15.59 -46.74
CA LYS A 287 22.59 14.60 -47.20
C LYS A 287 23.01 13.80 -48.44
N ASP A 288 23.92 14.33 -49.25
CA ASP A 288 24.42 13.63 -50.41
C ASP A 288 25.94 13.32 -50.38
N TRP A 289 26.30 12.11 -49.96
CA TRP A 289 27.70 11.65 -49.98
C TRP A 289 28.24 11.18 -51.34
N SER A 290 27.37 11.07 -52.34
CA SER A 290 27.80 10.78 -53.71
C SER A 290 28.56 11.94 -54.39
N LEU A 291 28.64 13.12 -53.78
CA LEU A 291 29.39 14.25 -54.39
C LEU A 291 30.92 14.21 -54.27
N SER A 292 31.47 13.38 -53.41
CA SER A 292 32.94 13.25 -53.31
C SER A 292 33.25 11.83 -52.91
N TYR A 293 34.54 11.48 -52.95
CA TYR A 293 34.98 10.16 -52.60
C TYR A 293 34.72 9.86 -51.14
N VAL A 294 34.17 8.67 -50.87
CA VAL A 294 33.93 8.19 -49.50
C VAL A 294 34.95 7.06 -49.19
N LYS A 295 35.73 7.22 -48.10
CA LYS A 295 36.76 6.26 -47.74
C LYS A 295 36.14 4.94 -47.28
N THR A 296 36.81 3.83 -47.61
CA THR A 296 36.42 2.50 -47.16
C THR A 296 37.01 2.28 -45.76
N PRO A 297 36.48 1.28 -45.02
CA PRO A 297 37.01 1.01 -43.69
C PRO A 297 38.54 0.79 -43.66
N ILE A 298 39.05 0.04 -44.63
CA ILE A 298 40.47 -0.24 -44.66
C ILE A 298 41.29 1.05 -44.85
N GLU A 299 40.81 1.95 -45.73
CA GLU A 299 41.46 3.23 -45.93
C GLU A 299 41.50 4.04 -44.63
N VAL A 300 40.49 3.87 -43.78
CA VAL A 300 40.41 4.60 -42.52
C VAL A 300 41.37 3.96 -41.52
N ILE A 301 41.32 2.64 -41.45
CA ILE A 301 42.24 1.86 -40.58
C ILE A 301 43.73 2.11 -40.92
N ASP A 302 44.04 2.18 -42.20
CA ASP A 302 45.38 2.58 -42.68
C ASP A 302 45.87 3.93 -42.10
N ARG A 303 45.00 4.93 -42.09
CA ARG A 303 45.33 6.24 -41.50
C ARG A 303 45.45 6.18 -39.98
N ILE A 304 44.61 5.39 -39.31
CA ILE A 304 44.72 5.24 -37.88
C ILE A 304 46.11 4.69 -37.51
N VAL A 305 46.46 3.58 -38.14
CA VAL A 305 47.71 2.94 -37.84
C VAL A 305 48.88 3.84 -38.19
N HIS A 306 48.77 4.52 -39.34
CA HIS A 306 49.82 5.46 -39.81
C HIS A 306 50.11 6.42 -38.69
N ALA A 307 49.05 7.03 -38.14
CA ALA A 307 49.21 8.00 -37.08
C ALA A 307 49.96 7.43 -35.92
N VAL A 308 49.50 6.29 -35.43
CA VAL A 308 50.10 5.67 -34.24
C VAL A 308 51.55 5.29 -34.51
N SER A 309 51.83 4.84 -35.72
CA SER A 309 53.20 4.47 -36.13
C SER A 309 54.17 5.64 -36.06
N MET A 310 53.63 6.86 -36.06
CA MET A 310 54.47 8.04 -35.98
C MET A 310 54.24 8.80 -34.68
N GLY A 311 53.70 8.10 -33.70
CA GLY A 311 53.55 8.63 -32.36
C GLY A 311 52.39 9.56 -32.17
N GLY A 312 51.33 9.43 -32.96
CA GLY A 312 50.17 10.34 -32.87
C GLY A 312 48.86 9.61 -32.69
N ASN A 313 47.82 10.38 -32.31
CA ASN A 313 46.49 9.88 -32.20
C ASN A 313 45.75 10.14 -33.47
N MET A 314 44.66 9.42 -33.69
CA MET A 314 43.74 9.69 -34.77
C MET A 314 42.30 9.78 -34.28
N VAL A 315 41.56 10.76 -34.81
CA VAL A 315 40.18 10.96 -34.48
C VAL A 315 39.39 10.89 -35.77
N VAL A 316 38.48 9.93 -35.85
CA VAL A 316 37.63 9.74 -37.01
C VAL A 316 36.30 10.47 -36.79
N ASN A 317 35.88 11.28 -37.76
CA ASN A 317 34.68 12.11 -37.60
C ASN A 317 33.36 11.48 -38.02
N PHE A 318 32.32 11.85 -37.29
CA PHE A 318 30.93 11.51 -37.55
C PHE A 318 30.07 12.77 -37.47
N GLY A 319 29.16 12.90 -38.43
CA GLY A 319 28.21 14.00 -38.53
C GLY A 319 26.78 13.46 -38.36
N PRO A 320 26.30 13.41 -37.11
CA PRO A 320 24.94 12.87 -36.86
C PRO A 320 23.84 13.58 -37.62
N GLN A 321 22.80 12.82 -37.95
CA GLN A 321 21.61 13.35 -38.57
C GLN A 321 20.86 14.34 -37.64
N ALA A 322 20.02 15.17 -38.27
CA ALA A 322 19.18 16.13 -37.54
C ALA A 322 18.32 15.41 -36.51
N ASP A 323 17.85 14.21 -36.86
CA ASP A 323 16.98 13.44 -35.96
C ASP A 323 17.71 12.84 -34.75
N GLY A 324 19.04 12.90 -34.72
CA GLY A 324 19.83 12.40 -33.58
C GLY A 324 20.26 10.95 -33.74
N ASP A 325 19.97 10.36 -34.89
CA ASP A 325 20.53 9.04 -35.25
C ASP A 325 21.76 9.23 -36.21
N PHE A 326 22.54 8.15 -36.41
CA PHE A 326 23.63 8.14 -37.38
C PHE A 326 23.21 7.48 -38.67
N ARG A 327 23.63 8.06 -39.78
CA ARG A 327 23.37 7.51 -41.13
C ARG A 327 24.01 6.13 -41.27
N PRO A 328 23.53 5.33 -42.22
CA PRO A 328 23.96 3.91 -42.25
C PRO A 328 25.44 3.71 -42.61
N GLU A 329 25.99 4.59 -43.45
CA GLU A 329 27.42 4.53 -43.81
C GLU A 329 28.30 4.70 -42.59
N GLU A 330 27.89 5.57 -41.67
CA GLU A 330 28.67 5.80 -40.44
C GLU A 330 28.52 4.63 -39.44
N LYS A 331 27.33 4.02 -39.37
CA LYS A 331 27.17 2.79 -38.55
C LYS A 331 28.03 1.63 -39.07
N ALA A 332 28.07 1.48 -40.38
CA ALA A 332 28.87 0.44 -41.03
C ALA A 332 30.38 0.68 -40.80
N MET A 333 30.80 1.92 -40.92
CA MET A 333 32.18 2.32 -40.64
C MET A 333 32.57 1.98 -39.20
N ALA A 334 31.73 2.38 -38.24
CA ALA A 334 32.06 2.15 -36.80
C ALA A 334 32.20 0.68 -36.46
N THR A 335 31.26 -0.12 -36.97
CA THR A 335 31.24 -1.58 -36.76
C THR A 335 32.46 -2.22 -37.40
N ALA A 336 32.79 -1.83 -38.64
CA ALA A 336 34.00 -2.40 -39.36
C ALA A 336 35.32 -2.03 -38.68
N ILE A 337 35.47 -0.76 -38.29
CA ILE A 337 36.64 -0.39 -37.50
C ILE A 337 36.68 -1.17 -36.18
N GLY A 338 35.56 -1.22 -35.47
CA GLY A 338 35.47 -2.02 -34.21
C GLY A 338 35.90 -3.48 -34.30
N LYS A 339 35.49 -4.14 -35.39
CA LYS A 339 35.84 -5.56 -35.64
C LYS A 339 37.36 -5.69 -35.81
N TRP A 340 37.96 -4.81 -36.58
CA TRP A 340 39.38 -4.88 -36.84
C TRP A 340 40.15 -4.55 -35.57
N MET A 341 39.72 -3.52 -34.84
CA MET A 341 40.43 -3.17 -33.57
C MET A 341 40.32 -4.28 -32.52
N ASN A 342 39.19 -4.96 -32.48
CA ASN A 342 39.01 -6.03 -31.49
C ASN A 342 40.03 -7.15 -31.72
N ARG A 343 40.32 -7.44 -32.97
CA ARG A 343 41.33 -8.42 -33.34
C ARG A 343 42.78 -7.93 -33.27
N TYR A 344 43.05 -6.69 -33.70
CA TYR A 344 44.44 -6.26 -33.91
C TYR A 344 44.88 -5.09 -33.05
N GLY A 345 43.98 -4.63 -32.18
CA GLY A 345 44.16 -3.39 -31.44
C GLY A 345 45.26 -3.42 -30.42
N LYS A 346 45.80 -4.60 -30.11
CA LYS A 346 47.08 -4.66 -29.37
C LYS A 346 48.23 -3.88 -30.06
N ALA A 347 48.18 -3.78 -31.39
CA ALA A 347 49.12 -2.98 -32.16
C ALA A 347 48.86 -1.45 -32.23
N VAL A 348 47.74 -0.99 -31.66
CA VAL A 348 47.24 0.37 -31.73
C VAL A 348 47.23 1.00 -30.37
N TYR A 349 46.46 0.41 -29.44
CA TYR A 349 46.26 1.03 -28.13
C TYR A 349 47.55 1.04 -27.39
N ALA A 350 47.87 2.19 -26.81
CA ALA A 350 49.11 2.34 -26.05
C ALA A 350 50.40 2.03 -26.83
N CYS A 351 50.35 2.18 -28.16
CA CYS A 351 51.55 1.96 -28.97
C CYS A 351 52.13 3.31 -29.40
N ASP A 352 53.34 3.25 -29.94
CA ASP A 352 54.11 4.43 -30.28
C ASP A 352 55.06 4.11 -31.44
N TYR A 353 55.82 5.14 -31.84
CA TYR A 353 56.84 5.04 -32.88
C TYR A 353 57.87 4.00 -32.53
N ALA A 354 58.24 3.16 -33.50
CA ALA A 354 59.16 2.06 -33.25
C ALA A 354 60.62 2.32 -33.56
N GLY A 355 60.94 3.40 -34.23
CA GLY A 355 62.35 3.68 -34.58
C GLY A 355 62.95 2.87 -35.73
N PHE A 356 62.10 2.19 -36.51
CA PHE A 356 62.55 1.38 -37.63
C PHE A 356 62.31 2.13 -38.95
N GLU A 357 63.15 1.86 -39.89
CA GLU A 357 62.99 2.45 -41.23
C GLU A 357 61.70 1.92 -41.89
N LYS A 358 60.93 2.82 -42.47
CA LYS A 358 59.65 2.48 -43.08
C LYS A 358 59.79 1.51 -44.24
N GLN A 359 58.92 0.51 -44.32
CA GLN A 359 58.93 -0.43 -45.41
C GLN A 359 57.59 -0.37 -46.12
N ASP A 360 57.59 -0.87 -47.34
CA ASP A 360 56.42 -0.77 -48.22
C ASP A 360 55.18 -1.57 -47.79
N TRP A 361 55.38 -2.62 -47.01
CA TRP A 361 54.28 -3.53 -46.65
C TRP A 361 53.30 -2.91 -45.68
N GLY A 362 53.69 -1.83 -44.99
CA GLY A 362 52.85 -1.28 -43.96
C GLY A 362 53.63 -0.54 -42.91
N TYR A 363 53.19 -0.69 -41.66
CA TYR A 363 53.73 0.14 -40.59
C TYR A 363 54.22 -0.66 -39.45
N TYR A 364 55.21 -0.14 -38.73
CA TYR A 364 55.59 -0.68 -37.47
C TYR A 364 54.92 0.11 -36.33
N THR A 365 54.55 -0.58 -35.24
CA THR A 365 54.25 0.11 -33.98
C THR A 365 54.94 -0.61 -32.82
N ARG A 366 55.21 0.14 -31.75
CA ARG A 366 55.97 -0.38 -30.60
C ARG A 366 55.06 -0.38 -29.38
N GLY A 367 54.92 -1.54 -28.76
CA GLY A 367 54.11 -1.70 -27.55
C GLY A 367 54.84 -1.19 -26.31
N LYS A 368 54.13 -1.18 -25.19
CA LYS A 368 54.70 -0.76 -23.89
C LYS A 368 55.86 -1.60 -23.33
N ASN A 369 55.93 -2.86 -23.71
CA ASN A 369 57.02 -3.75 -23.31
C ASN A 369 57.98 -4.06 -24.49
N ASP A 370 58.25 -3.09 -25.37
CA ASP A 370 59.13 -3.31 -26.55
C ASP A 370 58.72 -4.40 -27.54
N GLU A 371 57.43 -4.72 -27.59
CA GLU A 371 56.89 -5.52 -28.68
C GLU A 371 57.00 -4.63 -29.92
N VAL A 372 57.38 -5.20 -31.05
CA VAL A 372 57.39 -4.47 -32.34
C VAL A 372 56.40 -5.16 -33.26
N TYR A 373 55.33 -4.45 -33.62
CA TYR A 373 54.26 -5.04 -34.42
C TYR A 373 54.45 -4.59 -35.83
N MET A 374 54.32 -5.53 -36.75
CA MET A 374 54.34 -5.23 -38.19
C MET A 374 52.92 -5.28 -38.64
N VAL A 375 52.36 -4.16 -39.05
CA VAL A 375 50.97 -4.10 -39.50
C VAL A 375 51.03 -4.06 -40.99
N VAL A 376 50.59 -5.14 -41.62
CA VAL A 376 50.73 -5.33 -43.01
C VAL A 376 49.48 -4.92 -43.74
N PHE A 377 49.64 -3.98 -44.69
CA PHE A 377 48.58 -3.47 -45.56
C PHE A 377 48.74 -3.82 -47.03
N ASN A 378 49.98 -4.09 -47.44
CA ASN A 378 50.33 -4.35 -48.84
C ASN A 378 51.11 -5.63 -48.87
N GLN A 379 50.48 -6.68 -49.36
CA GLN A 379 51.06 -8.02 -49.34
C GLN A 379 52.04 -8.23 -50.50
N PRO A 380 53.31 -8.47 -50.19
CA PRO A 380 54.27 -8.66 -51.32
C PRO A 380 54.14 -10.01 -52.04
N TYR A 381 54.17 -9.98 -53.36
CA TYR A 381 54.18 -11.18 -54.18
C TYR A 381 55.41 -12.03 -53.87
N SER A 382 56.49 -11.40 -53.40
CA SER A 382 57.71 -12.11 -53.05
C SER A 382 57.51 -13.01 -51.88
N GLU A 383 56.44 -12.81 -51.11
CA GLU A 383 56.08 -13.56 -49.89
C GLU A 383 57.05 -13.30 -48.77
N ARG A 384 57.76 -12.16 -48.88
CA ARG A 384 58.76 -11.82 -47.90
C ARG A 384 58.58 -10.38 -47.48
N LEU A 385 58.56 -10.13 -46.18
CA LEU A 385 58.33 -8.84 -45.64
C LEU A 385 59.67 -8.37 -45.15
N ILE A 386 60.21 -7.37 -45.80
CA ILE A 386 61.56 -6.90 -45.48
C ILE A 386 61.53 -6.16 -44.15
N VAL A 387 62.47 -6.49 -43.29
CA VAL A 387 62.65 -5.84 -42.01
C VAL A 387 64.10 -5.44 -41.87
N LYS A 388 64.35 -4.14 -41.88
CA LYS A 388 65.68 -3.59 -41.64
C LYS A 388 65.72 -3.02 -40.23
N THR A 389 66.64 -3.53 -39.43
CA THR A 389 66.68 -3.20 -38.02
C THR A 389 67.63 -2.02 -37.80
N PRO A 390 67.37 -1.19 -36.79
CA PRO A 390 68.40 -0.23 -36.37
C PRO A 390 69.65 -0.94 -35.83
N LYS A 391 70.72 -0.16 -35.65
CA LYS A 391 72.00 -0.63 -35.17
C LYS A 391 71.86 -1.32 -33.82
N GLY A 392 72.43 -2.49 -33.68
CA GLY A 392 72.36 -3.25 -32.43
C GLY A 392 71.08 -4.02 -32.14
N ILE A 393 70.12 -4.02 -33.06
CA ILE A 393 68.81 -4.64 -32.78
C ILE A 393 68.77 -5.90 -33.62
N THR A 394 68.33 -7.00 -33.03
CA THR A 394 68.13 -8.24 -33.76
C THR A 394 66.68 -8.67 -33.56
N VAL A 395 66.22 -9.54 -34.45
CA VAL A 395 64.87 -10.09 -34.38
C VAL A 395 65.02 -11.52 -33.96
N GLU A 396 64.52 -11.87 -32.78
CA GLU A 396 64.64 -13.25 -32.25
C GLU A 396 63.49 -14.12 -32.65
N LYS A 397 62.30 -13.54 -32.82
CA LYS A 397 61.13 -14.33 -33.15
C LYS A 397 60.11 -13.46 -33.85
N ALA A 398 59.29 -14.10 -34.70
CA ALA A 398 58.11 -13.50 -35.26
C ALA A 398 56.93 -14.40 -35.00
N THR A 399 55.79 -13.80 -34.72
CA THR A 399 54.56 -14.56 -34.39
C THR A 399 53.33 -13.89 -35.00
N LEU A 400 52.47 -14.65 -35.66
CA LEU A 400 51.20 -14.09 -36.12
C LEU A 400 50.32 -13.78 -34.91
N LEU A 401 49.92 -12.51 -34.77
CA LEU A 401 49.24 -12.05 -33.56
C LEU A 401 47.96 -12.85 -33.28
N THR A 402 47.16 -13.11 -34.29
CA THR A 402 45.84 -13.70 -34.05
C THR A 402 45.93 -15.15 -33.58
N THR A 403 46.79 -15.95 -34.21
CA THR A 403 46.84 -17.39 -33.99
C THR A 403 47.96 -17.87 -33.12
N GLY A 404 48.94 -17.03 -32.83
CA GLY A 404 50.15 -17.45 -32.15
C GLY A 404 51.15 -18.26 -32.99
N GLU A 405 50.86 -18.52 -34.25
CA GLU A 405 51.76 -19.37 -35.07
C GLU A 405 53.14 -18.66 -35.32
N ASP A 406 54.17 -19.48 -35.42
CA ASP A 406 55.52 -19.04 -35.57
C ASP A 406 55.75 -18.71 -37.07
N ILE A 407 56.51 -17.63 -37.31
CA ILE A 407 56.72 -17.10 -38.67
C ILE A 407 58.21 -17.13 -38.85
N THR A 408 58.65 -17.71 -39.97
CA THR A 408 60.05 -17.84 -40.25
C THR A 408 60.70 -16.47 -40.49
N VAL A 409 61.87 -16.24 -39.89
CA VAL A 409 62.67 -15.06 -40.05
C VAL A 409 64.00 -15.51 -40.64
N VAL A 410 64.36 -15.00 -41.83
CA VAL A 410 65.61 -15.33 -42.50
C VAL A 410 66.49 -14.08 -42.56
N GLU A 411 67.74 -14.19 -42.10
CA GLU A 411 68.68 -13.06 -42.17
C GLU A 411 69.16 -12.95 -43.60
N THR A 412 69.11 -11.77 -44.18
CA THR A 412 69.55 -11.60 -45.57
C THR A 412 70.84 -10.77 -45.68
N THR A 413 71.04 -9.85 -44.75
CA THR A 413 72.27 -9.10 -44.63
C THR A 413 72.43 -8.78 -43.13
N ARG A 414 73.55 -8.15 -42.79
CA ARG A 414 73.72 -7.47 -41.50
C ARG A 414 72.58 -6.42 -41.43
N ASN A 415 71.84 -6.42 -40.36
CA ASN A 415 70.71 -5.47 -40.20
C ASN A 415 69.47 -5.66 -41.08
N GLU A 416 69.32 -6.80 -41.74
CA GLU A 416 68.12 -6.99 -42.50
C GLU A 416 67.68 -8.43 -42.56
N TYR A 417 66.36 -8.59 -42.53
CA TYR A 417 65.73 -9.90 -42.59
C TYR A 417 64.55 -9.93 -43.56
N ASN A 418 64.22 -11.14 -44.00
CA ASN A 418 62.97 -11.43 -44.67
C ASN A 418 62.12 -12.14 -43.65
N VAL A 419 60.99 -11.53 -43.28
CA VAL A 419 59.96 -12.16 -42.44
C VAL A 419 58.92 -12.72 -43.39
N SER A 420 58.64 -14.02 -43.30
CA SER A 420 57.75 -14.64 -44.28
C SER A 420 56.35 -14.17 -44.00
N VAL A 421 55.58 -14.10 -45.04
CA VAL A 421 54.14 -13.90 -44.88
C VAL A 421 53.56 -15.18 -44.22
N PRO A 422 52.39 -15.06 -43.60
CA PRO A 422 51.74 -16.27 -43.05
C PRO A 422 51.46 -17.30 -44.13
N LYS A 423 51.39 -18.58 -43.76
CA LYS A 423 51.14 -19.65 -44.74
C LYS A 423 49.79 -19.49 -45.41
N LYS A 424 48.77 -19.13 -44.64
CA LYS A 424 47.43 -18.75 -45.15
C LYS A 424 47.27 -17.23 -45.17
N ASN A 425 47.00 -16.68 -46.33
CA ASN A 425 46.83 -15.25 -46.49
C ASN A 425 45.69 -14.75 -45.61
N PRO A 426 45.98 -13.81 -44.69
CA PRO A 426 44.87 -13.44 -43.80
C PRO A 426 43.67 -12.75 -44.43
N GLY A 427 43.82 -12.25 -45.65
CA GLY A 427 42.70 -11.64 -46.38
C GLY A 427 42.28 -10.25 -45.88
N GLU A 428 43.08 -9.64 -45.00
CA GLU A 428 42.83 -8.32 -44.48
C GLU A 428 44.17 -7.79 -43.93
N PRO A 429 44.24 -6.49 -43.66
CA PRO A 429 45.44 -6.02 -42.99
C PRO A 429 45.66 -6.74 -41.65
N TYR A 430 46.90 -7.21 -41.42
CA TYR A 430 47.16 -8.13 -40.32
C TYR A 430 48.41 -7.77 -39.54
N VAL A 431 48.61 -8.42 -38.39
CA VAL A 431 49.73 -8.11 -37.53
C VAL A 431 50.64 -9.30 -37.29
N ILE A 432 51.94 -9.08 -37.46
CA ILE A 432 52.97 -10.00 -37.02
C ILE A 432 53.70 -9.32 -35.88
N GLN A 433 53.83 -10.03 -34.76
CA GLN A 433 54.51 -9.52 -33.60
C GLN A 433 55.96 -10.01 -33.58
N LEU A 434 56.89 -9.07 -33.41
CA LEU A 434 58.29 -9.41 -33.37
C LEU A 434 58.79 -9.30 -31.93
N LYS A 435 59.70 -10.22 -31.59
CA LYS A 435 60.49 -10.14 -30.39
C LYS A 435 61.88 -9.66 -30.83
N VAL A 436 62.32 -8.56 -30.26
CA VAL A 436 63.59 -7.98 -30.61
C VAL A 436 64.50 -7.91 -29.40
N ARG A 437 65.81 -7.91 -29.62
CA ARG A 437 66.82 -7.79 -28.58
C ARG A 437 67.78 -6.66 -28.95
N ALA A 438 68.14 -5.85 -27.97
CA ALA A 438 69.14 -4.80 -28.12
C ALA A 438 70.47 -5.28 -27.54
N ALA A 439 71.56 -5.20 -28.29
CA ALA A 439 72.90 -5.56 -27.77
C ALA A 439 73.38 -4.66 -26.61
N LYS A 440 74.06 -5.24 -25.62
CA LYS A 440 74.55 -4.52 -24.41
C LYS A 440 75.48 -3.34 -24.73
N TYR A 446 65.33 0.78 -26.93
CA TYR A 446 65.02 -0.64 -26.59
C TYR A 446 65.81 -1.20 -25.40
N GLU B 2 19.90 49.62 12.13
CA GLU B 2 20.20 48.25 11.61
C GLU B 2 21.61 48.00 11.06
N ILE B 3 22.03 46.74 11.21
CA ILE B 3 23.44 46.36 11.11
C ILE B 3 23.88 46.19 9.63
N PRO B 4 25.11 46.66 9.29
CA PRO B 4 25.63 46.43 7.93
C PRO B 4 26.02 44.95 7.76
N LEU B 5 25.57 44.32 6.68
CA LEU B 5 25.90 42.91 6.44
C LEU B 5 26.22 42.72 4.96
N LYS B 6 27.28 41.97 4.66
CA LYS B 6 27.56 41.48 3.31
C LYS B 6 26.92 40.10 3.00
N TYR B 7 26.69 39.28 4.03
CA TYR B 7 26.29 37.85 3.85
C TYR B 7 24.96 37.55 4.51
N GLY B 8 24.11 38.57 4.59
CA GLY B 8 22.79 38.48 5.18
C GLY B 8 21.76 38.16 4.12
N ALA B 9 20.50 38.48 4.38
CA ALA B 9 19.40 38.07 3.51
C ALA B 9 19.47 38.73 2.14
N THR B 10 19.05 37.97 1.12
CA THR B 10 19.01 38.43 -0.29
C THR B 10 17.56 38.72 -0.72
N ASN B 11 16.70 37.70 -0.68
CA ASN B 11 15.24 37.83 -0.99
C ASN B 11 14.57 38.82 -0.01
N GLU B 12 13.58 39.57 -0.49
CA GLU B 12 12.82 40.50 0.38
C GLU B 12 11.63 39.78 1.02
N GLY B 13 10.69 39.30 0.20
CA GLY B 13 9.57 38.45 0.67
C GLY B 13 9.65 37.05 0.04
N LYS B 14 8.50 36.49 -0.29
CA LYS B 14 8.41 35.19 -0.92
C LYS B 14 8.82 35.27 -2.39
N ARG B 15 9.66 34.34 -2.84
CA ARG B 15 9.84 34.14 -4.29
C ARG B 15 8.51 33.78 -4.93
N GLN B 16 8.24 34.38 -6.08
CA GLN B 16 6.99 34.11 -6.83
C GLN B 16 7.22 33.66 -8.28
N ASP B 17 8.45 33.27 -8.60
CA ASP B 17 8.74 32.59 -9.84
C ASP B 17 8.05 31.21 -9.90
N PRO B 18 7.90 30.63 -11.10
CA PRO B 18 7.18 29.33 -11.20
C PRO B 18 7.82 28.18 -10.43
N ALA B 19 9.15 28.14 -10.34
CA ALA B 19 9.82 27.04 -9.64
C ALA B 19 9.51 27.04 -8.12
N MET B 20 9.49 28.21 -7.48
CA MET B 20 9.15 28.31 -6.07
C MET B 20 7.69 28.01 -5.89
N GLN B 21 6.87 28.46 -6.82
CA GLN B 21 5.46 28.20 -6.70
C GLN B 21 5.15 26.71 -6.75
N LYS B 22 5.95 25.98 -7.49
CA LYS B 22 5.85 24.53 -7.62
C LYS B 22 6.33 23.86 -6.32
N PHE B 23 7.42 24.38 -5.78
CA PHE B 23 7.94 23.94 -4.49
C PHE B 23 6.83 24.03 -3.42
N ARG B 24 6.14 25.17 -3.42
CA ARG B 24 5.09 25.51 -2.49
C ARG B 24 3.86 24.69 -2.71
N ASP B 25 3.38 24.67 -3.94
CA ASP B 25 2.15 23.96 -4.27
C ASP B 25 2.21 22.44 -4.01
N ASN B 26 3.39 21.86 -4.19
CA ASN B 26 3.60 20.45 -3.93
C ASN B 26 3.07 20.07 -2.56
N ARG B 27 3.44 20.89 -1.56
CA ARG B 27 3.02 20.79 -0.12
C ARG B 27 3.49 19.58 0.67
N LEU B 28 3.27 18.39 0.12
CA LEU B 28 3.53 17.14 0.82
C LEU B 28 4.73 16.41 0.17
N GLY B 29 5.71 16.10 1.00
CA GLY B 29 6.89 15.38 0.58
C GLY B 29 7.23 14.22 1.50
N ALA B 30 8.13 13.40 1.03
CA ALA B 30 8.73 12.34 1.81
C ALA B 30 10.20 12.61 1.96
N PHE B 31 10.75 12.21 3.10
CA PHE B 31 12.17 12.29 3.37
C PHE B 31 12.67 10.84 3.30
N ILE B 32 13.83 10.61 2.68
CA ILE B 32 14.52 9.31 2.67
C ILE B 32 15.83 9.51 3.38
N HIS B 33 16.00 8.83 4.53
CA HIS B 33 17.32 8.70 5.20
C HIS B 33 17.87 7.30 4.98
N TRP B 34 18.85 7.20 4.08
CA TRP B 34 19.49 5.93 3.79
C TRP B 34 20.98 6.14 3.66
N GLY B 35 21.69 5.32 4.41
CA GLY B 35 23.13 5.37 4.51
C GLY B 35 23.59 4.14 5.26
N LEU B 36 24.87 4.11 5.60
CA LEU B 36 25.47 2.92 6.20
C LEU B 36 24.85 2.59 7.57
N TYR B 37 24.37 3.63 8.27
CA TYR B 37 23.60 3.44 9.52
C TYR B 37 22.46 2.39 9.42
N ALA B 38 21.97 2.14 8.21
CA ALA B 38 20.86 1.18 8.05
C ALA B 38 21.31 -0.26 8.31
N ILE B 39 22.61 -0.54 8.15
CA ILE B 39 23.15 -1.88 8.40
C ILE B 39 23.08 -2.28 9.88
N PRO B 40 23.73 -1.54 10.78
CA PRO B 40 23.56 -1.90 12.17
C PRO B 40 22.15 -1.63 12.76
N GLY B 41 21.43 -0.69 12.18
CA GLY B 41 20.05 -0.39 12.61
C GLY B 41 19.90 -0.02 14.07
N GLY B 42 20.82 0.78 14.58
CA GLY B 42 20.80 1.22 15.98
C GLY B 42 21.45 0.32 17.02
N GLU B 43 22.01 -0.81 16.57
CA GLU B 43 22.70 -1.75 17.44
C GLU B 43 24.17 -1.80 17.09
N TRP B 44 25.01 -1.64 18.09
CA TRP B 44 26.46 -1.78 17.90
C TRP B 44 27.04 -2.73 18.94
N ASN B 45 27.76 -3.74 18.44
CA ASN B 45 28.43 -4.74 19.29
C ASN B 45 27.47 -5.31 20.32
N GLY B 46 26.32 -5.79 19.86
CA GLY B 46 25.30 -6.36 20.76
C GLY B 46 24.49 -5.44 21.65
N LYS B 47 24.82 -4.15 21.70
CA LYS B 47 24.02 -3.18 22.43
C LYS B 47 23.14 -2.31 21.47
N VAL B 48 21.82 -2.32 21.72
CA VAL B 48 20.82 -1.48 21.04
C VAL B 48 20.76 -0.08 21.68
N TYR B 49 21.09 0.97 20.94
CA TYR B 49 21.03 2.32 21.48
C TYR B 49 19.70 2.98 21.11
N GLY B 50 19.15 3.74 22.06
CA GLY B 50 17.82 4.36 21.93
C GLY B 50 17.82 5.65 21.14
N GLY B 51 18.96 6.34 21.09
CA GLY B 51 19.15 7.50 20.21
C GLY B 51 18.95 7.22 18.71
N ALA B 52 18.87 8.30 17.95
CA ALA B 52 18.63 8.23 16.50
C ALA B 52 19.66 7.31 15.81
N ALA B 53 19.19 6.28 15.12
CA ALA B 53 20.04 5.29 14.52
C ALA B 53 21.09 5.88 13.60
N GLU B 54 20.74 6.94 12.87
CA GLU B 54 21.72 7.58 11.97
C GLU B 54 22.90 8.30 12.71
N TRP B 55 22.76 8.47 14.02
CA TRP B 55 23.81 8.96 14.91
C TRP B 55 24.50 7.83 15.69
N LEU B 56 24.31 6.57 15.32
CA LEU B 56 24.92 5.45 16.07
C LEU B 56 26.42 5.56 16.17
N LYS B 57 27.07 6.02 15.10
CA LYS B 57 28.50 6.29 15.13
C LYS B 57 28.86 7.08 16.41
N SER B 58 28.06 8.07 16.75
CA SER B 58 28.29 8.91 17.92
C SER B 58 27.93 8.19 19.23
N TRP B 59 26.75 7.58 19.30
CA TRP B 59 26.30 6.96 20.54
C TRP B 59 27.23 5.84 21.00
N ALA B 60 27.68 5.02 20.07
CA ALA B 60 28.57 3.91 20.37
C ALA B 60 30.08 4.26 20.23
N LYS B 61 30.42 5.54 20.05
CA LYS B 61 31.80 6.01 20.00
C LYS B 61 32.67 5.23 18.97
N VAL B 62 32.12 4.96 17.78
CA VAL B 62 32.78 4.17 16.76
C VAL B 62 33.68 5.10 15.91
N PRO B 63 34.96 4.74 15.73
CA PRO B 63 35.84 5.61 14.92
C PRO B 63 35.59 5.45 13.41
N ALA B 64 35.94 6.49 12.66
CA ALA B 64 35.58 6.65 11.27
C ALA B 64 35.94 5.42 10.44
N ASP B 65 37.20 4.97 10.58
CA ASP B 65 37.73 3.87 9.80
C ASP B 65 36.85 2.66 10.01
N GLU B 66 36.47 2.41 11.27
CA GLU B 66 35.67 1.22 11.58
C GLU B 66 34.21 1.37 11.15
N TRP B 67 33.65 2.57 11.32
CA TRP B 67 32.29 2.87 10.85
C TRP B 67 32.16 2.70 9.32
N LEU B 68 33.11 3.30 8.59
CA LEU B 68 33.08 3.28 7.12
C LEU B 68 33.36 1.89 6.50
N LYS B 69 33.94 1.00 7.29
CA LYS B 69 34.05 -0.41 6.90
C LYS B 69 32.68 -1.09 6.67
N LEU B 70 31.60 -0.49 7.18
CA LEU B 70 30.26 -0.96 6.82
C LEU B 70 30.01 -0.98 5.35
N MET B 71 30.71 -0.13 4.60
CA MET B 71 30.67 -0.16 3.12
C MET B 71 30.80 -1.56 2.52
N ASP B 72 31.61 -2.41 3.17
CA ASP B 72 31.84 -3.77 2.71
C ASP B 72 30.62 -4.65 2.84
N GLN B 73 29.67 -4.29 3.69
CA GLN B 73 28.38 -4.97 3.75
C GLN B 73 27.23 -4.24 3.02
N TRP B 74 27.51 -3.12 2.35
CA TRP B 74 26.48 -2.38 1.62
C TRP B 74 26.17 -3.09 0.31
N ASN B 75 25.05 -3.80 0.32
CA ASN B 75 24.64 -4.57 -0.83
C ASN B 75 23.11 -4.79 -0.79
N PRO B 76 22.33 -3.71 -1.02
CA PRO B 76 20.88 -3.79 -0.88
C PRO B 76 20.24 -4.53 -2.07
N THR B 77 20.24 -5.86 -1.95
CA THR B 77 19.74 -6.73 -3.02
C THR B 77 18.26 -6.46 -3.37
N LYS B 78 17.42 -6.10 -2.40
CA LYS B 78 16.01 -5.81 -2.70
C LYS B 78 15.71 -4.39 -3.25
N PHE B 79 16.73 -3.55 -3.40
CA PHE B 79 16.51 -2.22 -3.87
C PHE B 79 15.95 -2.14 -5.30
N ASP B 80 14.89 -1.37 -5.50
CA ASP B 80 14.27 -1.20 -6.80
C ASP B 80 13.71 0.23 -6.88
N ALA B 81 14.42 1.10 -7.58
CA ALA B 81 14.07 2.51 -7.58
C ALA B 81 12.64 2.76 -8.08
N LYS B 82 12.20 1.93 -9.03
CA LYS B 82 10.83 2.00 -9.56
C LYS B 82 9.79 1.70 -8.52
N LYS B 83 10.06 0.73 -7.70
CA LYS B 83 9.20 0.38 -6.58
C LYS B 83 9.11 1.53 -5.55
N TRP B 84 10.26 2.09 -5.22
CA TRP B 84 10.30 3.25 -4.30
C TRP B 84 9.40 4.38 -4.83
N ALA B 85 9.51 4.68 -6.13
CA ALA B 85 8.81 5.76 -6.70
C ALA B 85 7.30 5.50 -6.76
N LYS B 86 6.92 4.21 -7.00
CA LYS B 86 5.51 3.82 -6.94
C LYS B 86 5.01 4.01 -5.52
N MET B 87 5.79 3.65 -4.53
CA MET B 87 5.35 3.87 -3.15
C MET B 87 5.11 5.35 -2.85
N ALA B 88 6.03 6.22 -3.27
CA ALA B 88 5.86 7.68 -3.04
C ALA B 88 4.63 8.22 -3.78
N LYS B 89 4.38 7.72 -5.02
CA LYS B 89 3.22 8.12 -5.80
C LYS B 89 1.90 7.76 -5.14
N GLU B 90 1.82 6.52 -4.71
CA GLU B 90 0.70 5.99 -3.98
C GLU B 90 0.45 6.78 -2.66
N MET B 91 1.50 7.22 -1.99
CA MET B 91 1.34 7.99 -0.77
C MET B 91 0.71 9.35 -1.04
N GLY B 92 0.84 9.86 -2.26
CA GLY B 92 0.43 11.21 -2.64
C GLY B 92 1.52 12.28 -2.47
N THR B 93 2.80 11.87 -2.31
CA THR B 93 3.90 12.82 -2.14
C THR B 93 4.24 13.39 -3.48
N LYS B 94 4.39 14.71 -3.55
CA LYS B 94 4.73 15.39 -4.80
C LYS B 94 6.23 15.57 -4.94
N TYR B 95 6.96 15.31 -3.86
CA TYR B 95 8.39 15.38 -3.85
C TYR B 95 9.01 14.50 -2.81
N VAL B 96 10.28 14.15 -3.05
CA VAL B 96 11.08 13.39 -2.12
C VAL B 96 12.43 14.07 -1.89
N LYS B 97 12.84 14.12 -0.63
CA LYS B 97 14.12 14.71 -0.23
C LYS B 97 14.98 13.53 0.13
N ILE B 98 16.14 13.41 -0.50
CA ILE B 98 16.99 12.22 -0.34
C ILE B 98 18.33 12.58 0.30
N THR B 99 18.78 11.77 1.25
CA THR B 99 20.08 11.95 1.87
C THR B 99 21.17 11.54 0.89
N THR B 100 21.73 12.53 0.20
CA THR B 100 22.87 12.27 -0.71
C THR B 100 24.09 11.85 0.11
N LYS B 101 24.28 12.50 1.26
CA LYS B 101 25.36 12.25 2.18
C LYS B 101 24.88 12.71 3.55
N HIS B 102 24.89 11.83 4.57
CA HIS B 102 24.58 12.22 5.95
C HIS B 102 25.88 12.53 6.70
N HIS B 103 25.81 12.76 8.02
CA HIS B 103 26.99 13.13 8.80
C HIS B 103 28.13 12.13 8.64
N GLU B 104 27.80 10.85 8.55
CA GLU B 104 28.78 9.78 8.37
C GLU B 104 29.71 10.00 7.17
N GLY B 105 29.24 10.72 6.14
CA GLY B 105 30.09 11.03 4.98
C GLY B 105 29.98 10.07 3.78
N PHE B 106 29.33 8.92 3.97
CA PHE B 106 29.05 7.99 2.87
C PHE B 106 28.11 8.60 1.82
N CYS B 107 28.57 8.65 0.56
CA CYS B 107 27.83 9.27 -0.52
C CYS B 107 26.98 8.26 -1.30
N LEU B 108 25.73 8.59 -1.55
CA LEU B 108 24.86 7.69 -2.33
C LEU B 108 25.02 7.88 -3.86
N TRP B 109 26.00 8.68 -4.29
CA TRP B 109 26.37 8.82 -5.70
C TRP B 109 27.85 8.61 -5.76
N PRO B 110 28.38 8.22 -6.94
CA PRO B 110 29.80 7.91 -7.01
C PRO B 110 30.65 9.20 -7.10
N SER B 111 30.85 9.87 -5.98
CA SER B 111 31.62 11.11 -5.97
C SER B 111 33.06 10.80 -6.35
N LYS B 112 33.66 11.70 -7.13
CA LYS B 112 35.07 11.51 -7.47
C LYS B 112 35.94 12.21 -6.41
N TYR B 113 35.33 12.85 -5.39
CA TYR B 113 36.09 13.60 -4.39
C TYR B 113 36.33 12.88 -3.07
N THR B 114 35.93 11.61 -3.00
CA THR B 114 36.16 10.78 -1.83
C THR B 114 35.98 9.34 -2.24
N LYS B 115 36.62 8.45 -1.52
CA LYS B 115 36.39 7.04 -1.74
C LYS B 115 35.18 6.47 -0.98
N TYR B 116 34.56 7.26 -0.09
CA TYR B 116 33.47 6.73 0.75
C TYR B 116 32.15 6.93 0.02
N THR B 117 31.95 6.12 -1.03
CA THR B 117 30.79 6.21 -1.88
C THR B 117 30.29 4.83 -2.25
N VAL B 118 29.07 4.81 -2.75
CA VAL B 118 28.43 3.59 -3.30
C VAL B 118 29.23 2.83 -4.34
N ALA B 119 30.13 3.52 -5.05
CA ALA B 119 30.98 2.85 -6.06
C ALA B 119 31.93 1.82 -5.45
N ASN B 120 32.38 2.08 -4.24
CA ASN B 120 33.31 1.18 -3.55
C ASN B 120 32.63 0.25 -2.56
N THR B 121 31.44 -0.21 -2.93
CA THR B 121 30.69 -1.17 -2.13
C THR B 121 30.42 -2.32 -3.06
N PRO B 122 30.08 -3.49 -2.53
CA PRO B 122 29.65 -4.60 -3.40
C PRO B 122 28.52 -4.28 -4.37
N TYR B 123 27.60 -3.40 -3.95
CA TYR B 123 26.53 -2.97 -4.81
C TYR B 123 26.94 -2.11 -5.99
N LYS B 124 27.92 -1.21 -5.81
CA LYS B 124 28.55 -0.43 -6.89
C LYS B 124 27.71 0.65 -7.57
N ARG B 125 26.40 0.43 -7.70
CA ARG B 125 25.57 1.29 -8.52
C ARG B 125 25.23 2.68 -7.93
N ASP B 126 24.98 3.61 -8.83
CA ASP B 126 24.63 4.99 -8.51
C ASP B 126 23.15 5.02 -8.05
N ILE B 127 22.97 4.74 -6.77
CA ILE B 127 21.66 4.70 -6.12
C ILE B 127 20.98 6.02 -6.31
N LEU B 128 21.68 7.11 -6.02
CA LEU B 128 21.07 8.45 -6.16
C LEU B 128 20.55 8.68 -7.60
N GLY B 129 21.35 8.35 -8.61
CA GLY B 129 20.91 8.53 -10.03
C GLY B 129 19.72 7.64 -10.39
N GLU B 130 19.71 6.42 -9.89
CA GLU B 130 18.55 5.56 -10.11
C GLU B 130 17.26 6.16 -9.47
N LEU B 131 17.38 6.70 -8.26
CA LEU B 131 16.27 7.35 -7.60
C LEU B 131 15.81 8.57 -8.34
N VAL B 132 16.73 9.40 -8.76
CA VAL B 132 16.36 10.65 -9.47
C VAL B 132 15.50 10.37 -10.70
N LYS B 133 15.98 9.44 -11.49
CA LYS B 133 15.27 8.98 -12.71
C LYS B 133 13.90 8.42 -12.37
N ALA B 134 13.86 7.50 -11.43
CA ALA B 134 12.60 6.80 -11.12
C ALA B 134 11.55 7.75 -10.53
N TYR B 135 11.95 8.64 -9.62
CA TYR B 135 11.00 9.64 -9.08
C TYR B 135 10.57 10.60 -10.17
N ASN B 136 11.52 11.11 -10.95
CA ASN B 136 11.15 12.00 -12.06
C ASN B 136 10.18 11.33 -13.05
N ASP B 137 10.36 10.05 -13.36
CA ASP B 137 9.41 9.33 -14.23
C ASP B 137 8.01 9.29 -13.70
N GLU B 138 7.83 9.40 -12.39
CA GLU B 138 6.49 9.47 -11.80
C GLU B 138 5.96 10.88 -11.66
N GLY B 139 6.65 11.87 -12.21
CA GLY B 139 6.31 13.26 -11.98
C GLY B 139 6.55 13.74 -10.54
N ILE B 140 7.52 13.16 -9.85
CA ILE B 140 7.86 13.55 -8.49
C ILE B 140 9.17 14.35 -8.51
N ASP B 141 9.14 15.57 -7.99
CA ASP B 141 10.37 16.35 -7.84
C ASP B 141 11.31 15.71 -6.85
N VAL B 142 12.60 15.95 -7.08
CA VAL B 142 13.65 15.44 -6.20
C VAL B 142 14.47 16.57 -5.59
N HIS B 143 14.58 16.54 -4.26
CA HIS B 143 15.35 17.48 -3.45
C HIS B 143 16.50 16.72 -2.87
N PHE B 144 17.63 17.40 -2.71
CA PHE B 144 18.83 16.78 -2.13
C PHE B 144 19.12 17.28 -0.73
N TYR B 145 19.09 16.36 0.23
CA TYR B 145 19.60 16.61 1.56
C TYR B 145 21.11 16.48 1.48
N PHE B 146 21.83 17.39 2.16
CA PHE B 146 23.31 17.34 2.18
C PHE B 146 23.87 17.81 3.50
N SER B 147 24.60 16.96 4.18
CA SER B 147 25.18 17.30 5.45
C SER B 147 26.56 17.98 5.20
N VAL B 148 26.70 19.22 5.66
CA VAL B 148 28.00 19.90 5.60
C VAL B 148 28.96 19.22 6.54
N MET B 149 28.59 19.08 7.80
CA MET B 149 29.37 18.29 8.73
C MET B 149 29.62 16.88 8.18
N ASP B 150 30.89 16.47 8.20
CA ASP B 150 31.32 15.22 7.59
C ASP B 150 32.36 14.52 8.47
N TRP B 151 31.92 13.45 9.11
CA TRP B 151 32.72 12.63 10.02
C TRP B 151 33.76 11.75 9.31
N SER B 152 33.71 11.68 7.98
CA SER B 152 34.63 10.86 7.18
C SER B 152 35.87 11.66 6.70
N ASN B 153 35.80 12.97 6.75
CA ASN B 153 36.85 13.81 6.25
C ASN B 153 37.64 14.46 7.41
N PRO B 154 38.95 14.11 7.54
CA PRO B 154 39.75 14.66 8.65
C PRO B 154 40.00 16.18 8.61
N ASP B 155 39.77 16.84 7.48
CA ASP B 155 39.85 18.30 7.41
C ASP B 155 38.62 19.02 7.98
N TYR B 156 37.60 18.26 8.38
CA TYR B 156 36.46 18.88 9.05
C TYR B 156 36.93 19.47 10.37
N ARG B 157 36.35 20.61 10.75
CA ARG B 157 36.56 21.19 12.07
C ARG B 157 35.25 21.64 12.71
N TYR B 158 35.11 21.38 14.01
CA TYR B 158 33.96 21.81 14.84
C TYR B 158 34.09 23.27 15.22
N ASP B 159 35.33 23.73 15.36
CA ASP B 159 35.58 25.15 15.57
C ASP B 159 36.96 25.52 15.03
N ILE B 160 37.17 26.82 14.85
CA ILE B 160 38.42 27.39 14.36
C ILE B 160 39.20 27.99 15.52
N LYS B 161 40.09 27.20 16.13
CA LYS B 161 40.89 27.60 17.28
C LYS B 161 42.39 27.86 16.99
N SER B 162 42.79 27.77 15.72
CA SER B 162 44.18 27.99 15.30
C SER B 162 44.23 28.30 13.80
N LYS B 163 45.35 28.86 13.35
CA LYS B 163 45.62 29.00 11.90
C LYS B 163 45.60 27.62 11.17
N GLU B 164 46.02 26.56 11.84
CA GLU B 164 45.93 25.23 11.21
C GLU B 164 44.50 24.77 10.99
N ASP B 165 43.64 25.03 11.99
CA ASP B 165 42.21 24.74 11.88
C ASP B 165 41.65 25.47 10.66
N SER B 166 42.00 26.75 10.52
CA SER B 166 41.60 27.52 9.36
C SER B 166 42.06 26.95 8.00
N ILE B 167 43.28 26.42 7.96
CA ILE B 167 43.83 25.88 6.73
C ILE B 167 43.05 24.63 6.34
N ALA B 168 42.91 23.70 7.30
CA ALA B 168 42.22 22.44 7.10
C ALA B 168 40.77 22.70 6.69
N PHE B 169 40.12 23.64 7.38
CA PHE B 169 38.72 23.92 7.12
C PHE B 169 38.52 24.56 5.77
N SER B 170 39.46 25.40 5.35
CA SER B 170 39.40 25.98 3.97
C SER B 170 39.43 24.92 2.88
N ARG B 171 40.28 23.92 3.06
CA ARG B 171 40.33 22.76 2.17
C ARG B 171 39.00 21.96 2.17
N PHE B 172 38.45 21.75 3.38
CA PHE B 172 37.14 21.10 3.58
C PHE B 172 36.00 21.80 2.84
N LEU B 173 35.96 23.13 2.91
CA LEU B 173 34.96 23.90 2.19
C LEU B 173 35.10 23.77 0.67
N GLU B 174 36.32 23.62 0.17
CA GLU B 174 36.57 23.42 -1.27
C GLU B 174 36.07 22.04 -1.69
N PHE B 175 36.42 21.04 -0.88
CA PHE B 175 35.89 19.69 -1.03
C PHE B 175 34.34 19.68 -1.07
N THR B 176 33.72 20.46 -0.20
CA THR B 176 32.28 20.54 -0.11
C THR B 176 31.72 21.17 -1.37
N ASP B 177 32.28 22.31 -1.77
CA ASP B 177 31.89 22.99 -3.02
C ASP B 177 31.96 22.02 -4.19
N ASN B 178 33.02 21.22 -4.24
CA ASN B 178 33.22 20.29 -5.29
C ASN B 178 32.13 19.22 -5.36
N GLN B 179 31.82 18.62 -4.20
CA GLN B 179 30.71 17.68 -4.11
C GLN B 179 29.39 18.31 -4.52
N LEU B 180 29.14 19.53 -4.07
CA LEU B 180 27.92 20.21 -4.42
C LEU B 180 27.80 20.44 -5.93
N LYS B 181 28.86 20.98 -6.54
CA LYS B 181 28.89 21.26 -8.00
C LYS B 181 28.68 19.98 -8.78
N GLU B 182 29.32 18.93 -8.33
CA GLU B 182 29.15 17.62 -8.87
C GLU B 182 27.67 17.12 -8.84
N LEU B 183 27.01 17.25 -7.70
CA LEU B 183 25.59 16.92 -7.58
C LEU B 183 24.72 17.73 -8.51
N ALA B 184 24.98 19.03 -8.58
CA ALA B 184 24.17 19.95 -9.41
C ALA B 184 24.28 19.63 -10.91
N THR B 185 25.44 19.15 -11.35
CA THR B 185 25.70 18.92 -12.75
C THR B 185 25.47 17.48 -13.16
N ARG B 186 25.75 16.51 -12.28
CA ARG B 186 25.35 15.14 -12.57
C ARG B 186 23.83 14.97 -12.58
N TYR B 187 23.07 15.73 -11.76
CA TYR B 187 21.63 15.56 -11.60
C TYR B 187 20.88 16.87 -11.76
N PRO B 188 20.83 17.41 -12.98
CA PRO B 188 20.33 18.77 -13.20
C PRO B 188 18.83 18.94 -13.02
N THR B 189 18.07 17.86 -12.87
CA THR B 189 16.63 18.00 -12.47
C THR B 189 16.39 18.27 -10.95
N VAL B 190 17.43 18.22 -10.13
CA VAL B 190 17.30 18.62 -8.71
C VAL B 190 16.60 19.95 -8.51
N LYS B 191 15.64 20.02 -7.56
CA LYS B 191 14.88 21.23 -7.32
C LYS B 191 15.22 21.99 -6.04
N ASP B 192 16.01 21.40 -5.18
CA ASP B 192 16.23 21.94 -3.87
C ASP B 192 17.41 21.30 -3.29
N PHE B 193 18.19 22.09 -2.53
CA PHE B 193 19.26 21.56 -1.70
C PHE B 193 18.87 21.94 -0.26
N TRP B 194 18.80 20.92 0.60
CA TRP B 194 18.41 21.06 2.01
C TRP B 194 19.63 20.71 2.80
N PHE B 195 20.32 21.75 3.23
CA PHE B 195 21.50 21.62 4.04
C PHE B 195 21.18 21.28 5.49
N ASP B 196 21.99 20.39 6.04
CA ASP B 196 21.99 20.06 7.48
C ASP B 196 23.45 20.14 7.98
N GLY B 197 23.65 20.03 9.27
CA GLY B 197 24.97 19.89 9.82
C GLY B 197 25.76 21.16 9.60
N THR B 198 25.10 22.28 9.82
CA THR B 198 25.69 23.60 9.61
C THR B 198 25.67 24.43 10.87
N TRP B 199 25.55 23.77 12.02
CA TRP B 199 25.37 24.47 13.32
C TRP B 199 26.69 24.73 14.07
N ASP B 200 27.74 23.99 13.72
CA ASP B 200 29.04 24.10 14.37
C ASP B 200 29.62 25.52 14.21
N ALA B 201 30.36 25.93 15.22
CA ALA B 201 31.02 27.27 15.20
C ALA B 201 31.88 27.53 13.92
N SER B 202 32.54 26.49 13.40
CA SER B 202 33.32 26.60 12.15
C SER B 202 32.52 27.18 11.01
N VAL B 203 31.31 26.66 10.84
CA VAL B 203 30.39 27.13 9.80
C VAL B 203 29.85 28.51 10.15
N LYS B 204 29.45 28.71 11.39
CA LYS B 204 28.95 30.05 11.82
C LYS B 204 30.00 31.16 11.56
N LYS B 205 31.27 30.83 11.73
CA LYS B 205 32.32 31.81 11.49
C LYS B 205 32.60 32.07 10.00
N ASN B 206 32.01 31.27 9.12
CA ASN B 206 32.22 31.35 7.69
C ASN B 206 30.92 31.55 6.94
N GLY B 207 30.19 32.55 7.37
CA GLY B 207 28.97 32.95 6.73
C GLY B 207 29.11 33.19 5.25
N TRP B 208 30.20 33.86 4.87
CA TRP B 208 30.53 34.13 3.46
C TRP B 208 30.42 32.85 2.60
N TRP B 209 30.89 31.73 3.15
CA TRP B 209 30.83 30.47 2.42
C TRP B 209 29.35 30.03 2.20
N THR B 210 28.51 30.22 3.21
CA THR B 210 27.12 29.81 3.13
C THR B 210 26.43 30.59 2.05
N ALA B 211 26.68 31.91 2.00
CA ALA B 211 26.08 32.79 0.95
C ALA B 211 26.62 32.46 -0.42
N HIS B 212 27.90 32.09 -0.48
CA HIS B 212 28.56 31.66 -1.71
C HIS B 212 27.97 30.33 -2.27
N ALA B 213 27.73 29.37 -1.36
CA ALA B 213 27.15 28.08 -1.73
C ALA B 213 25.76 28.27 -2.31
N GLU B 214 24.99 29.19 -1.72
CA GLU B 214 23.66 29.50 -2.23
C GLU B 214 23.71 30.12 -3.65
N GLN B 215 24.52 31.19 -3.80
CA GLN B 215 24.78 31.84 -5.12
C GLN B 215 25.28 30.83 -6.17
N MET B 216 26.29 30.06 -5.82
CA MET B 216 26.85 29.05 -6.71
C MET B 216 25.82 28.04 -7.23
N LEU B 217 25.01 27.50 -6.32
CA LEU B 217 24.04 26.46 -6.72
C LEU B 217 22.94 27.07 -7.54
N LYS B 218 22.54 28.29 -7.20
CA LYS B 218 21.53 28.98 -8.00
C LYS B 218 21.98 29.27 -9.46
N GLU B 219 23.28 29.49 -9.67
CA GLU B 219 23.84 29.66 -11.01
C GLU B 219 23.88 28.35 -11.79
N LEU B 220 24.20 27.26 -11.12
CA LEU B 220 24.22 25.94 -11.75
C LEU B 220 22.87 25.30 -12.02
N VAL B 221 21.85 25.64 -11.23
CA VAL B 221 20.53 25.02 -11.34
C VAL B 221 19.47 26.12 -11.31
N PRO B 222 19.00 26.51 -12.48
CA PRO B 222 17.98 27.55 -12.50
C PRO B 222 16.77 27.22 -11.65
N GLY B 223 16.41 28.15 -10.77
CA GLY B 223 15.18 28.05 -10.00
C GLY B 223 15.27 27.15 -8.78
N VAL B 224 16.46 26.66 -8.45
CA VAL B 224 16.67 25.80 -7.32
C VAL B 224 16.32 26.55 -6.04
N ALA B 225 15.76 25.80 -5.07
CA ALA B 225 15.45 26.34 -3.75
C ALA B 225 16.56 25.91 -2.81
N ILE B 226 16.83 26.76 -1.83
CA ILE B 226 17.91 26.55 -0.88
C ILE B 226 17.31 26.88 0.50
N ASN B 227 17.50 25.97 1.46
CA ASN B 227 16.90 26.14 2.77
C ASN B 227 17.66 27.11 3.66
N SER B 228 16.96 27.63 4.66
CA SER B 228 17.50 28.63 5.56
C SER B 228 18.57 28.07 6.44
N ARG B 229 18.52 26.75 6.69
CA ARG B 229 19.47 26.10 7.58
C ARG B 229 20.93 26.16 7.10
N LEU B 230 21.13 26.33 5.82
CA LEU B 230 22.47 26.50 5.27
C LEU B 230 23.14 27.75 5.86
N ARG B 231 22.34 28.78 6.03
CA ARG B 231 22.83 30.16 6.03
C ARG B 231 23.17 30.72 7.38
N ALA B 232 24.34 31.35 7.41
CA ALA B 232 24.79 32.14 8.55
C ALA B 232 25.27 33.47 8.00
N ASP B 233 25.01 34.54 8.72
CA ASP B 233 25.46 35.86 8.28
C ASP B 233 26.89 36.17 8.77
N ASP B 234 27.31 37.42 8.55
CA ASP B 234 28.62 37.95 8.96
C ASP B 234 28.93 37.68 10.42
N LYS B 235 27.91 37.77 11.27
CA LYS B 235 28.05 37.62 12.75
C LYS B 235 27.86 36.22 13.28
N GLY B 236 27.55 35.28 12.38
CA GLY B 236 27.25 33.91 12.78
C GLY B 236 25.81 33.63 13.17
N LYS B 237 24.89 34.57 12.96
CA LYS B 237 23.45 34.36 13.20
C LYS B 237 22.92 33.45 12.09
N ARG B 238 22.24 32.38 12.48
CA ARG B 238 21.74 31.34 11.55
C ARG B 238 20.26 31.46 11.24
N HIS B 239 19.88 31.10 10.01
CA HIS B 239 18.48 31.10 9.52
C HIS B 239 17.97 32.48 9.18
N PHE B 240 17.85 33.33 10.21
CA PHE B 240 17.47 34.70 10.05
C PHE B 240 18.72 35.52 10.41
N ASP B 241 19.00 36.55 9.62
CA ASP B 241 20.26 37.31 9.82
C ASP B 241 20.18 38.24 11.05
N SER B 242 21.26 38.97 11.31
CA SER B 242 21.33 39.92 12.44
C SER B 242 20.23 41.02 12.43
N ASN B 243 19.67 41.31 11.26
CA ASN B 243 18.51 42.21 11.16
C ASN B 243 17.17 41.48 11.15
N GLY B 244 17.16 40.19 11.53
CA GLY B 244 15.94 39.42 11.55
C GLY B 244 15.30 39.07 10.20
N ARG B 245 16.04 39.17 9.11
CA ARG B 245 15.54 38.81 7.78
C ARG B 245 15.92 37.35 7.42
N LEU B 246 14.97 36.64 6.83
CA LEU B 246 15.14 35.21 6.47
C LEU B 246 16.18 35.06 5.40
N MET B 247 17.17 34.18 5.61
CA MET B 247 18.14 33.82 4.57
C MET B 247 17.69 32.51 3.90
N GLY B 248 18.14 32.30 2.67
CA GLY B 248 17.64 31.21 1.81
C GLY B 248 16.22 31.47 1.34
N ASP B 249 15.62 30.47 0.70
CA ASP B 249 14.32 30.64 0.06
C ASP B 249 13.18 30.28 0.96
N TYR B 250 13.45 29.54 2.03
CA TYR B 250 12.39 29.09 2.94
C TYR B 250 12.97 28.64 4.27
N GLU B 251 12.15 28.81 5.29
CA GLU B 251 12.52 28.54 6.66
C GLU B 251 12.39 27.04 6.89
N SER B 252 13.41 26.47 7.54
CA SER B 252 13.60 25.04 7.67
C SER B 252 13.99 24.60 9.08
N GLY B 253 13.51 25.31 10.09
CA GLY B 253 13.79 24.96 11.49
C GLY B 253 12.77 24.05 12.18
N TYR B 254 11.58 23.86 11.63
CA TYR B 254 10.54 23.09 12.30
C TYR B 254 10.78 21.61 12.03
N GLU B 255 11.58 21.01 12.90
CA GLU B 255 12.03 19.63 12.80
C GLU B 255 11.39 18.89 13.93
N ARG B 256 10.42 18.03 13.61
CA ARG B 256 9.68 17.30 14.64
C ARG B 256 8.93 18.21 15.61
N ARG B 257 8.54 19.38 15.16
CA ARG B 257 7.59 20.25 15.90
C ARG B 257 7.05 21.29 14.92
N LEU B 258 5.97 21.98 15.31
CA LEU B 258 5.24 22.84 14.40
C LEU B 258 4.89 24.15 15.08
N PRO B 259 4.69 25.21 14.29
CA PRO B 259 4.31 26.51 14.90
C PRO B 259 2.92 26.49 15.46
N ASP B 260 2.71 27.28 16.50
CA ASP B 260 1.42 27.28 17.19
C ASP B 260 0.40 28.00 16.31
N PRO B 261 -0.77 27.38 16.06
CA PRO B 261 -1.77 27.97 15.14
C PRO B 261 -2.39 29.30 15.56
N VAL B 262 -2.30 29.63 16.83
CA VAL B 262 -2.79 30.90 17.33
C VAL B 262 -1.63 31.88 17.52
N LYS B 263 -0.50 31.45 18.10
CA LYS B 263 0.58 32.34 18.50
C LYS B 263 1.71 32.61 17.49
N ASP B 264 1.84 31.76 16.47
CA ASP B 264 2.98 31.82 15.55
C ASP B 264 2.53 32.11 14.13
N LEU B 265 1.52 32.96 14.01
CA LEU B 265 1.06 33.40 12.72
C LEU B 265 2.10 34.15 11.89
N LYS B 266 3.17 34.63 12.50
CA LYS B 266 4.27 35.23 11.76
C LYS B 266 4.81 34.33 10.64
N VAL B 267 4.72 33.01 10.79
CA VAL B 267 5.33 32.11 9.80
C VAL B 267 4.65 32.19 8.46
N THR B 268 3.42 32.72 8.42
CA THR B 268 2.69 32.87 7.18
C THR B 268 3.30 33.92 6.22
N GLN B 269 4.23 34.73 6.73
CA GLN B 269 4.93 35.75 5.90
C GLN B 269 6.03 35.23 5.05
N TRP B 270 6.45 33.98 5.25
CA TRP B 270 7.50 33.39 4.44
C TRP B 270 7.20 31.95 4.12
N ASP B 271 7.90 31.44 3.11
CA ASP B 271 7.80 30.04 2.76
C ASP B 271 8.53 29.28 3.82
N TRP B 272 8.03 28.08 4.13
CA TRP B 272 8.66 27.23 5.12
C TRP B 272 8.25 25.79 4.93
N GLU B 273 9.14 24.90 5.35
CA GLU B 273 8.92 23.45 5.28
C GLU B 273 9.26 22.84 6.62
N ALA B 274 8.33 22.07 7.14
CA ALA B 274 8.57 21.23 8.31
C ALA B 274 8.95 19.81 7.89
N CYS B 275 9.70 19.12 8.73
CA CYS B 275 9.94 17.69 8.59
C CYS B 275 9.61 16.96 9.91
N MET B 276 9.27 15.68 9.80
CA MET B 276 8.82 14.90 10.92
C MET B 276 9.21 13.43 10.73
N THR B 277 9.28 12.74 11.86
CA THR B 277 9.59 11.33 11.96
C THR B 277 8.35 10.61 12.44
N ILE B 278 8.28 9.31 12.14
CA ILE B 278 7.14 8.46 12.59
C ILE B 278 7.27 8.10 14.05
N PRO B 279 8.40 7.49 14.43
CA PRO B 279 8.70 7.44 15.86
C PRO B 279 9.10 8.81 16.40
N GLU B 280 9.42 8.85 17.66
CA GLU B 280 9.75 10.10 18.28
C GLU B 280 10.97 10.78 17.68
N ASN B 281 12.06 10.01 17.51
CA ASN B 281 13.30 10.53 16.90
C ASN B 281 14.20 9.48 16.26
N GLN B 282 13.73 8.95 15.13
CA GLN B 282 14.50 8.03 14.32
C GLN B 282 14.34 8.46 12.90
N TRP B 283 15.45 8.81 12.25
CA TRP B 283 15.41 9.17 10.83
C TRP B 283 15.90 8.03 10.02
N GLY B 284 17.13 7.58 10.30
CA GLY B 284 17.65 6.33 9.69
C GLY B 284 16.96 5.12 10.27
N TYR B 285 17.10 3.98 9.58
CA TYR B 285 16.49 2.73 10.04
C TYR B 285 16.99 2.33 11.42
N HIS B 286 16.06 2.16 12.34
CA HIS B 286 16.29 1.57 13.63
C HIS B 286 15.47 0.29 13.77
N LYS B 287 16.13 -0.80 14.16
CA LYS B 287 15.49 -2.12 14.19
C LYS B 287 14.40 -2.32 15.26
N ASP B 288 14.42 -1.54 16.31
CA ASP B 288 13.42 -1.59 17.36
C ASP B 288 12.59 -0.29 17.58
N TRP B 289 11.43 -0.23 16.96
CA TRP B 289 10.50 0.92 17.15
C TRP B 289 9.68 0.90 18.42
N SER B 290 9.72 -0.21 19.18
CA SER B 290 9.03 -0.27 20.48
C SER B 290 9.70 0.61 21.54
N LEU B 291 10.87 1.21 21.29
CA LEU B 291 11.53 2.05 22.29
C LEU B 291 10.95 3.44 22.51
N SER B 292 10.11 3.95 21.60
CA SER B 292 9.47 5.27 21.79
C SER B 292 8.12 5.20 21.17
N TYR B 293 7.33 6.26 21.36
CA TYR B 293 6.03 6.39 20.75
C TYR B 293 6.10 6.43 19.20
N VAL B 294 5.26 5.62 18.55
CA VAL B 294 5.11 5.59 17.09
C VAL B 294 3.78 6.23 16.72
N LYS B 295 3.81 7.26 15.87
CA LYS B 295 2.61 7.98 15.50
C LYS B 295 1.71 7.13 14.63
N THR B 296 0.42 7.32 14.77
CA THR B 296 -0.60 6.68 13.91
C THR B 296 -0.76 7.51 12.66
N PRO B 297 -1.38 6.93 11.64
CA PRO B 297 -1.59 7.71 10.42
C PRO B 297 -2.35 9.04 10.64
N ILE B 298 -3.38 9.03 11.47
CA ILE B 298 -4.18 10.23 11.69
C ILE B 298 -3.35 11.32 12.37
N GLU B 299 -2.48 10.93 13.31
CA GLU B 299 -1.56 11.86 13.94
C GLU B 299 -0.62 12.48 12.93
N VAL B 300 -0.20 11.71 11.93
CA VAL B 300 0.65 12.21 10.87
C VAL B 300 -0.10 13.16 9.95
N ILE B 301 -1.29 12.72 9.52
CA ILE B 301 -2.16 13.55 8.69
C ILE B 301 -2.53 14.89 9.34
N ASP B 302 -2.83 14.87 10.61
CA ASP B 302 -3.03 16.07 11.40
C ASP B 302 -1.86 17.06 11.27
N ARG B 303 -0.62 16.57 11.32
CA ARG B 303 0.54 17.47 11.21
C ARG B 303 0.70 17.98 9.82
N ILE B 304 0.45 17.13 8.84
CA ILE B 304 0.50 17.57 7.41
C ILE B 304 -0.48 18.77 7.18
N VAL B 305 -1.70 18.59 7.60
CA VAL B 305 -2.71 19.63 7.40
C VAL B 305 -2.41 20.88 8.23
N HIS B 306 -1.92 20.68 9.45
CA HIS B 306 -1.46 21.77 10.32
C HIS B 306 -0.49 22.63 9.56
N ALA B 307 0.55 22.02 9.04
CA ALA B 307 1.53 22.74 8.27
C ALA B 307 0.93 23.60 7.13
N VAL B 308 0.14 22.96 6.27
CA VAL B 308 -0.43 23.60 5.12
C VAL B 308 -1.39 24.74 5.57
N SER B 309 -2.07 24.54 6.70
CA SER B 309 -2.96 25.55 7.26
C SER B 309 -2.23 26.82 7.69
N MET B 310 -0.93 26.72 7.88
CA MET B 310 -0.12 27.83 8.24
C MET B 310 0.87 28.22 7.17
N GLY B 311 0.58 27.80 5.97
CA GLY B 311 1.36 28.18 4.82
C GLY B 311 2.69 27.49 4.65
N GLY B 312 2.81 26.26 5.13
CA GLY B 312 4.07 25.51 5.02
C GLY B 312 3.89 24.15 4.38
N ASN B 313 5.01 23.58 3.95
CA ASN B 313 5.09 22.21 3.48
C ASN B 313 5.39 21.23 4.64
N MET B 314 5.03 19.96 4.46
CA MET B 314 5.41 18.92 5.42
C MET B 314 6.11 17.79 4.68
N VAL B 315 7.21 17.33 5.24
CA VAL B 315 7.94 16.17 4.74
C VAL B 315 7.92 15.07 5.79
N VAL B 316 7.36 13.91 5.44
CA VAL B 316 7.30 12.73 6.32
C VAL B 316 8.46 11.82 6.04
N ASN B 317 9.21 11.45 7.08
CA ASN B 317 10.46 10.66 6.89
C ASN B 317 10.27 9.15 6.86
N PHE B 318 11.08 8.51 6.00
CA PHE B 318 11.22 7.08 5.91
C PHE B 318 12.71 6.73 6.02
N GLY B 319 13.01 5.66 6.75
CA GLY B 319 14.34 5.09 6.92
C GLY B 319 14.35 3.68 6.34
N PRO B 320 14.66 3.56 5.03
CA PRO B 320 14.74 2.24 4.41
C PRO B 320 15.70 1.25 5.08
N GLN B 321 15.34 -0.03 4.99
CA GLN B 321 16.15 -1.10 5.49
C GLN B 321 17.49 -1.20 4.72
N ALA B 322 18.44 -1.88 5.33
CA ALA B 322 19.73 -2.17 4.68
C ALA B 322 19.54 -2.92 3.37
N ASP B 323 18.56 -3.82 3.31
CA ASP B 323 18.31 -4.57 2.08
C ASP B 323 17.70 -3.79 0.93
N GLY B 324 17.27 -2.55 1.18
CA GLY B 324 16.69 -1.72 0.15
C GLY B 324 15.18 -1.80 0.04
N ASP B 325 14.54 -2.51 0.95
CA ASP B 325 13.07 -2.53 1.07
C ASP B 325 12.66 -1.64 2.27
N PHE B 326 11.36 -1.34 2.37
CA PHE B 326 10.84 -0.62 3.50
C PHE B 326 10.19 -1.55 4.49
N ARG B 327 10.37 -1.25 5.76
CA ARG B 327 9.72 -1.98 6.83
C ARG B 327 8.19 -1.90 6.74
N PRO B 328 7.48 -2.85 7.35
CA PRO B 328 6.03 -2.88 7.17
C PRO B 328 5.27 -1.69 7.73
N GLU B 329 5.71 -1.16 8.87
CA GLU B 329 5.08 0.01 9.50
C GLU B 329 5.10 1.21 8.56
N GLU B 330 6.18 1.34 7.77
CA GLU B 330 6.31 2.45 6.82
C GLU B 330 5.46 2.22 5.62
N LYS B 331 5.36 0.99 5.16
CA LYS B 331 4.42 0.67 4.04
C LYS B 331 2.96 0.94 4.41
N ALA B 332 2.60 0.59 5.64
CA ALA B 332 1.28 0.83 6.12
C ALA B 332 0.98 2.33 6.22
N MET B 333 1.97 3.09 6.76
CA MET B 333 1.86 4.52 6.88
C MET B 333 1.64 5.15 5.51
N ALA B 334 2.46 4.78 4.53
CA ALA B 334 2.37 5.37 3.20
C ALA B 334 1.02 5.11 2.51
N THR B 335 0.53 3.90 2.63
CA THR B 335 -0.75 3.53 2.05
C THR B 335 -1.87 4.29 2.73
N ALA B 336 -1.84 4.38 4.07
CA ALA B 336 -2.92 5.06 4.82
C ALA B 336 -2.95 6.55 4.51
N ILE B 337 -1.80 7.19 4.51
CA ILE B 337 -1.72 8.61 4.09
C ILE B 337 -2.22 8.74 2.67
N GLY B 338 -1.73 7.87 1.77
CA GLY B 338 -2.18 7.91 0.34
C GLY B 338 -3.70 7.79 0.12
N LYS B 339 -4.32 6.96 0.91
CA LYS B 339 -5.77 6.76 0.83
C LYS B 339 -6.48 8.05 1.27
N TRP B 340 -5.99 8.68 2.32
CA TRP B 340 -6.63 9.90 2.85
C TRP B 340 -6.41 11.05 1.90
N MET B 341 -5.19 11.16 1.35
CA MET B 341 -4.91 12.22 0.39
CA MET B 341 -4.91 12.22 0.39
C MET B 341 -5.69 12.05 -0.93
N ASN B 342 -5.89 10.79 -1.35
CA ASN B 342 -6.60 10.59 -2.58
C ASN B 342 -8.04 11.11 -2.45
N ARG B 343 -8.62 10.95 -1.26
CA ARG B 343 -9.95 11.45 -0.97
C ARG B 343 -10.01 12.96 -0.64
N TYR B 344 -9.04 13.49 0.09
CA TYR B 344 -9.15 14.84 0.68
C TYR B 344 -8.11 15.82 0.27
N GLY B 345 -7.20 15.38 -0.57
CA GLY B 345 -6.05 16.16 -0.95
C GLY B 345 -6.30 17.44 -1.71
N LYS B 346 -7.53 17.67 -2.17
CA LYS B 346 -7.90 19.00 -2.68
C LYS B 346 -7.68 20.07 -1.61
N ALA B 347 -7.80 19.67 -0.35
CA ALA B 347 -7.57 20.59 0.77
C ALA B 347 -6.11 20.78 1.20
N VAL B 348 -5.18 20.08 0.53
CA VAL B 348 -3.77 20.06 0.87
C VAL B 348 -2.97 20.60 -0.29
N TYR B 349 -3.08 19.97 -1.44
CA TYR B 349 -2.24 20.37 -2.59
C TYR B 349 -2.57 21.78 -3.02
N ALA B 350 -1.55 22.59 -3.20
CA ALA B 350 -1.69 23.97 -3.66
C ALA B 350 -2.55 24.84 -2.73
N CYS B 351 -2.65 24.47 -1.46
CA CYS B 351 -3.40 25.26 -0.50
C CYS B 351 -2.47 26.06 0.36
N ASP B 352 -3.06 27.00 1.11
CA ASP B 352 -2.27 27.97 1.92
C ASP B 352 -3.10 28.40 3.12
N TYR B 353 -2.52 29.27 3.92
CA TYR B 353 -3.15 29.93 5.08
C TYR B 353 -4.44 30.66 4.68
N ALA B 354 -5.53 30.48 5.44
CA ALA B 354 -6.82 31.01 5.06
C ALA B 354 -7.19 32.36 5.72
N GLY B 355 -6.46 32.78 6.73
CA GLY B 355 -6.75 34.04 7.35
C GLY B 355 -7.91 34.05 8.32
N PHE B 356 -8.40 32.87 8.69
CA PHE B 356 -9.49 32.72 9.64
C PHE B 356 -8.96 32.39 11.04
N GLU B 357 -9.71 32.78 12.03
CA GLU B 357 -9.39 32.50 13.42
C GLU B 357 -9.50 30.98 13.65
N LYS B 358 -8.48 30.38 14.29
CA LYS B 358 -8.41 28.94 14.55
C LYS B 358 -9.53 28.43 15.43
N GLN B 359 -10.15 27.34 15.06
CA GLN B 359 -11.26 26.75 15.82
C GLN B 359 -10.87 25.34 16.24
N ASP B 360 -11.59 24.83 17.22
CA ASP B 360 -11.20 23.60 17.90
C ASP B 360 -11.42 22.32 17.08
N TRP B 361 -12.31 22.36 16.12
CA TRP B 361 -12.63 21.22 15.31
C TRP B 361 -11.52 20.78 14.38
N GLY B 362 -10.56 21.68 14.11
CA GLY B 362 -9.55 21.37 13.09
C GLY B 362 -8.91 22.56 12.43
N TYR B 363 -8.65 22.46 11.12
CA TYR B 363 -7.91 23.48 10.44
C TYR B 363 -8.61 23.98 9.24
N TYR B 364 -8.35 25.25 8.92
CA TYR B 364 -8.75 25.77 7.60
C TYR B 364 -7.59 25.73 6.63
N THR B 365 -7.88 25.47 5.35
CA THR B 365 -6.96 25.76 4.29
C THR B 365 -7.65 26.51 3.16
N ARG B 366 -6.87 27.27 2.40
CA ARG B 366 -7.36 28.10 1.31
C ARG B 366 -6.81 27.63 -0.02
N GLY B 367 -7.70 27.34 -0.97
CA GLY B 367 -7.31 26.91 -2.33
C GLY B 367 -6.85 28.09 -3.18
N LYS B 368 -6.38 27.78 -4.37
CA LYS B 368 -5.95 28.82 -5.33
C LYS B 368 -7.02 29.82 -5.77
N ASN B 369 -8.28 29.41 -5.75
CA ASN B 369 -9.38 30.27 -6.17
C ASN B 369 -10.28 30.65 -5.07
N ASP B 370 -9.67 30.90 -3.91
CA ASP B 370 -10.39 31.25 -2.70
C ASP B 370 -11.41 30.23 -2.16
N GLU B 371 -11.25 28.95 -2.46
CA GLU B 371 -11.99 27.91 -1.74
C GLU B 371 -11.46 27.92 -0.32
N VAL B 372 -12.33 27.73 0.67
CA VAL B 372 -11.91 27.61 2.07
C VAL B 372 -12.35 26.25 2.54
N TYR B 373 -11.38 25.41 2.88
CA TYR B 373 -11.66 24.07 3.29
C TYR B 373 -11.61 23.99 4.81
N MET B 374 -12.60 23.32 5.37
CA MET B 374 -12.61 23.03 6.82
C MET B 374 -12.17 21.57 6.93
N VAL B 375 -10.99 21.30 7.52
CA VAL B 375 -10.55 19.95 7.73
C VAL B 375 -10.81 19.58 9.19
N VAL B 376 -11.78 18.67 9.41
CA VAL B 376 -12.31 18.39 10.72
C VAL B 376 -11.62 17.17 11.31
N PHE B 377 -10.93 17.38 12.41
CA PHE B 377 -10.26 16.32 13.18
C PHE B 377 -10.96 15.94 14.49
N ASN B 378 -11.74 16.88 15.05
CA ASN B 378 -12.32 16.74 16.40
C ASN B 378 -13.80 17.09 16.29
N GLN B 379 -14.63 16.06 16.32
CA GLN B 379 -16.03 16.17 15.99
C GLN B 379 -16.80 16.68 17.21
N PRO B 380 -17.42 17.82 17.12
CA PRO B 380 -18.16 18.33 18.28
C PRO B 380 -19.44 17.58 18.57
N TYR B 381 -19.65 17.23 19.84
CA TYR B 381 -20.94 16.73 20.32
C TYR B 381 -22.12 17.68 20.06
N SER B 382 -21.86 19.01 20.04
CA SER B 382 -22.91 19.96 19.67
C SER B 382 -23.44 19.82 18.26
N GLU B 383 -22.72 19.12 17.39
CA GLU B 383 -23.04 18.89 15.98
C GLU B 383 -22.92 20.11 15.16
N ARG B 384 -22.17 21.06 15.68
CA ARG B 384 -22.05 22.36 15.03
C ARG B 384 -20.60 22.74 14.97
N LEU B 385 -20.13 23.12 13.79
CA LEU B 385 -18.73 23.50 13.61
C LEU B 385 -18.69 25.03 13.50
N ILE B 386 -18.05 25.68 14.46
CA ILE B 386 -18.10 27.14 14.58
C ILE B 386 -17.16 27.73 13.57
N VAL B 387 -17.65 28.70 12.83
CA VAL B 387 -16.89 29.38 11.78
C VAL B 387 -17.03 30.86 11.98
N LYS B 388 -15.96 31.47 12.45
CA LYS B 388 -15.93 32.89 12.65
C LYS B 388 -15.16 33.50 11.48
N THR B 389 -15.82 34.37 10.72
CA THR B 389 -15.25 34.92 9.48
C THR B 389 -14.51 36.21 9.78
N PRO B 390 -13.47 36.53 9.00
CA PRO B 390 -12.89 37.85 9.11
C PRO B 390 -13.88 38.91 8.62
N LYS B 391 -13.53 40.18 8.86
CA LYS B 391 -14.36 41.36 8.53
C LYS B 391 -14.66 41.34 7.01
N GLY B 392 -15.91 41.52 6.63
CA GLY B 392 -16.30 41.56 5.25
C GLY B 392 -16.49 40.23 4.53
N ILE B 393 -16.34 39.10 5.23
CA ILE B 393 -16.38 37.83 4.57
C ILE B 393 -17.65 37.16 5.01
N THR B 394 -18.36 36.55 4.07
CA THR B 394 -19.54 35.76 4.37
C THR B 394 -19.37 34.39 3.78
N VAL B 395 -20.17 33.46 4.26
CA VAL B 395 -20.15 32.11 3.82
C VAL B 395 -21.43 31.92 3.06
N GLU B 396 -21.33 31.62 1.78
CA GLU B 396 -22.53 31.44 0.93
C GLU B 396 -23.00 30.01 0.90
N LYS B 397 -22.08 29.07 1.02
CA LYS B 397 -22.41 27.67 0.86
C LYS B 397 -21.36 26.81 1.58
N ALA B 398 -21.80 25.65 2.06
CA ALA B 398 -20.94 24.62 2.52
C ALA B 398 -21.29 23.32 1.81
N THR B 399 -20.25 22.54 1.46
CA THR B 399 -20.41 21.30 0.72
C THR B 399 -19.47 20.21 1.27
N LEU B 400 -19.99 19.01 1.55
CA LEU B 400 -19.11 17.90 1.90
C LEU B 400 -18.28 17.48 0.67
N LEU B 401 -16.97 17.56 0.80
CA LEU B 401 -16.04 17.40 -0.32
C LEU B 401 -16.19 16.05 -1.01
N THR B 402 -16.35 14.97 -0.26
CA THR B 402 -16.41 13.65 -0.88
C THR B 402 -17.67 13.35 -1.69
N THR B 403 -18.82 13.72 -1.16
CA THR B 403 -20.11 13.39 -1.75
C THR B 403 -20.78 14.50 -2.53
N GLY B 404 -20.33 15.74 -2.39
CA GLY B 404 -21.03 16.88 -2.94
C GLY B 404 -22.31 17.32 -2.21
N GLU B 405 -22.70 16.64 -1.14
CA GLU B 405 -23.92 17.00 -0.45
C GLU B 405 -23.84 18.40 0.22
N ASP B 406 -24.98 19.05 0.28
CA ASP B 406 -25.06 20.38 0.80
C ASP B 406 -25.13 20.30 2.33
N ILE B 407 -24.47 21.27 2.99
CA ILE B 407 -24.34 21.29 4.45
C ILE B 407 -24.94 22.60 4.92
N THR B 408 -25.83 22.52 5.89
CA THR B 408 -26.54 23.69 6.39
C THR B 408 -25.57 24.63 7.06
N VAL B 409 -25.68 25.91 6.73
CA VAL B 409 -24.95 26.98 7.38
C VAL B 409 -25.97 27.92 8.06
N VAL B 410 -25.85 28.12 9.37
CA VAL B 410 -26.74 28.95 10.15
C VAL B 410 -25.94 30.13 10.67
N GLU B 411 -26.39 31.35 10.43
CA GLU B 411 -25.77 32.53 11.00
C GLU B 411 -26.12 32.60 12.46
N THR B 412 -25.14 32.78 13.32
CA THR B 412 -25.40 32.87 14.77
C THR B 412 -25.18 34.29 15.29
N THR B 413 -24.25 35.00 14.70
CA THR B 413 -24.01 36.40 15.02
C THR B 413 -23.49 37.03 13.75
N ARG B 414 -23.27 38.32 13.81
CA ARG B 414 -22.44 39.00 12.83
C ARG B 414 -21.08 38.33 12.85
N ASN B 415 -20.58 37.95 11.71
CA ASN B 415 -19.25 37.29 11.64
C ASN B 415 -19.12 35.86 12.20
N GLU B 416 -20.22 35.18 12.50
CA GLU B 416 -20.13 33.83 12.96
C GLU B 416 -21.25 32.97 12.49
N TYR B 417 -20.91 31.74 12.15
CA TYR B 417 -21.86 30.73 11.75
C TYR B 417 -21.64 29.38 12.44
N ASN B 418 -22.68 28.57 12.46
CA ASN B 418 -22.62 27.19 12.84
C ASN B 418 -22.77 26.43 11.53
N VAL B 419 -21.76 25.66 11.14
CA VAL B 419 -21.80 24.80 9.98
C VAL B 419 -22.12 23.42 10.56
N SER B 420 -23.18 22.78 10.08
CA SER B 420 -23.59 21.51 10.62
C SER B 420 -22.58 20.44 10.23
N VAL B 421 -22.42 19.47 11.10
CA VAL B 421 -21.68 18.28 10.75
C VAL B 421 -22.50 17.56 9.70
N PRO B 422 -21.88 16.68 8.93
CA PRO B 422 -22.64 15.87 7.98
C PRO B 422 -23.66 14.99 8.68
N LYS B 423 -24.73 14.64 7.97
CA LYS B 423 -25.82 13.84 8.55
C LYS B 423 -25.31 12.48 8.98
N LYS B 424 -24.45 11.90 8.15
CA LYS B 424 -23.73 10.68 8.53
C LYS B 424 -22.30 10.99 8.91
N ASN B 425 -21.93 10.60 10.11
CA ASN B 425 -20.57 10.80 10.59
C ASN B 425 -19.52 10.15 9.66
N PRO B 426 -18.60 10.94 9.05
CA PRO B 426 -17.68 10.32 8.11
C PRO B 426 -16.73 9.29 8.69
N GLY B 427 -16.59 9.25 10.02
CA GLY B 427 -15.79 8.18 10.68
C GLY B 427 -14.26 8.37 10.53
N GLU B 428 -13.82 9.50 9.98
CA GLU B 428 -12.39 9.83 9.80
C GLU B 428 -12.28 11.35 9.68
N PRO B 429 -11.08 11.91 9.78
CA PRO B 429 -10.99 13.34 9.51
C PRO B 429 -11.53 13.65 8.15
N TYR B 430 -12.35 14.70 8.02
CA TYR B 430 -13.03 14.99 6.76
C TYR B 430 -12.97 16.45 6.36
N VAL B 431 -13.42 16.73 5.14
CA VAL B 431 -13.40 18.09 4.64
C VAL B 431 -14.78 18.59 4.26
N ILE B 432 -15.08 19.81 4.70
CA ILE B 432 -16.21 20.59 4.23
C ILE B 432 -15.63 21.77 3.45
N GLN B 433 -16.10 21.95 2.21
CA GLN B 433 -15.67 23.06 1.37
C GLN B 433 -16.67 24.22 1.48
N LEU B 434 -16.15 25.42 1.74
CA LEU B 434 -16.96 26.60 1.89
C LEU B 434 -16.77 27.45 0.65
N LYS B 435 -17.88 28.06 0.23
CA LYS B 435 -17.84 29.14 -0.73
C LYS B 435 -17.99 30.43 0.07
N VAL B 436 -17.04 31.34 -0.09
CA VAL B 436 -17.05 32.59 0.62
C VAL B 436 -17.15 33.78 -0.35
N ARG B 437 -17.65 34.90 0.12
CA ARG B 437 -17.69 36.13 -0.65
C ARG B 437 -17.05 37.23 0.19
N ALA B 438 -16.24 38.08 -0.44
CA ALA B 438 -15.68 39.30 0.18
C ALA B 438 -16.50 40.56 -0.27
N ALA B 439 -17.01 41.35 0.66
CA ALA B 439 -17.72 42.61 0.33
C ALA B 439 -16.83 43.66 -0.41
N LYS B 440 -17.42 44.37 -1.38
CA LYS B 440 -16.69 45.40 -2.18
C LYS B 440 -16.00 46.45 -1.30
N TYR B 446 -8.96 38.01 0.16
CA TYR B 446 -10.03 37.40 -0.70
C TYR B 446 -10.61 38.32 -1.80
N ALA C 1 -8.10 -56.82 -9.81
CA ALA C 1 -8.05 -57.37 -8.41
C ALA C 1 -8.48 -56.34 -7.32
N GLU C 2 -9.78 -55.96 -7.30
CA GLU C 2 -10.28 -54.95 -6.35
C GLU C 2 -10.12 -55.58 -4.98
N ILE C 3 -9.39 -54.93 -4.07
CA ILE C 3 -9.33 -55.34 -2.65
C ILE C 3 -10.73 -55.05 -2.08
N PRO C 4 -11.28 -55.98 -1.24
CA PRO C 4 -12.57 -55.68 -0.56
C PRO C 4 -12.38 -54.60 0.54
N LEU C 5 -13.22 -53.57 0.56
CA LEU C 5 -13.08 -52.48 1.55
C LEU C 5 -14.44 -52.10 2.05
N LYS C 6 -14.57 -51.92 3.36
CA LYS C 6 -15.79 -51.33 3.97
C LYS C 6 -15.72 -49.80 4.11
N TYR C 7 -14.49 -49.25 4.21
CA TYR C 7 -14.28 -47.83 4.54
C TYR C 7 -13.47 -47.12 3.47
N GLY C 8 -13.63 -47.56 2.22
CA GLY C 8 -12.95 -46.99 1.06
C GLY C 8 -13.83 -45.96 0.38
N ALA C 9 -13.57 -45.69 -0.90
CA ALA C 9 -14.23 -44.63 -1.61
C ALA C 9 -15.73 -44.87 -1.78
N THR C 10 -16.51 -43.79 -1.76
CA THR C 10 -17.97 -43.83 -1.93
C THR C 10 -18.34 -43.30 -3.32
N ASN C 11 -17.98 -42.03 -3.61
CA ASN C 11 -18.22 -41.39 -4.93
C ASN C 11 -17.51 -42.14 -6.08
N GLU C 12 -18.13 -42.20 -7.26
CA GLU C 12 -17.54 -42.83 -8.45
C GLU C 12 -16.66 -41.82 -9.20
N GLY C 13 -17.26 -40.77 -9.73
CA GLY C 13 -16.52 -39.65 -10.35
C GLY C 13 -16.73 -38.35 -9.57
N LYS C 14 -16.79 -37.24 -10.29
CA LYS C 14 -17.07 -35.93 -9.70
C LYS C 14 -18.52 -35.82 -9.31
N ARG C 15 -18.78 -35.32 -8.12
CA ARG C 15 -20.15 -34.90 -7.76
C ARG C 15 -20.62 -33.82 -8.72
N GLN C 16 -21.89 -33.92 -9.17
CA GLN C 16 -22.44 -32.91 -10.08
C GLN C 16 -23.73 -32.28 -9.57
N ASP C 17 -24.02 -32.47 -8.30
CA ASP C 17 -25.10 -31.73 -7.67
C ASP C 17 -24.79 -30.24 -7.64
N PRO C 18 -25.83 -29.40 -7.45
CA PRO C 18 -25.55 -27.95 -7.43
C PRO C 18 -24.56 -27.46 -6.38
N ALA C 19 -24.54 -28.07 -5.18
CA ALA C 19 -23.65 -27.62 -4.10
C ALA C 19 -22.16 -27.83 -4.44
N MET C 20 -21.84 -28.97 -5.05
CA MET C 20 -20.50 -29.21 -5.53
C MET C 20 -20.16 -28.30 -6.68
N GLN C 21 -21.11 -28.04 -7.57
CA GLN C 21 -20.87 -27.17 -8.76
C GLN C 21 -20.54 -25.75 -8.29
N LYS C 22 -21.14 -25.34 -7.18
CA LYS C 22 -20.87 -24.06 -6.55
C LYS C 22 -19.48 -24.03 -5.88
N PHE C 23 -19.17 -25.12 -5.20
CA PHE C 23 -17.83 -25.31 -4.60
C PHE C 23 -16.77 -25.10 -5.67
N ARG C 24 -16.99 -25.76 -6.81
CA ARG C 24 -16.07 -25.77 -7.95
C ARG C 24 -16.02 -24.42 -8.61
N ASP C 25 -17.18 -23.87 -8.94
CA ASP C 25 -17.22 -22.62 -9.70
C ASP C 25 -16.64 -21.42 -8.96
N ASN C 26 -16.75 -21.44 -7.65
CA ASN C 26 -16.16 -20.42 -6.79
C ASN C 26 -14.71 -20.18 -7.15
N ARG C 27 -13.96 -21.28 -7.28
CA ARG C 27 -12.54 -21.36 -7.66
C ARG C 27 -11.50 -20.74 -6.73
N LEU C 28 -11.71 -19.49 -6.33
CA LEU C 28 -10.76 -18.75 -5.53
C LEU C 28 -11.32 -18.56 -4.11
N GLY C 29 -10.55 -19.03 -3.13
CA GLY C 29 -10.85 -18.85 -1.76
C GLY C 29 -9.71 -18.19 -0.96
N ALA C 30 -10.02 -17.79 0.29
CA ALA C 30 -9.01 -17.41 1.25
C ALA C 30 -9.03 -18.38 2.38
N PHE C 31 -7.86 -18.55 3.00
CA PHE C 31 -7.74 -19.38 4.22
C PHE C 31 -7.52 -18.37 5.35
N ILE C 32 -8.11 -18.62 6.52
CA ILE C 32 -7.81 -17.86 7.72
C ILE C 32 -7.30 -18.75 8.77
N HIS C 33 -6.06 -18.50 9.21
CA HIS C 33 -5.46 -19.22 10.34
C HIS C 33 -5.38 -18.23 11.46
N TRP C 34 -6.25 -18.41 12.45
CA TRP C 34 -6.27 -17.59 13.64
C TRP C 34 -6.52 -18.43 14.83
N GLY C 35 -5.65 -18.26 15.81
CA GLY C 35 -5.67 -19.02 17.04
C GLY C 35 -4.70 -18.36 18.00
N LEU C 36 -4.48 -19.00 19.13
CA LEU C 36 -3.64 -18.44 20.20
C LEU C 36 -2.18 -18.22 19.75
N TYR C 37 -1.71 -19.03 18.80
CA TYR C 37 -0.41 -18.81 18.12
C TYR C 37 -0.17 -17.39 17.62
N ALA C 38 -1.23 -16.64 17.34
CA ALA C 38 -1.05 -15.30 16.85
C ALA C 38 -0.43 -14.36 17.91
N ILE C 39 -0.61 -14.68 19.20
CA ILE C 39 -0.14 -13.84 20.29
C ILE C 39 1.40 -13.83 20.37
N PRO C 40 2.03 -14.98 20.60
CA PRO C 40 3.49 -14.98 20.46
C PRO C 40 4.09 -14.70 19.05
N GLY C 41 3.32 -15.00 17.98
CA GLY C 41 3.75 -14.66 16.61
C GLY C 41 5.09 -15.26 16.20
N GLY C 42 5.34 -16.49 16.63
CA GLY C 42 6.56 -17.19 16.31
C GLY C 42 7.74 -17.00 17.26
N GLU C 43 7.55 -16.18 18.29
CA GLU C 43 8.56 -15.95 19.29
C GLU C 43 8.10 -16.56 20.61
N TRP C 44 8.93 -17.40 21.22
CA TRP C 44 8.67 -17.85 22.56
C TRP C 44 9.83 -17.46 23.50
N ASN C 45 9.48 -16.76 24.59
CA ASN C 45 10.43 -16.45 25.67
C ASN C 45 11.73 -15.79 25.09
N GLY C 46 11.54 -14.75 24.30
CA GLY C 46 12.66 -14.05 23.64
C GLY C 46 13.37 -14.71 22.45
N LYS C 47 13.05 -15.96 22.13
CA LYS C 47 13.59 -16.61 20.94
C LYS C 47 12.56 -16.72 19.78
N VAL C 48 12.91 -16.15 18.63
CA VAL C 48 12.14 -16.22 17.39
C VAL C 48 12.43 -17.55 16.66
N TYR C 49 11.43 -18.39 16.47
CA TYR C 49 11.62 -19.65 15.74
C TYR C 49 11.20 -19.47 14.27
N GLY C 50 11.97 -20.05 13.37
CA GLY C 50 11.78 -19.89 11.93
C GLY C 50 10.69 -20.79 11.37
N GLY C 51 10.40 -21.89 12.05
CA GLY C 51 9.31 -22.80 11.67
C GLY C 51 7.94 -22.10 11.70
N ALA C 52 6.94 -22.77 11.16
CA ALA C 52 5.58 -22.22 11.08
C ALA C 52 5.07 -21.76 12.45
N ALA C 53 4.65 -20.50 12.53
CA ALA C 53 4.22 -19.90 13.82
C ALA C 53 3.09 -20.66 14.51
N GLU C 54 2.19 -21.24 13.74
CA GLU C 54 1.11 -22.08 14.33
C GLU C 54 1.55 -23.39 14.96
N TRP C 55 2.77 -23.81 14.64
CA TRP C 55 3.45 -24.91 15.33
C TRP C 55 4.44 -24.47 16.45
N LEU C 56 4.42 -23.20 16.88
CA LEU C 56 5.37 -22.74 17.92
C LEU C 56 5.31 -23.57 19.18
N LYS C 57 4.09 -24.00 19.60
CA LYS C 57 3.96 -24.90 20.75
C LYS C 57 4.95 -26.06 20.63
N SER C 58 5.08 -26.61 19.43
CA SER C 58 6.01 -27.73 19.19
C SER C 58 7.46 -27.25 19.16
N TRP C 59 7.77 -26.22 18.39
CA TRP C 59 9.18 -25.81 18.21
C TRP C 59 9.82 -25.45 19.55
N ALA C 60 9.08 -24.74 20.39
CA ALA C 60 9.56 -24.26 21.68
C ALA C 60 9.23 -25.19 22.83
N LYS C 61 8.65 -26.37 22.53
CA LYS C 61 8.40 -27.42 23.52
C LYS C 61 7.57 -26.95 24.73
N VAL C 62 6.56 -26.16 24.45
CA VAL C 62 5.74 -25.54 25.46
C VAL C 62 4.67 -26.55 25.84
N PRO C 63 4.51 -26.85 27.13
CA PRO C 63 3.43 -27.76 27.53
C PRO C 63 2.03 -27.13 27.43
N ALA C 64 1.03 -28.00 27.28
CA ALA C 64 -0.35 -27.60 27.01
C ALA C 64 -0.88 -26.55 27.97
N ASP C 65 -0.71 -26.81 29.28
CA ASP C 65 -1.21 -25.95 30.33
C ASP C 65 -0.66 -24.56 30.16
N GLU C 66 0.63 -24.48 29.88
CA GLU C 66 1.24 -23.15 29.69
C GLU C 66 0.86 -22.49 28.37
N TRP C 67 0.80 -23.29 27.28
CA TRP C 67 0.41 -22.75 25.96
C TRP C 67 -1.01 -22.17 26.03
N LEU C 68 -1.91 -22.94 26.64
CA LEU C 68 -3.33 -22.54 26.67
C LEU C 68 -3.58 -21.36 27.57
N LYS C 69 -2.63 -21.06 28.48
CA LYS C 69 -2.68 -19.84 29.28
C LYS C 69 -2.64 -18.57 28.42
N LEU C 70 -2.23 -18.68 27.15
CA LEU C 70 -2.38 -17.57 26.22
C LEU C 70 -3.83 -17.06 26.11
N MET C 71 -4.81 -17.94 26.38
CA MET C 71 -6.25 -17.55 26.45
C MET C 71 -6.52 -16.32 27.28
N ASP C 72 -5.74 -16.14 28.34
CA ASP C 72 -5.83 -14.98 29.20
C ASP C 72 -5.42 -13.69 28.52
N GLN C 73 -4.65 -13.75 27.44
CA GLN C 73 -4.34 -12.55 26.63
C GLN C 73 -5.15 -12.40 25.35
N TRP C 74 -6.07 -13.32 25.11
CA TRP C 74 -6.85 -13.30 23.89
C TRP C 74 -7.93 -12.26 24.01
N ASN C 75 -7.72 -11.14 23.34
CA ASN C 75 -8.59 -10.02 23.42
C ASN C 75 -8.38 -9.12 22.19
N PRO C 76 -8.79 -9.62 20.98
CA PRO C 76 -8.51 -8.89 19.74
C PRO C 76 -9.41 -7.67 19.60
N THR C 77 -8.96 -6.57 20.20
CA THR C 77 -9.78 -5.34 20.25
C THR C 77 -10.06 -4.79 18.86
N LYS C 78 -9.14 -4.93 17.90
CA LYS C 78 -9.41 -4.42 16.55
C LYS C 78 -10.25 -5.37 15.65
N PHE C 79 -10.67 -6.52 16.15
CA PHE C 79 -11.47 -7.45 15.34
C PHE C 79 -12.81 -6.88 14.89
N ASP C 80 -13.09 -6.93 13.61
CA ASP C 80 -14.34 -6.48 13.08
C ASP C 80 -14.74 -7.41 11.93
N ALA C 81 -15.68 -8.30 12.19
CA ALA C 81 -16.03 -9.34 11.19
C ALA C 81 -16.47 -8.75 9.86
N LYS C 82 -17.18 -7.62 9.91
CA LYS C 82 -17.63 -6.90 8.70
C LYS C 82 -16.47 -6.40 7.85
N LYS C 83 -15.45 -5.90 8.51
CA LYS C 83 -14.21 -5.51 7.85
C LYS C 83 -13.51 -6.69 7.15
N TRP C 84 -13.40 -7.81 7.88
CA TRP C 84 -12.78 -9.01 7.33
C TRP C 84 -13.50 -9.40 6.04
N ALA C 85 -14.85 -9.35 6.06
CA ALA C 85 -15.66 -9.82 4.94
C ALA C 85 -15.53 -8.88 3.76
N LYS C 86 -15.40 -7.58 4.05
CA LYS C 86 -15.18 -6.63 3.01
C LYS C 86 -13.83 -6.86 2.37
N MET C 87 -12.82 -7.13 3.16
CA MET C 87 -11.49 -7.43 2.59
C MET C 87 -11.52 -8.68 1.66
N ALA C 88 -12.19 -9.75 2.08
CA ALA C 88 -12.38 -10.94 1.24
C ALA C 88 -13.16 -10.66 -0.04
N LYS C 89 -14.22 -9.85 0.06
CA LYS C 89 -14.98 -9.41 -1.13
C LYS C 89 -14.13 -8.64 -2.15
N GLU C 90 -13.41 -7.66 -1.64
CA GLU C 90 -12.52 -6.82 -2.43
C GLU C 90 -11.40 -7.63 -3.10
N MET C 91 -10.89 -8.65 -2.39
CA MET C 91 -9.93 -9.60 -3.00
C MET C 91 -10.50 -10.42 -4.17
N GLY C 92 -11.81 -10.64 -4.21
CA GLY C 92 -12.42 -11.48 -5.21
C GLY C 92 -12.54 -12.92 -4.78
N THR C 93 -12.39 -13.20 -3.49
CA THR C 93 -12.60 -14.57 -2.97
C THR C 93 -14.10 -14.89 -2.86
N LYS C 94 -14.51 -16.06 -3.34
CA LYS C 94 -15.89 -16.48 -3.30
C LYS C 94 -16.18 -17.31 -2.05
N TYR C 95 -15.12 -17.73 -1.36
CA TYR C 95 -15.22 -18.49 -0.14
C TYR C 95 -14.04 -18.30 0.76
N VAL C 96 -14.27 -18.56 2.05
CA VAL C 96 -13.25 -18.49 3.08
C VAL C 96 -13.28 -19.76 3.91
N LYS C 97 -12.09 -20.34 4.11
CA LYS C 97 -11.92 -21.51 4.95
C LYS C 97 -11.33 -20.99 6.27
N ILE C 98 -11.99 -21.30 7.39
CA ILE C 98 -11.60 -20.76 8.69
C ILE C 98 -11.15 -21.85 9.60
N THR C 99 -10.03 -21.62 10.29
CA THR C 99 -9.62 -22.52 11.37
C THR C 99 -10.54 -22.43 12.57
N THR C 100 -11.43 -23.40 12.71
CA THR C 100 -12.34 -23.47 13.85
C THR C 100 -11.58 -23.88 15.08
N LYS C 101 -10.65 -24.80 14.88
CA LYS C 101 -9.78 -25.34 15.93
C LYS C 101 -8.50 -25.86 15.21
N HIS C 102 -7.31 -25.33 15.55
CA HIS C 102 -6.04 -25.85 15.00
C HIS C 102 -5.49 -26.89 15.93
N HIS C 103 -4.26 -27.36 15.69
CA HIS C 103 -3.66 -28.43 16.54
C HIS C 103 -3.62 -28.09 18.03
N GLU C 104 -3.39 -26.80 18.34
CA GLU C 104 -3.39 -26.28 19.71
C GLU C 104 -4.70 -26.56 20.49
N GLY C 105 -5.85 -26.71 19.79
CA GLY C 105 -7.10 -27.14 20.44
C GLY C 105 -8.01 -26.01 20.89
N PHE C 106 -7.50 -24.79 20.87
CA PHE C 106 -8.32 -23.60 21.13
C PHE C 106 -9.41 -23.42 20.09
N CYS C 107 -10.65 -23.37 20.55
CA CYS C 107 -11.80 -23.32 19.63
C CYS C 107 -12.20 -21.89 19.42
N LEU C 108 -12.41 -21.50 18.18
CA LEU C 108 -12.96 -20.18 17.92
C LEU C 108 -14.51 -20.02 18.09
N TRP C 109 -15.18 -21.07 18.55
CA TRP C 109 -16.59 -21.00 18.88
C TRP C 109 -16.70 -21.52 20.28
N PRO C 110 -17.78 -21.16 21.02
CA PRO C 110 -17.87 -21.57 22.42
C PRO C 110 -18.34 -23.03 22.54
N SER C 111 -17.46 -23.98 22.30
CA SER C 111 -17.83 -25.35 22.39
C SER C 111 -18.23 -25.65 23.83
N LYS C 112 -19.19 -26.55 23.98
CA LYS C 112 -19.56 -27.01 25.32
C LYS C 112 -18.77 -28.24 25.66
N TYR C 113 -17.92 -28.74 24.76
CA TYR C 113 -17.20 -29.96 25.03
C TYR C 113 -15.73 -29.77 25.49
N THR C 114 -15.31 -28.53 25.71
CA THR C 114 -14.02 -28.23 26.28
C THR C 114 -14.05 -26.81 26.86
N LYS C 115 -13.19 -26.54 27.82
CA LYS C 115 -13.03 -25.18 28.31
C LYS C 115 -12.11 -24.34 27.47
N TYR C 116 -11.38 -24.94 26.53
CA TYR C 116 -10.39 -24.16 25.75
C TYR C 116 -11.05 -23.55 24.55
N THR C 117 -11.83 -22.50 24.81
CA THR C 117 -12.58 -21.81 23.80
C THR C 117 -12.62 -20.32 24.04
N VAL C 118 -13.00 -19.58 23.01
CA VAL C 118 -13.17 -18.16 23.06
C VAL C 118 -14.03 -17.65 24.22
N ALA C 119 -14.95 -18.48 24.73
CA ALA C 119 -15.85 -18.08 25.83
C ALA C 119 -15.08 -17.82 27.13
N ASN C 120 -13.98 -18.54 27.33
CA ASN C 120 -13.16 -18.37 28.50
C ASN C 120 -11.94 -17.51 28.27
N THR C 121 -12.10 -16.48 27.48
CA THR C 121 -11.07 -15.51 27.24
C THR C 121 -11.66 -14.18 27.61
N PRO C 122 -10.84 -13.16 27.85
CA PRO C 122 -11.39 -11.81 28.03
C PRO C 122 -12.38 -11.37 26.93
N TYR C 123 -12.12 -11.78 25.68
CA TYR C 123 -12.92 -11.35 24.56
C TYR C 123 -14.31 -11.97 24.64
N LYS C 124 -14.42 -13.22 25.10
CA LYS C 124 -15.71 -13.89 25.37
C LYS C 124 -16.57 -14.26 24.10
N ARG C 125 -16.52 -13.45 23.06
CA ARG C 125 -17.45 -13.57 21.95
C ARG C 125 -17.21 -14.76 20.98
N ASP C 126 -18.30 -15.22 20.37
CA ASP C 126 -18.30 -16.26 19.38
C ASP C 126 -17.76 -15.68 18.07
N ILE C 127 -16.44 -15.67 17.95
CA ILE C 127 -15.71 -15.18 16.74
C ILE C 127 -16.15 -15.92 15.51
N LEU C 128 -16.19 -17.24 15.60
CA LEU C 128 -16.59 -18.05 14.45
C LEU C 128 -18.01 -17.68 13.97
N GLY C 129 -18.96 -17.56 14.88
CA GLY C 129 -20.32 -17.10 14.50
C GLY C 129 -20.36 -15.72 13.90
N GLU C 130 -19.56 -14.79 14.44
CA GLU C 130 -19.50 -13.46 13.83
C GLU C 130 -18.97 -13.49 12.40
N LEU C 131 -17.92 -14.31 12.17
CA LEU C 131 -17.40 -14.47 10.85
C LEU C 131 -18.39 -15.13 9.91
N VAL C 132 -19.06 -16.17 10.35
CA VAL C 132 -20.02 -16.88 9.49
C VAL C 132 -21.09 -15.94 8.93
N LYS C 133 -21.66 -15.18 9.86
CA LYS C 133 -22.64 -14.14 9.53
C LYS C 133 -22.05 -13.12 8.56
N ALA C 134 -20.87 -12.56 8.88
CA ALA C 134 -20.34 -11.41 8.09
C ALA C 134 -19.94 -11.84 6.69
N TYR C 135 -19.31 -12.99 6.59
CA TYR C 135 -19.01 -13.53 5.25
C TYR C 135 -20.29 -13.88 4.49
N ASN C 136 -21.22 -14.59 5.13
CA ASN C 136 -22.49 -14.90 4.43
C ASN C 136 -23.22 -13.61 3.96
N ASP C 137 -23.19 -12.55 4.77
CA ASP C 137 -23.82 -11.26 4.33
C ASP C 137 -23.19 -10.67 3.09
N GLU C 138 -21.92 -11.01 2.79
CA GLU C 138 -21.32 -10.60 1.52
C GLU C 138 -21.51 -11.59 0.39
N GLY C 139 -22.32 -12.63 0.57
CA GLY C 139 -22.43 -13.70 -0.42
C GLY C 139 -21.18 -14.57 -0.56
N ILE C 140 -20.40 -14.69 0.51
CA ILE C 140 -19.20 -15.52 0.56
C ILE C 140 -19.48 -16.82 1.32
N ASP C 141 -19.23 -17.98 0.71
CA ASP C 141 -19.40 -19.25 1.37
C ASP C 141 -18.34 -19.39 2.47
N VAL C 142 -18.69 -20.16 3.52
CA VAL C 142 -17.81 -20.43 4.60
C VAL C 142 -17.55 -21.94 4.68
N HIS C 143 -16.27 -22.29 4.72
CA HIS C 143 -15.77 -23.64 4.94
C HIS C 143 -15.09 -23.70 6.29
N PHE C 144 -15.21 -24.83 6.98
CA PHE C 144 -14.59 -25.04 8.27
C PHE C 144 -13.34 -25.96 8.20
N TYR C 145 -12.18 -25.38 8.52
CA TYR C 145 -10.98 -26.17 8.79
C TYR C 145 -11.15 -26.75 10.20
N PHE C 146 -10.77 -28.00 10.38
CA PHE C 146 -10.85 -28.66 11.67
C PHE C 146 -9.66 -29.60 11.82
N SER C 147 -8.87 -29.40 12.87
CA SER C 147 -7.79 -30.31 13.17
C SER C 147 -8.26 -31.43 14.08
N VAL C 148 -8.13 -32.66 13.63
CA VAL C 148 -8.48 -33.78 14.43
C VAL C 148 -7.46 -33.88 15.55
N MET C 149 -6.18 -33.91 15.23
CA MET C 149 -5.12 -33.86 16.23
C MET C 149 -5.34 -32.64 17.14
N ASP C 150 -5.33 -32.90 18.45
CA ASP C 150 -5.69 -31.88 19.44
C ASP C 150 -4.76 -31.96 20.66
N TRP C 151 -3.85 -30.99 20.72
CA TRP C 151 -2.80 -30.95 21.73
C TRP C 151 -3.33 -30.48 23.10
N SER C 152 -4.60 -30.06 23.16
CA SER C 152 -5.23 -29.60 24.40
C SER C 152 -6.00 -30.69 25.09
N ASN C 153 -6.31 -31.76 24.40
CA ASN C 153 -7.10 -32.81 25.04
C ASN C 153 -6.20 -33.96 25.43
N PRO C 154 -6.12 -34.25 26.77
CA PRO C 154 -5.25 -35.34 27.20
C PRO C 154 -5.68 -36.74 26.75
N ASP C 155 -6.90 -36.92 26.28
CA ASP C 155 -7.30 -38.20 25.64
C ASP C 155 -6.80 -38.41 24.19
N TYR C 156 -6.17 -37.39 23.58
CA TYR C 156 -5.59 -37.60 22.27
C TYR C 156 -4.44 -38.61 22.36
N ARG C 157 -4.29 -39.45 21.34
CA ARG C 157 -3.18 -40.35 21.23
C ARG C 157 -2.57 -40.30 19.80
N TYR C 158 -1.23 -40.32 19.75
CA TYR C 158 -0.44 -40.40 18.50
C TYR C 158 -0.42 -41.81 17.94
N ASP C 159 -0.48 -42.80 18.83
CA ASP C 159 -0.65 -44.18 18.43
C ASP C 159 -1.39 -44.98 19.54
N ILE C 160 -1.88 -46.16 19.17
CA ILE C 160 -2.56 -47.05 20.08
C ILE C 160 -1.62 -48.19 20.49
N LYS C 161 -0.90 -48.01 21.59
CA LYS C 161 0.09 -49.00 22.07
C LYS C 161 -0.35 -49.78 23.38
N SER C 162 -1.58 -49.58 23.85
CA SER C 162 -2.13 -50.24 25.08
C SER C 162 -3.66 -50.14 25.12
N LYS C 163 -4.32 -50.99 25.91
CA LYS C 163 -5.77 -50.94 26.17
C LYS C 163 -6.18 -49.56 26.76
N GLU C 164 -5.29 -48.95 27.54
CA GLU C 164 -5.48 -47.59 28.13
C GLU C 164 -5.52 -46.52 27.00
N ASP C 165 -4.62 -46.65 26.02
CA ASP C 165 -4.61 -45.79 24.83
C ASP C 165 -5.94 -45.92 24.09
N SER C 166 -6.38 -47.14 23.87
CA SER C 166 -7.65 -47.38 23.17
CA SER C 166 -7.66 -47.41 23.19
C SER C 166 -8.86 -46.76 23.87
N ILE C 167 -8.88 -46.82 25.21
CA ILE C 167 -9.97 -46.26 26.01
C ILE C 167 -10.02 -44.76 25.89
N ALA C 168 -8.87 -44.13 26.13
CA ALA C 168 -8.73 -42.69 25.99
C ALA C 168 -9.07 -42.23 24.58
N PHE C 169 -8.54 -42.91 23.56
CA PHE C 169 -8.76 -42.49 22.15
C PHE C 169 -10.21 -42.63 21.74
N SER C 170 -10.87 -43.68 22.23
CA SER C 170 -12.30 -43.89 21.95
C SER C 170 -13.15 -42.74 22.47
N ARG C 171 -12.85 -42.29 23.68
CA ARG C 171 -13.42 -41.09 24.24
C ARG C 171 -13.11 -39.83 23.42
N PHE C 172 -11.84 -39.68 23.01
CA PHE C 172 -11.42 -38.59 22.11
C PHE C 172 -12.25 -38.52 20.80
N LEU C 173 -12.46 -39.66 20.15
CA LEU C 173 -13.22 -39.70 18.90
C LEU C 173 -14.67 -39.31 19.11
N GLU C 174 -15.22 -39.64 20.27
CA GLU C 174 -16.58 -39.22 20.63
C GLU C 174 -16.62 -37.72 20.85
N PHE C 175 -15.64 -37.21 21.59
CA PHE C 175 -15.46 -35.78 21.77
C PHE C 175 -15.38 -35.10 20.45
N THR C 176 -14.66 -35.68 19.51
CA THR C 176 -14.47 -35.08 18.17
C THR C 176 -15.78 -35.03 17.39
N ASP C 177 -16.49 -36.16 17.37
CA ASP C 177 -17.81 -36.25 16.81
C ASP C 177 -18.73 -35.19 17.39
N ASN C 178 -18.66 -35.00 18.69
CA ASN C 178 -19.50 -34.03 19.40
C ASN C 178 -19.23 -32.63 18.96
N GLN C 179 -17.95 -32.27 18.86
CA GLN C 179 -17.57 -30.96 18.33
C GLN C 179 -18.02 -30.76 16.92
N LEU C 180 -17.84 -31.78 16.09
CA LEU C 180 -18.23 -31.69 14.71
C LEU C 180 -19.76 -31.51 14.55
N LYS C 181 -20.55 -32.31 15.29
CA LYS C 181 -22.01 -32.19 15.26
C LYS C 181 -22.43 -30.80 15.71
N GLU C 182 -21.77 -30.31 16.74
CA GLU C 182 -22.01 -28.97 17.29
C GLU C 182 -21.76 -27.88 16.27
N LEU C 183 -20.65 -27.96 15.57
CA LEU C 183 -20.36 -27.02 14.47
C LEU C 183 -21.44 -27.08 13.37
N ALA C 184 -21.82 -28.29 12.96
CA ALA C 184 -22.77 -28.49 11.86
C ALA C 184 -24.14 -27.89 12.19
N THR C 185 -24.54 -27.96 13.46
CA THR C 185 -25.87 -27.55 13.89
C THR C 185 -25.88 -26.12 14.42
N ARG C 186 -24.81 -25.64 15.05
CA ARG C 186 -24.71 -24.21 15.36
C ARG C 186 -24.58 -23.36 14.15
N TYR C 187 -23.92 -23.82 13.09
CA TYR C 187 -23.64 -22.99 11.86
C TYR C 187 -24.05 -23.75 10.60
N PRO C 188 -25.37 -23.88 10.37
CA PRO C 188 -25.84 -24.76 9.28
C PRO C 188 -25.56 -24.25 7.86
N THR C 189 -25.11 -23.01 7.69
CA THR C 189 -24.70 -22.54 6.35
C THR C 189 -23.29 -23.04 5.91
N VAL C 190 -22.55 -23.70 6.79
CA VAL C 190 -21.25 -24.29 6.44
C VAL C 190 -21.35 -25.12 5.16
N LYS C 191 -20.43 -24.91 4.21
CA LYS C 191 -20.41 -25.66 2.96
C LYS C 191 -19.39 -26.78 2.84
N ASP C 192 -18.48 -26.87 3.79
CA ASP C 192 -17.33 -27.77 3.64
C ASP C 192 -16.69 -27.94 4.98
N PHE C 193 -16.20 -29.15 5.25
CA PHE C 193 -15.29 -29.40 6.35
C PHE C 193 -13.98 -29.86 5.75
N TRP C 194 -12.91 -29.14 6.08
CA TRP C 194 -11.55 -29.44 5.60
C TRP C 194 -10.71 -29.93 6.77
N PHE C 195 -10.59 -31.25 6.87
CA PHE C 195 -9.89 -31.90 7.95
C PHE C 195 -8.37 -31.85 7.75
N ASP C 196 -7.68 -31.61 8.86
CA ASP C 196 -6.22 -31.67 8.94
C ASP C 196 -5.87 -32.49 10.18
N GLY C 197 -4.57 -32.81 10.33
CA GLY C 197 -4.13 -33.44 11.53
C GLY C 197 -4.68 -34.83 11.65
N THR C 198 -4.68 -35.56 10.54
CA THR C 198 -5.25 -36.90 10.46
C THR C 198 -4.22 -37.95 10.04
N TRP C 199 -2.93 -37.62 10.19
CA TRP C 199 -1.83 -38.44 9.65
C TRP C 199 -1.28 -39.43 10.69
N ASP C 200 -1.53 -39.20 11.99
CA ASP C 200 -1.04 -40.06 13.06
C ASP C 200 -1.58 -41.49 12.94
N ALA C 201 -0.76 -42.44 13.39
CA ALA C 201 -1.12 -43.84 13.35
C ALA C 201 -2.51 -44.12 14.01
N SER C 202 -2.81 -43.43 15.13
CA SER C 202 -4.10 -43.60 15.84
C SER C 202 -5.30 -43.43 14.88
N VAL C 203 -5.23 -42.40 14.03
CA VAL C 203 -6.24 -42.15 13.03
C VAL C 203 -6.19 -43.15 11.89
N LYS C 204 -4.99 -43.46 11.38
CA LYS C 204 -4.86 -44.45 10.27
C LYS C 204 -5.40 -45.81 10.67
N LYS C 205 -5.24 -46.17 11.94
CA LYS C 205 -5.79 -47.43 12.46
C LYS C 205 -7.30 -47.42 12.62
N ASN C 206 -7.93 -46.26 12.52
CA ASN C 206 -9.36 -46.11 12.71
C ASN C 206 -10.06 -45.52 11.50
N GLY C 207 -9.84 -46.15 10.33
CA GLY C 207 -10.44 -45.70 9.09
C GLY C 207 -11.94 -45.60 9.19
N TRP C 208 -12.53 -46.59 9.85
CA TRP C 208 -13.97 -46.66 10.04
C TRP C 208 -14.47 -45.30 10.55
N TRP C 209 -13.72 -44.67 11.47
CA TRP C 209 -14.17 -43.42 12.09
C TRP C 209 -14.18 -42.30 11.07
N THR C 210 -13.15 -42.28 10.21
CA THR C 210 -13.06 -41.28 9.14
C THR C 210 -14.26 -41.34 8.19
N ALA C 211 -14.63 -42.57 7.80
CA ALA C 211 -15.81 -42.78 6.91
C ALA C 211 -17.10 -42.40 7.62
N HIS C 212 -17.15 -42.70 8.92
CA HIS C 212 -18.28 -42.35 9.77
C HIS C 212 -18.47 -40.85 9.90
N ALA C 213 -17.36 -40.14 10.10
CA ALA C 213 -17.41 -38.67 10.22
C ALA C 213 -17.94 -38.03 8.94
N GLU C 214 -17.51 -38.58 7.80
CA GLU C 214 -17.97 -38.07 6.51
C GLU C 214 -19.48 -38.28 6.35
N GLN C 215 -19.92 -39.52 6.55
CA GLN C 215 -21.34 -39.88 6.51
C GLN C 215 -22.16 -38.98 7.47
N MET C 216 -21.73 -38.88 8.71
CA MET C 216 -22.43 -38.12 9.75
C MET C 216 -22.61 -36.65 9.34
N LEU C 217 -21.55 -36.03 8.83
CA LEU C 217 -21.63 -34.63 8.50
C LEU C 217 -22.52 -34.46 7.29
N LYS C 218 -22.43 -35.37 6.33
CA LYS C 218 -23.31 -35.32 5.13
C LYS C 218 -24.82 -35.48 5.41
N GLU C 219 -25.16 -36.21 6.47
CA GLU C 219 -26.54 -36.27 7.00
C GLU C 219 -27.00 -35.01 7.70
N LEU C 220 -26.12 -34.38 8.44
CA LEU C 220 -26.44 -33.10 9.12
C LEU C 220 -26.49 -31.87 8.25
N VAL C 221 -25.70 -31.83 7.19
CA VAL C 221 -25.55 -30.63 6.34
C VAL C 221 -25.72 -31.07 4.88
N PRO C 222 -26.92 -30.86 4.31
CA PRO C 222 -27.14 -31.29 2.95
C PRO C 222 -26.17 -30.65 1.96
N GLY C 223 -25.51 -31.47 1.14
CA GLY C 223 -24.61 -30.98 0.11
C GLY C 223 -23.20 -30.56 0.57
N VAL C 224 -22.86 -30.82 1.81
CA VAL C 224 -21.57 -30.41 2.36
C VAL C 224 -20.50 -31.19 1.65
N ALA C 225 -19.37 -30.52 1.44
CA ALA C 225 -18.17 -31.15 0.84
C ALA C 225 -17.22 -31.53 1.96
N ILE C 226 -16.50 -32.62 1.76
CA ILE C 226 -15.60 -33.17 2.73
C ILE C 226 -14.31 -33.51 2.00
N ASN C 227 -13.20 -33.02 2.51
CA ASN C 227 -11.90 -33.22 1.85
C ASN C 227 -11.32 -34.64 2.00
N SER C 228 -10.45 -35.01 1.07
CA SER C 228 -9.83 -36.30 1.04
C SER C 228 -8.91 -36.54 2.24
N ARG C 229 -8.32 -35.47 2.78
CA ARG C 229 -7.37 -35.59 3.88
C ARG C 229 -7.93 -36.20 5.20
N LEU C 230 -9.25 -36.09 5.39
CA LEU C 230 -9.92 -36.76 6.47
C LEU C 230 -9.69 -38.25 6.42
N ARG C 231 -9.70 -38.80 5.22
CA ARG C 231 -10.09 -40.20 5.05
C ARG C 231 -8.92 -41.18 5.01
N ALA C 232 -9.11 -42.29 5.72
CA ALA C 232 -8.23 -43.45 5.66
C ALA C 232 -9.13 -44.66 5.43
N ASP C 233 -8.68 -45.62 4.65
CA ASP C 233 -9.47 -46.82 4.44
C ASP C 233 -9.17 -47.89 5.52
N ASP C 234 -9.72 -49.10 5.30
CA ASP C 234 -9.52 -50.28 6.14
C ASP C 234 -8.04 -50.56 6.44
N LYS C 235 -7.18 -50.33 5.45
CA LYS C 235 -5.73 -50.65 5.54
C LYS C 235 -4.88 -49.50 6.02
N GLY C 236 -5.50 -48.35 6.32
CA GLY C 236 -4.79 -47.16 6.74
C GLY C 236 -4.23 -46.33 5.59
N LYS C 237 -4.62 -46.62 4.34
CA LYS C 237 -4.23 -45.82 3.17
C LYS C 237 -5.04 -44.51 3.17
N ARG C 238 -4.36 -43.38 3.05
CA ARG C 238 -4.95 -42.05 3.17
C ARG C 238 -5.17 -41.33 1.84
N HIS C 239 -6.23 -40.52 1.76
CA HIS C 239 -6.63 -39.76 0.54
C HIS C 239 -7.27 -40.60 -0.55
N PHE C 240 -6.48 -41.50 -1.12
CA PHE C 240 -6.97 -42.48 -2.10
C PHE C 240 -6.90 -43.84 -1.41
N ASP C 241 -7.91 -44.67 -1.65
CA ASP C 241 -8.01 -45.95 -0.94
C ASP C 241 -7.08 -47.00 -1.57
N SER C 242 -7.09 -48.19 -1.00
CA SER C 242 -6.22 -49.30 -1.45
C SER C 242 -6.45 -49.72 -2.93
N ASN C 243 -7.61 -49.39 -3.49
CA ASN C 243 -7.86 -49.55 -4.93
C ASN C 243 -7.57 -48.30 -5.73
N GLY C 244 -6.85 -47.33 -5.14
CA GLY C 244 -6.56 -46.07 -5.83
C GLY C 244 -7.75 -45.14 -6.15
N ARG C 245 -8.90 -45.32 -5.49
CA ARG C 245 -10.06 -44.43 -5.65
C ARG C 245 -10.06 -43.31 -4.59
N LEU C 246 -10.37 -42.11 -5.05
CA LEU C 246 -10.38 -40.92 -4.20
C LEU C 246 -11.46 -41.05 -3.13
N MET C 247 -11.09 -40.85 -1.87
CA MET C 247 -12.07 -40.72 -0.78
C MET C 247 -12.39 -39.25 -0.55
N GLY C 248 -13.56 -39.00 0.03
CA GLY C 248 -14.08 -37.63 0.16
C GLY C 248 -14.51 -37.07 -1.20
N ASP C 249 -14.87 -35.78 -1.22
CA ASP C 249 -15.43 -35.15 -2.41
C ASP C 249 -14.42 -34.51 -3.32
N TYR C 250 -13.21 -34.27 -2.81
CA TYR C 250 -12.16 -33.61 -3.55
C TYR C 250 -10.80 -33.89 -2.92
N GLU C 251 -9.80 -33.91 -3.77
CA GLU C 251 -8.45 -34.13 -3.39
C GLU C 251 -7.86 -32.84 -2.80
N SER C 252 -7.15 -32.99 -1.68
CA SER C 252 -6.68 -31.90 -0.83
C SER C 252 -5.23 -32.07 -0.36
N GLY C 253 -4.38 -32.66 -1.18
CA GLY C 253 -2.97 -32.87 -0.86
C GLY C 253 -2.03 -31.78 -1.36
N TYR C 254 -2.47 -30.90 -2.27
CA TYR C 254 -1.55 -29.92 -2.85
C TYR C 254 -1.49 -28.73 -1.90
N GLU C 255 -0.52 -28.82 -0.99
CA GLU C 255 -0.33 -27.83 0.05
C GLU C 255 0.99 -27.16 -0.22
N ARG C 256 0.96 -25.91 -0.60
CA ARG C 256 2.16 -25.17 -0.97
C ARG C 256 2.94 -25.80 -2.13
N ARG C 257 2.24 -26.52 -3.02
CA ARG C 257 2.83 -26.97 -4.31
C ARG C 257 1.65 -27.34 -5.24
N LEU C 258 1.94 -27.51 -6.54
CA LEU C 258 0.88 -27.71 -7.55
C LEU C 258 1.26 -28.81 -8.50
N PRO C 259 0.28 -29.45 -9.11
CA PRO C 259 0.55 -30.47 -10.10
C PRO C 259 1.21 -29.90 -11.34
N ASP C 260 2.09 -30.68 -11.93
CA ASP C 260 2.82 -30.24 -13.09
C ASP C 260 1.87 -30.17 -14.29
N PRO C 261 1.86 -29.04 -15.04
CA PRO C 261 0.88 -28.85 -16.13
C PRO C 261 1.03 -29.78 -17.34
N VAL C 262 2.20 -30.42 -17.47
CA VAL C 262 2.42 -31.41 -18.50
C VAL C 262 2.26 -32.83 -17.95
N LYS C 263 2.82 -33.13 -16.78
CA LYS C 263 2.93 -34.52 -16.29
C LYS C 263 1.84 -35.02 -15.39
N ASP C 264 1.03 -34.12 -14.82
CA ASP C 264 0.05 -34.50 -13.81
C ASP C 264 -1.36 -34.18 -14.27
N LEU C 265 -1.62 -34.42 -15.56
CA LEU C 265 -2.96 -34.24 -16.09
C LEU C 265 -4.03 -35.17 -15.52
N LYS C 266 -3.63 -36.24 -14.87
CA LYS C 266 -4.55 -37.09 -14.13
C LYS C 266 -5.44 -36.30 -13.16
N VAL C 267 -4.94 -35.18 -12.61
CA VAL C 267 -5.74 -34.41 -11.59
C VAL C 267 -7.01 -33.85 -12.14
N THR C 268 -7.10 -33.73 -13.46
CA THR C 268 -8.31 -33.21 -14.11
C THR C 268 -9.51 -34.16 -14.02
N GLN C 269 -9.27 -35.40 -13.63
CA GLN C 269 -10.37 -36.40 -13.46
C GLN C 269 -11.17 -36.26 -12.19
N TRP C 270 -10.68 -35.48 -11.22
CA TRP C 270 -11.42 -35.30 -9.97
C TRP C 270 -11.37 -33.87 -9.54
N ASP C 271 -12.28 -33.52 -8.64
CA ASP C 271 -12.25 -32.20 -8.03
C ASP C 271 -11.09 -32.16 -7.04
N TRP C 272 -10.49 -30.97 -6.89
CA TRP C 272 -9.37 -30.79 -6.03
C TRP C 272 -9.21 -29.33 -5.70
N GLU C 273 -8.55 -29.10 -4.57
CA GLU C 273 -8.29 -27.74 -4.08
C GLU C 273 -6.91 -27.69 -3.51
N ALA C 274 -6.18 -26.68 -3.97
CA ALA C 274 -4.87 -26.40 -3.46
C ALA C 274 -4.92 -25.28 -2.46
N CYS C 275 -3.97 -25.28 -1.54
CA CYS C 275 -3.79 -24.15 -0.63
CA CYS C 275 -3.78 -24.20 -0.60
C CYS C 275 -2.34 -23.70 -0.64
N MET C 276 -2.12 -22.45 -0.29
CA MET C 276 -0.82 -21.86 -0.36
C MET C 276 -0.68 -20.75 0.66
N THR C 277 0.56 -20.49 1.00
CA THR C 277 0.98 -19.44 1.93
C THR C 277 1.68 -18.35 1.13
N ILE C 278 1.70 -17.14 1.67
CA ILE C 278 2.40 -16.03 1.05
C ILE C 278 3.92 -16.13 1.28
N PRO C 279 4.37 -16.28 2.53
CA PRO C 279 5.75 -16.71 2.74
C PRO C 279 5.92 -18.18 2.43
N GLU C 280 7.12 -18.68 2.60
CA GLU C 280 7.41 -20.04 2.26
C GLU C 280 6.61 -21.03 3.04
N ASN C 281 6.55 -20.85 4.36
CA ASN C 281 5.76 -21.73 5.22
C ASN C 281 5.36 -21.07 6.56
N GLN C 282 4.40 -20.15 6.48
CA GLN C 282 3.77 -19.54 7.65
C GLN C 282 2.27 -19.48 7.39
N TRP C 283 1.49 -20.16 8.22
CA TRP C 283 0.07 -20.11 8.10
C TRP C 283 -0.52 -19.20 9.14
N GLY C 284 -0.26 -19.50 10.42
CA GLY C 284 -0.53 -18.55 11.50
C GLY C 284 0.41 -17.31 11.45
N TYR C 285 -0.01 -16.22 12.09
CA TYR C 285 0.77 -14.96 12.14
C TYR C 285 2.14 -15.18 12.71
N HIS C 286 3.14 -14.82 11.91
CA HIS C 286 4.54 -14.79 12.33
C HIS C 286 5.03 -13.35 12.21
N LYS C 287 5.64 -12.85 13.27
CA LYS C 287 5.99 -11.41 13.35
C LYS C 287 7.13 -11.00 12.42
N ASP C 288 7.96 -11.93 11.99
CA ASP C 288 9.06 -11.65 11.07
C ASP C 288 9.01 -12.42 9.73
N TRP C 289 8.49 -11.77 8.70
CA TRP C 289 8.47 -12.32 7.33
C TRP C 289 9.77 -12.17 6.50
N SER C 290 10.76 -11.47 7.03
CA SER C 290 12.08 -11.44 6.41
C SER C 290 12.84 -12.74 6.52
N LEU C 291 12.36 -13.74 7.29
CA LEU C 291 13.09 -15.01 7.40
C LEU C 291 12.98 -15.99 6.22
N SER C 292 12.03 -15.80 5.30
CA SER C 292 11.93 -16.68 4.12
C SER C 292 11.40 -15.82 2.99
N TYR C 293 11.41 -16.39 1.77
CA TYR C 293 10.91 -15.70 0.63
C TYR C 293 9.41 -15.40 0.73
N VAL C 294 9.02 -14.19 0.37
CA VAL C 294 7.61 -13.74 0.36
C VAL C 294 7.19 -13.54 -1.09
N LYS C 295 6.10 -14.18 -1.48
CA LYS C 295 5.67 -14.14 -2.86
C LYS C 295 5.09 -12.80 -3.19
N THR C 296 5.27 -12.38 -4.44
CA THR C 296 4.68 -11.16 -4.95
C THR C 296 3.27 -11.47 -5.44
N PRO C 297 2.43 -10.43 -5.60
CA PRO C 297 1.09 -10.67 -6.10
C PRO C 297 1.01 -11.46 -7.40
N ILE C 298 1.87 -11.13 -8.35
CA ILE C 298 1.86 -11.84 -9.62
C ILE C 298 2.22 -13.35 -9.45
N GLU C 299 3.18 -13.66 -8.56
CA GLU C 299 3.50 -15.02 -8.26
C GLU C 299 2.29 -15.76 -7.69
N VAL C 300 1.45 -15.05 -6.92
CA VAL C 300 0.28 -15.66 -6.32
C VAL C 300 -0.80 -15.88 -7.39
N ILE C 301 -0.98 -14.87 -8.21
CA ILE C 301 -1.93 -14.93 -9.35
C ILE C 301 -1.59 -16.05 -10.35
N ASP C 302 -0.31 -16.22 -10.61
CA ASP C 302 0.18 -17.34 -11.38
C ASP C 302 -0.29 -18.68 -10.83
N ARG C 303 -0.17 -18.89 -9.53
CA ARG C 303 -0.60 -20.13 -8.89
C ARG C 303 -2.12 -20.32 -8.90
N ILE C 304 -2.87 -19.24 -8.71
CA ILE C 304 -4.33 -19.30 -8.80
C ILE C 304 -4.77 -19.76 -10.18
N VAL C 305 -4.24 -19.10 -11.21
CA VAL C 305 -4.57 -19.48 -12.57
C VAL C 305 -4.09 -20.87 -12.95
N HIS C 306 -2.90 -21.24 -12.49
CA HIS C 306 -2.39 -22.60 -12.68
C HIS C 306 -3.40 -23.59 -12.21
N ALA C 307 -3.85 -23.43 -10.98
CA ALA C 307 -4.78 -24.37 -10.40
C ALA C 307 -6.02 -24.54 -11.28
N VAL C 308 -6.65 -23.41 -11.61
CA VAL C 308 -7.89 -23.40 -12.36
C VAL C 308 -7.67 -24.04 -13.75
N SER C 309 -6.50 -23.79 -14.34
CA SER C 309 -6.12 -24.36 -15.62
C SER C 309 -6.05 -25.88 -15.61
N MET C 310 -5.94 -26.47 -14.43
CA MET C 310 -5.92 -27.89 -14.27
C MET C 310 -7.09 -28.42 -13.48
N GLY C 311 -8.15 -27.63 -13.43
CA GLY C 311 -9.41 -28.04 -12.90
C GLY C 311 -9.49 -28.03 -11.40
N GLY C 312 -8.69 -27.19 -10.74
CA GLY C 312 -8.72 -27.12 -9.30
C GLY C 312 -8.94 -25.72 -8.74
N ASN C 313 -9.31 -25.67 -7.45
CA ASN C 313 -9.48 -24.43 -6.73
C ASN C 313 -8.17 -24.04 -6.09
N MET C 314 -8.03 -22.76 -5.75
CA MET C 314 -6.88 -22.27 -5.00
C MET C 314 -7.33 -21.43 -3.80
N VAL C 315 -6.76 -21.68 -2.62
CA VAL C 315 -7.08 -20.99 -1.41
C VAL C 315 -5.78 -20.31 -0.93
N VAL C 316 -5.80 -18.98 -0.86
CA VAL C 316 -4.64 -18.18 -0.45
C VAL C 316 -4.78 -17.91 1.03
N ASN C 317 -3.77 -18.25 1.80
CA ASN C 317 -3.83 -18.06 3.24
C ASN C 317 -3.49 -16.64 3.78
N PHE C 318 -4.22 -16.28 4.86
CA PHE C 318 -3.97 -15.12 5.70
C PHE C 318 -3.89 -15.57 7.17
N GLY C 319 -2.91 -14.99 7.89
CA GLY C 319 -2.67 -15.22 9.32
C GLY C 319 -2.89 -13.91 10.09
N PRO C 320 -4.12 -13.63 10.48
CA PRO C 320 -4.39 -12.36 11.14
C PRO C 320 -3.52 -12.13 12.39
N GLN C 321 -3.28 -10.86 12.70
CA GLN C 321 -2.63 -10.46 13.95
C GLN C 321 -3.48 -10.79 15.19
N ALA C 322 -2.81 -10.83 16.33
CA ALA C 322 -3.47 -11.05 17.63
C ALA C 322 -4.57 -10.02 17.90
N ASP C 323 -4.35 -8.78 17.43
CA ASP C 323 -5.30 -7.72 17.70
C ASP C 323 -6.54 -7.82 16.84
N GLY C 324 -6.56 -8.75 15.87
CA GLY C 324 -7.73 -8.96 15.00
C GLY C 324 -7.68 -8.16 13.70
N ASP C 325 -6.58 -7.45 13.45
CA ASP C 325 -6.39 -6.74 12.18
C ASP C 325 -5.39 -7.56 11.31
N PHE C 326 -5.27 -7.22 10.04
CA PHE C 326 -4.34 -7.89 9.14
C PHE C 326 -3.12 -7.01 8.94
N ARG C 327 -1.94 -7.65 8.88
CA ARG C 327 -0.68 -7.00 8.58
C ARG C 327 -0.68 -6.37 7.21
N PRO C 328 0.24 -5.41 6.99
CA PRO C 328 0.08 -4.61 5.78
C PRO C 328 0.38 -5.37 4.50
N GLU C 329 1.31 -6.31 4.56
CA GLU C 329 1.66 -7.16 3.39
C GLU C 329 0.44 -7.92 2.92
N GLU C 330 -0.40 -8.36 3.84
CA GLU C 330 -1.59 -9.14 3.50
C GLU C 330 -2.65 -8.23 2.95
N LYS C 331 -2.80 -7.02 3.50
CA LYS C 331 -3.75 -6.04 2.90
C LYS C 331 -3.37 -5.69 1.48
N ALA C 332 -2.08 -5.52 1.25
CA ALA C 332 -1.57 -5.19 -0.07
C ALA C 332 -1.84 -6.36 -1.05
N MET C 333 -1.63 -7.57 -0.56
CA MET C 333 -1.83 -8.79 -1.36
C MET C 333 -3.29 -8.88 -1.79
N ALA C 334 -4.17 -8.73 -0.84
CA ALA C 334 -5.61 -8.84 -1.11
C ALA C 334 -6.11 -7.81 -2.11
N THR C 335 -5.65 -6.58 -1.97
CA THR C 335 -5.99 -5.49 -2.88
C THR C 335 -5.45 -5.75 -4.28
N ALA C 336 -4.18 -6.14 -4.38
CA ALA C 336 -3.57 -6.41 -5.71
C ALA C 336 -4.22 -7.60 -6.42
N ILE C 337 -4.46 -8.68 -5.70
CA ILE C 337 -5.24 -9.79 -6.30
C ILE C 337 -6.59 -9.31 -6.75
N GLY C 338 -7.30 -8.61 -5.85
CA GLY C 338 -8.64 -8.09 -6.20
C GLY C 338 -8.75 -7.20 -7.42
N LYS C 339 -7.76 -6.35 -7.60
CA LYS C 339 -7.66 -5.53 -8.81
C LYS C 339 -7.49 -6.37 -10.08
N TRP C 340 -6.61 -7.38 -10.02
CA TRP C 340 -6.40 -8.25 -11.19
C TRP C 340 -7.64 -9.08 -11.48
N MET C 341 -8.26 -9.63 -10.43
CA MET C 341 -9.48 -10.46 -10.62
C MET C 341 -10.64 -9.65 -11.15
N ASN C 342 -10.73 -8.38 -10.73
CA ASN C 342 -11.82 -7.54 -11.19
C ASN C 342 -11.74 -7.34 -12.71
N ARG C 343 -10.53 -7.19 -13.22
CA ARG C 343 -10.28 -7.06 -14.66
C ARG C 343 -10.32 -8.40 -15.43
N TYR C 344 -9.76 -9.48 -14.86
CA TYR C 344 -9.52 -10.70 -15.66
C TYR C 344 -10.26 -11.95 -15.18
N GLY C 345 -11.07 -11.79 -14.15
CA GLY C 345 -11.65 -12.91 -13.42
C GLY C 345 -12.64 -13.72 -14.23
N LYS C 346 -13.06 -13.23 -15.38
CA LYS C 346 -13.84 -14.05 -16.32
C LYS C 346 -13.08 -15.32 -16.74
N ALA C 347 -11.76 -15.25 -16.72
CA ALA C 347 -10.91 -16.40 -17.00
C ALA C 347 -10.67 -17.38 -15.82
N VAL C 348 -11.21 -17.05 -14.64
CA VAL C 348 -10.96 -17.75 -13.38
C VAL C 348 -12.25 -18.33 -12.86
N TYR C 349 -13.20 -17.45 -12.56
CA TYR C 349 -14.46 -17.88 -11.95
C TYR C 349 -15.23 -18.81 -12.87
N ALA C 350 -15.69 -19.95 -12.35
CA ALA C 350 -16.42 -20.93 -13.12
C ALA C 350 -15.66 -21.48 -14.34
N CYS C 351 -14.33 -21.43 -14.31
CA CYS C 351 -13.55 -21.99 -15.40
C CYS C 351 -12.99 -23.36 -15.04
N ASP C 352 -12.45 -24.05 -16.06
CA ASP C 352 -11.95 -25.41 -15.89
C ASP C 352 -10.81 -25.67 -16.86
N TYR C 353 -10.29 -26.91 -16.80
CA TYR C 353 -9.29 -27.41 -17.72
C TYR C 353 -9.78 -27.31 -19.18
N ALA C 354 -8.92 -26.83 -20.08
CA ALA C 354 -9.29 -26.59 -21.48
C ALA C 354 -8.91 -27.71 -22.48
N GLY C 355 -8.11 -28.68 -22.08
CA GLY C 355 -7.80 -29.79 -22.96
C GLY C 355 -6.75 -29.48 -23.96
N PHE C 356 -6.07 -28.33 -23.85
CA PHE C 356 -5.03 -27.93 -24.78
C PHE C 356 -3.64 -28.28 -24.25
N GLU C 357 -2.71 -28.53 -25.15
CA GLU C 357 -1.31 -28.73 -24.77
C GLU C 357 -0.72 -27.42 -24.20
N LYS C 358 -0.03 -27.54 -23.08
CA LYS C 358 0.55 -26.41 -22.38
C LYS C 358 1.56 -25.69 -23.23
N GLN C 359 1.53 -24.36 -23.23
CA GLN C 359 2.52 -23.55 -23.89
C GLN C 359 3.23 -22.60 -22.89
N ASP C 360 4.35 -22.05 -23.31
CA ASP C 360 5.30 -21.34 -22.44
C ASP C 360 4.84 -19.96 -22.00
N TRP C 361 3.91 -19.39 -22.75
CA TRP C 361 3.40 -18.06 -22.45
C TRP C 361 2.50 -17.98 -21.24
N GLY C 362 1.92 -19.10 -20.80
CA GLY C 362 0.98 -19.07 -19.70
C GLY C 362 0.04 -20.23 -19.70
N TYR C 363 -1.22 -19.97 -19.34
CA TYR C 363 -2.20 -21.03 -19.12
C TYR C 363 -3.45 -20.83 -19.95
N TYR C 364 -4.09 -21.93 -20.31
CA TYR C 364 -5.43 -21.89 -20.85
C TYR C 364 -6.45 -22.16 -19.77
N THR C 365 -7.60 -21.47 -19.83
CA THR C 365 -8.79 -21.91 -19.05
C THR C 365 -10.02 -21.92 -19.94
N ARG C 366 -10.97 -22.76 -19.60
CA ARG C 366 -12.18 -22.96 -20.39
C ARG C 366 -13.40 -22.49 -19.61
N GLY C 367 -14.15 -21.55 -20.19
CA GLY C 367 -15.39 -21.01 -19.59
C GLY C 367 -16.58 -21.94 -19.80
N LYS C 368 -17.68 -21.58 -19.16
CA LYS C 368 -18.89 -22.42 -19.20
C LYS C 368 -19.53 -22.60 -20.59
N ASN C 369 -19.30 -21.64 -21.50
CA ASN C 369 -19.80 -21.73 -22.87
C ASN C 369 -18.69 -21.98 -23.87
N ASP C 370 -17.71 -22.81 -23.50
CA ASP C 370 -16.58 -23.12 -24.36
C ASP C 370 -15.75 -21.92 -24.84
N GLU C 371 -15.72 -20.83 -24.08
CA GLU C 371 -14.71 -19.81 -24.26
C GLU C 371 -13.39 -20.43 -23.85
N VAL C 372 -12.30 -20.13 -24.57
CA VAL C 372 -10.97 -20.58 -24.20
C VAL C 372 -10.15 -19.33 -23.98
N TYR C 373 -9.67 -19.15 -22.75
CA TYR C 373 -8.92 -17.99 -22.41
C TYR C 373 -7.45 -18.34 -22.40
N MET C 374 -6.64 -17.47 -22.99
CA MET C 374 -5.21 -17.56 -22.91
C MET C 374 -4.79 -16.54 -21.85
N VAL C 375 -4.24 -17.01 -20.72
CA VAL C 375 -3.76 -16.12 -19.67
C VAL C 375 -2.25 -16.07 -19.79
N VAL C 376 -1.75 -14.91 -20.19
CA VAL C 376 -0.38 -14.74 -20.59
C VAL C 376 0.42 -14.14 -19.45
N PHE C 377 1.43 -14.89 -19.03
CA PHE C 377 2.34 -14.48 -17.95
C PHE C 377 3.76 -14.18 -18.45
N ASN C 378 4.15 -14.76 -19.58
CA ASN C 378 5.55 -14.68 -20.12
C ASN C 378 5.46 -14.25 -21.57
N GLN C 379 5.82 -13.00 -21.82
CA GLN C 379 5.57 -12.33 -23.12
C GLN C 379 6.67 -12.68 -24.11
N PRO C 380 6.33 -13.31 -25.22
CA PRO C 380 7.40 -13.72 -26.12
C PRO C 380 7.95 -12.54 -26.91
N TYR C 381 9.27 -12.48 -27.04
CA TYR C 381 9.94 -11.52 -27.94
C TYR C 381 9.60 -11.73 -29.42
N SER C 382 9.20 -12.95 -29.80
CA SER C 382 8.72 -13.21 -31.15
C SER C 382 7.44 -12.48 -31.47
N GLU C 383 6.71 -12.04 -30.45
CA GLU C 383 5.41 -11.34 -30.56
C GLU C 383 4.33 -12.25 -31.01
N ARG C 384 4.55 -13.55 -30.84
CA ARG C 384 3.60 -14.55 -31.30
C ARG C 384 3.37 -15.57 -30.17
N LEU C 385 2.12 -15.85 -29.87
CA LEU C 385 1.73 -16.77 -28.82
C LEU C 385 1.26 -18.07 -29.46
N ILE C 386 2.01 -19.14 -29.26
CA ILE C 386 1.78 -20.36 -29.99
C ILE C 386 0.59 -21.05 -29.41
N VAL C 387 -0.31 -21.51 -30.26
CA VAL C 387 -1.51 -22.19 -29.86
C VAL C 387 -1.66 -23.42 -30.70
N LYS C 388 -1.52 -24.57 -30.06
CA LYS C 388 -1.67 -25.83 -30.70
C LYS C 388 -2.99 -26.39 -30.26
N THR C 389 -3.85 -26.68 -31.22
CA THR C 389 -5.23 -27.12 -30.91
C THR C 389 -5.32 -28.63 -30.86
N PRO C 390 -6.21 -29.19 -30.04
CA PRO C 390 -6.50 -30.59 -30.14
C PRO C 390 -7.19 -30.92 -31.49
N LYS C 391 -7.28 -32.22 -31.77
CA LYS C 391 -7.88 -32.77 -33.01
C LYS C 391 -9.30 -32.26 -33.16
N GLY C 392 -9.64 -31.75 -34.34
CA GLY C 392 -11.01 -31.30 -34.59
C GLY C 392 -11.36 -29.92 -34.07
N ILE C 393 -10.40 -29.20 -33.49
CA ILE C 393 -10.66 -27.88 -32.93
C ILE C 393 -9.95 -26.81 -33.76
N THR C 394 -10.66 -25.75 -34.09
CA THR C 394 -10.09 -24.62 -34.85
C THR C 394 -10.34 -23.35 -34.06
N VAL C 395 -9.57 -22.34 -34.35
CA VAL C 395 -9.67 -21.07 -33.69
C VAL C 395 -10.29 -20.15 -34.71
N GLU C 396 -11.50 -19.66 -34.44
CA GLU C 396 -12.18 -18.72 -35.35
C GLU C 396 -11.83 -17.27 -35.08
N LYS C 397 -11.53 -16.92 -33.83
CA LYS C 397 -11.31 -15.54 -33.48
C LYS C 397 -10.50 -15.44 -32.19
N ALA C 398 -9.73 -14.37 -32.06
CA ALA C 398 -9.07 -13.99 -30.83
C ALA C 398 -9.40 -12.57 -30.50
N THR C 399 -9.65 -12.31 -29.22
CA THR C 399 -10.06 -10.99 -28.74
C THR C 399 -9.32 -10.66 -27.44
N LEU C 400 -8.75 -9.46 -27.34
CA LEU C 400 -8.26 -8.99 -26.04
C LEU C 400 -9.44 -8.75 -25.06
N LEU C 401 -9.43 -9.45 -23.93
CA LEU C 401 -10.56 -9.46 -23.03
C LEU C 401 -10.93 -8.06 -22.56
N THR C 402 -9.96 -7.25 -22.18
CA THR C 402 -10.26 -5.97 -21.55
C THR C 402 -10.89 -4.96 -22.51
N THR C 403 -10.36 -4.86 -23.74
CA THR C 403 -10.75 -3.81 -24.70
C THR C 403 -11.69 -4.27 -25.79
N GLY C 404 -11.88 -5.57 -25.96
CA GLY C 404 -12.65 -6.11 -27.08
C GLY C 404 -11.92 -6.08 -28.43
N GLU C 405 -10.68 -5.56 -28.48
CA GLU C 405 -9.99 -5.45 -29.76
C GLU C 405 -9.64 -6.83 -30.39
N ASP C 406 -9.64 -6.88 -31.70
CA ASP C 406 -9.47 -8.10 -32.43
C ASP C 406 -7.96 -8.37 -32.48
N ILE C 407 -7.61 -9.64 -32.41
CA ILE C 407 -6.20 -10.06 -32.36
C ILE C 407 -6.01 -10.98 -33.56
N THR C 408 -4.98 -10.72 -34.35
CA THR C 408 -4.67 -11.55 -35.52
C THR C 408 -4.28 -12.98 -35.16
N VAL C 409 -4.87 -13.95 -35.84
CA VAL C 409 -4.58 -15.35 -35.71
C VAL C 409 -4.08 -15.84 -37.05
N VAL C 410 -2.88 -16.38 -37.10
CA VAL C 410 -2.25 -16.87 -38.33
C VAL C 410 -2.05 -18.39 -38.19
N GLU C 411 -2.53 -19.16 -39.15
CA GLU C 411 -2.32 -20.61 -39.15
C GLU C 411 -0.88 -20.86 -39.57
N THR C 412 -0.14 -21.66 -38.81
CA THR C 412 1.27 -21.94 -39.14
C THR C 412 1.45 -23.38 -39.60
N THR C 413 0.64 -24.30 -39.08
CA THR C 413 0.64 -25.69 -39.53
C THR C 413 -0.79 -26.21 -39.29
N ARG C 414 -1.03 -27.47 -39.66
CA ARG C 414 -2.24 -28.21 -39.27
C ARG C 414 -2.18 -28.23 -37.74
N ASN C 415 -3.25 -27.81 -37.09
CA ASN C 415 -3.33 -27.83 -35.63
C ASN C 415 -2.48 -26.81 -34.88
N GLU C 416 -1.96 -25.80 -35.55
CA GLU C 416 -1.22 -24.79 -34.85
C GLU C 416 -1.36 -23.40 -35.43
N TYR C 417 -1.42 -22.42 -34.53
CA TYR C 417 -1.48 -21.03 -34.89
C TYR C 417 -0.48 -20.17 -34.13
N ASN C 418 -0.15 -19.02 -34.68
CA ASN C 418 0.47 -17.91 -33.98
C ASN C 418 -0.63 -16.86 -33.70
N VAL C 419 -0.90 -16.60 -32.42
CA VAL C 419 -1.85 -15.55 -31.99
C VAL C 419 -0.96 -14.38 -31.63
N SER C 420 -1.21 -13.22 -32.24
CA SER C 420 -0.34 -12.08 -32.01
C SER C 420 -0.54 -11.53 -30.63
N VAL C 421 0.53 -10.96 -30.09
CA VAL C 421 0.40 -10.24 -28.86
C VAL C 421 -0.40 -8.98 -29.18
N PRO C 422 -1.00 -8.35 -28.18
CA PRO C 422 -1.69 -7.07 -28.41
C PRO C 422 -0.74 -5.97 -28.92
N LYS C 423 -1.27 -5.00 -29.68
CA LYS C 423 -0.48 -3.89 -30.26
C LYS C 423 0.21 -3.09 -29.16
N LYS C 424 -0.52 -2.81 -28.08
CA LYS C 424 0.03 -2.18 -26.85
C LYS C 424 0.28 -3.25 -25.77
N ASN C 425 1.53 -3.38 -25.33
CA ASN C 425 1.87 -4.34 -24.29
C ASN C 425 1.06 -4.06 -23.04
N PRO C 426 0.25 -5.03 -22.57
CA PRO C 426 -0.58 -4.71 -21.40
C PRO C 426 0.16 -4.39 -20.09
N GLY C 427 1.43 -4.73 -20.00
CA GLY C 427 2.25 -4.44 -18.83
C GLY C 427 1.93 -5.26 -17.59
N GLU C 428 1.11 -6.30 -17.72
CA GLU C 428 0.75 -7.17 -16.61
C GLU C 428 0.24 -8.48 -17.23
N PRO C 429 0.11 -9.56 -16.43
CA PRO C 429 -0.50 -10.75 -17.02
C PRO C 429 -1.88 -10.44 -17.56
N TYR C 430 -2.17 -10.91 -18.77
CA TYR C 430 -3.40 -10.50 -19.44
C TYR C 430 -4.14 -11.67 -20.10
N VAL C 431 -5.35 -11.41 -20.58
CA VAL C 431 -6.18 -12.44 -21.17
C VAL C 431 -6.54 -12.14 -22.61
N ILE C 432 -6.35 -13.13 -23.47
CA ILE C 432 -6.89 -13.15 -24.83
C ILE C 432 -7.93 -14.25 -24.89
N GLN C 433 -9.13 -13.90 -25.35
CA GLN C 433 -10.23 -14.82 -25.41
C GLN C 433 -10.31 -15.38 -26.83
N LEU C 434 -10.40 -16.71 -26.93
CA LEU C 434 -10.50 -17.37 -28.18
C LEU C 434 -11.91 -17.89 -28.37
N LYS C 435 -12.37 -17.81 -29.61
CA LYS C 435 -13.57 -18.48 -30.05
C LYS C 435 -13.10 -19.70 -30.80
N VAL C 436 -13.58 -20.86 -30.41
CA VAL C 436 -13.16 -22.09 -31.05
C VAL C 436 -14.36 -22.80 -31.64
N ARG C 437 -14.14 -23.63 -32.66
CA ARG C 437 -15.19 -24.48 -33.25
C ARG C 437 -14.70 -25.94 -33.13
N ALA C 438 -15.58 -26.82 -32.65
CA ALA C 438 -15.35 -28.25 -32.67
C ALA C 438 -16.09 -28.86 -33.85
N ALA C 439 -15.41 -29.69 -34.66
CA ALA C 439 -16.11 -30.49 -35.68
C ALA C 439 -17.12 -31.48 -35.03
N LYS C 440 -18.28 -31.69 -35.69
CA LYS C 440 -19.36 -32.55 -35.14
C LYS C 440 -18.92 -34.00 -34.88
N TYR C 446 -15.73 -30.60 -25.86
CA TYR C 446 -16.21 -29.27 -26.28
C TYR C 446 -17.63 -29.26 -26.88
N GLU D 2 -47.38 -38.07 42.75
CA GLU D 2 -46.53 -37.36 41.77
C GLU D 2 -46.09 -38.13 40.52
N ILE D 3 -46.18 -37.45 39.37
CA ILE D 3 -46.09 -38.06 38.03
C ILE D 3 -44.67 -38.06 37.40
N PRO D 4 -44.25 -39.18 36.77
CA PRO D 4 -42.99 -39.18 36.03
C PRO D 4 -43.10 -38.35 34.74
N LEU D 5 -42.15 -37.47 34.49
CA LEU D 5 -42.18 -36.64 33.29
C LEU D 5 -40.80 -36.50 32.71
N LYS D 6 -40.68 -36.61 31.39
CA LYS D 6 -39.43 -36.30 30.65
C LYS D 6 -39.34 -34.85 30.17
N TYR D 7 -40.50 -34.21 29.97
CA TYR D 7 -40.57 -32.89 29.33
C TYR D 7 -41.25 -31.85 30.26
N GLY D 8 -41.12 -32.05 31.57
CA GLY D 8 -41.69 -31.17 32.58
C GLY D 8 -40.69 -30.16 33.02
N ALA D 9 -40.89 -29.60 34.22
CA ALA D 9 -40.07 -28.49 34.69
C ALA D 9 -38.62 -28.90 34.90
N THR D 10 -37.71 -27.97 34.62
CA THR D 10 -36.28 -28.17 34.83
C THR D 10 -35.83 -27.42 36.09
N ASN D 11 -36.02 -26.09 36.12
CA ASN D 11 -35.70 -25.23 37.29
C ASN D 11 -36.50 -25.62 38.54
N GLU D 12 -35.89 -25.46 39.73
CA GLU D 12 -36.59 -25.58 41.01
C GLU D 12 -36.40 -24.21 41.60
N GLY D 13 -37.47 -23.43 41.58
CA GLY D 13 -37.50 -22.06 42.10
C GLY D 13 -36.85 -21.10 41.13
N LYS D 14 -36.51 -19.94 41.63
CA LYS D 14 -36.03 -18.85 40.79
C LYS D 14 -34.58 -19.02 40.39
N ARG D 15 -34.28 -18.82 39.11
CA ARG D 15 -32.91 -18.69 38.70
C ARG D 15 -32.28 -17.47 39.44
N GLN D 16 -31.03 -17.63 39.89
CA GLN D 16 -30.31 -16.52 40.56
C GLN D 16 -28.97 -16.18 39.94
N ASP D 17 -28.74 -16.66 38.71
CA ASP D 17 -27.59 -16.24 37.92
C ASP D 17 -27.71 -14.76 37.54
N PRO D 18 -26.59 -14.13 37.18
CA PRO D 18 -26.64 -12.69 36.92
C PRO D 18 -27.57 -12.31 35.81
N ALA D 19 -27.69 -13.15 34.77
CA ALA D 19 -28.55 -12.82 33.63
C ALA D 19 -30.06 -12.74 34.03
N MET D 20 -30.52 -13.71 34.83
CA MET D 20 -31.89 -13.68 35.36
C MET D 20 -32.12 -12.53 36.34
N GLN D 21 -31.11 -12.21 37.17
CA GLN D 21 -31.19 -11.08 38.09
C GLN D 21 -31.35 -9.76 37.35
N LYS D 22 -30.73 -9.68 36.20
CA LYS D 22 -30.82 -8.50 35.33
C LYS D 22 -32.22 -8.45 34.66
N PHE D 23 -32.68 -9.60 34.19
CA PHE D 23 -34.03 -9.73 33.61
C PHE D 23 -35.04 -9.17 34.62
N ARG D 24 -34.92 -9.63 35.85
CA ARG D 24 -35.79 -9.26 36.94
C ARG D 24 -35.66 -7.79 37.30
N ASP D 25 -34.44 -7.35 37.55
CA ASP D 25 -34.20 -5.99 38.05
C ASP D 25 -34.65 -4.95 37.09
N ASN D 26 -34.54 -5.25 35.80
CA ASN D 26 -35.00 -4.34 34.78
C ASN D 26 -36.42 -3.82 35.06
N ARG D 27 -37.32 -4.77 35.40
CA ARG D 27 -38.73 -4.56 35.77
C ARG D 27 -39.67 -4.02 34.71
N LEU D 28 -39.30 -2.91 34.09
CA LEU D 28 -40.14 -2.24 33.15
C LEU D 28 -39.61 -2.41 31.70
N GLY D 29 -40.48 -2.91 30.82
CA GLY D 29 -40.16 -3.08 29.42
C GLY D 29 -41.22 -2.51 28.51
N ALA D 30 -40.84 -2.34 27.24
CA ALA D 30 -41.76 -2.03 26.18
C ALA D 30 -41.92 -3.22 25.25
N PHE D 31 -43.10 -3.35 24.68
CA PHE D 31 -43.38 -4.41 23.69
C PHE D 31 -43.48 -3.62 22.37
N ILE D 32 -42.89 -4.13 21.30
CA ILE D 32 -43.12 -3.60 19.96
C ILE D 32 -43.83 -4.67 19.12
N HIS D 33 -45.02 -4.34 18.63
CA HIS D 33 -45.72 -5.17 17.63
C HIS D 33 -45.66 -4.42 16.31
N TRP D 34 -44.82 -4.92 15.40
CA TRP D 34 -44.70 -4.35 14.05
C TRP D 34 -44.57 -5.47 13.03
N GLY D 35 -45.46 -5.41 12.05
CA GLY D 35 -45.59 -6.41 11.00
C GLY D 35 -46.45 -5.81 9.92
N LEU D 36 -46.80 -6.63 8.97
CA LEU D 36 -47.58 -6.18 7.78
C LEU D 36 -48.98 -5.67 8.15
N TYR D 37 -49.53 -6.17 9.26
CA TYR D 37 -50.78 -5.60 9.84
C TYR D 37 -50.78 -4.09 10.05
N ALA D 38 -49.62 -3.48 10.20
CA ALA D 38 -49.57 -2.04 10.39
C ALA D 38 -50.03 -1.27 9.14
N ILE D 39 -49.96 -1.90 7.95
CA ILE D 39 -50.33 -1.23 6.70
C ILE D 39 -51.84 -1.00 6.63
N PRO D 40 -52.65 -2.06 6.66
CA PRO D 40 -54.10 -1.81 6.68
C PRO D 40 -54.62 -1.14 7.98
N GLY D 41 -53.90 -1.30 9.10
CA GLY D 41 -54.27 -0.67 10.38
C GLY D 41 -55.69 -0.98 10.88
N GLY D 42 -56.09 -2.24 10.73
CA GLY D 42 -57.42 -2.68 11.16
C GLY D 42 -58.58 -2.51 10.17
N GLU D 43 -58.27 -1.98 8.97
CA GLU D 43 -59.26 -1.81 7.92
C GLU D 43 -58.94 -2.71 6.72
N TRP D 44 -59.93 -3.50 6.28
CA TRP D 44 -59.77 -4.33 5.10
C TRP D 44 -60.92 -4.09 4.15
N ASN D 45 -60.58 -3.77 2.89
CA ASN D 45 -61.57 -3.54 1.83
C ASN D 45 -62.64 -2.55 2.27
N GLY D 46 -62.24 -1.38 2.76
CA GLY D 46 -63.18 -0.36 3.23
C GLY D 46 -63.93 -0.62 4.54
N LYS D 47 -63.79 -1.80 5.14
CA LYS D 47 -64.40 -2.09 6.45
C LYS D 47 -63.33 -2.06 7.59
N VAL D 48 -63.58 -1.21 8.58
CA VAL D 48 -62.79 -1.13 9.82
C VAL D 48 -63.25 -2.20 10.81
N TYR D 49 -62.37 -3.13 11.19
CA TYR D 49 -62.74 -4.16 12.16
C TYR D 49 -62.29 -3.74 13.56
N GLY D 50 -63.12 -4.03 14.56
CA GLY D 50 -62.89 -3.62 15.95
C GLY D 50 -61.92 -4.53 16.70
N GLY D 51 -61.82 -5.78 16.28
CA GLY D 51 -60.83 -6.71 16.82
C GLY D 51 -59.38 -6.25 16.67
N ALA D 52 -58.48 -6.95 17.36
CA ALA D 52 -57.04 -6.60 17.36
C ALA D 52 -56.50 -6.51 15.91
N ALA D 53 -55.94 -5.37 15.58
CA ALA D 53 -55.44 -5.12 14.22
C ALA D 53 -54.44 -6.19 13.70
N GLU D 54 -53.59 -6.71 14.57
CA GLU D 54 -52.64 -7.76 14.17
C GLU D 54 -53.30 -9.11 13.81
N TRP D 55 -54.59 -9.25 14.15
CA TRP D 55 -55.43 -10.38 13.76
C TRP D 55 -56.35 -10.05 12.58
N LEU D 56 -56.13 -8.92 11.88
CA LEU D 56 -57.03 -8.54 10.78
C LEU D 56 -57.13 -9.61 9.70
N LYS D 57 -56.01 -10.29 9.41
CA LYS D 57 -56.04 -11.43 8.49
C LYS D 57 -57.19 -12.37 8.85
N SER D 58 -57.37 -12.65 10.14
CA SER D 58 -58.42 -13.55 10.60
C SER D 58 -59.81 -12.88 10.53
N TRP D 59 -59.94 -11.67 11.03
CA TRP D 59 -61.27 -11.02 11.10
C TRP D 59 -61.88 -10.86 9.73
N ALA D 60 -61.08 -10.42 8.77
CA ALA D 60 -61.53 -10.18 7.40
C ALA D 60 -61.39 -11.41 6.48
N LYS D 61 -61.03 -12.58 7.03
CA LYS D 61 -60.92 -13.82 6.29
C LYS D 61 -60.05 -13.68 4.99
N VAL D 62 -58.91 -12.99 5.13
CA VAL D 62 -57.99 -12.75 4.01
C VAL D 62 -57.08 -13.98 3.86
N PRO D 63 -57.02 -14.57 2.65
CA PRO D 63 -56.07 -15.69 2.43
C PRO D 63 -54.58 -15.26 2.40
N ALA D 64 -53.73 -16.22 2.73
CA ALA D 64 -52.30 -15.98 2.95
C ALA D 64 -51.63 -15.22 1.82
N ASP D 65 -51.83 -15.71 0.59
CA ASP D 65 -51.22 -15.15 -0.61
C ASP D 65 -51.58 -13.67 -0.72
N GLU D 66 -52.85 -13.35 -0.47
CA GLU D 66 -53.28 -11.94 -0.55
C GLU D 66 -52.79 -11.09 0.61
N TRP D 67 -52.79 -11.67 1.82
CA TRP D 67 -52.29 -10.95 3.01
C TRP D 67 -50.80 -10.61 2.86
N LEU D 68 -50.02 -11.62 2.46
CA LEU D 68 -48.56 -11.47 2.35
C LEU D 68 -48.14 -10.56 1.19
N LYS D 69 -49.04 -10.32 0.24
CA LYS D 69 -48.83 -9.28 -0.80
C LYS D 69 -48.65 -7.88 -0.22
N LEU D 70 -49.05 -7.67 1.04
CA LEU D 70 -48.73 -6.41 1.73
C LEU D 70 -47.21 -6.11 1.83
N MET D 71 -46.40 -7.15 1.73
CA MET D 71 -44.96 -7.01 1.59
C MET D 71 -44.54 -6.01 0.54
N ASP D 72 -45.28 -5.96 -0.57
CA ASP D 72 -44.99 -5.04 -1.67
C ASP D 72 -45.17 -3.60 -1.28
N GLN D 73 -45.94 -3.31 -0.21
CA GLN D 73 -46.08 -1.93 0.30
C GLN D 73 -45.22 -1.65 1.53
N TRP D 74 -44.44 -2.62 1.95
CA TRP D 74 -43.65 -2.46 3.16
C TRP D 74 -42.43 -1.63 2.82
N ASN D 75 -42.49 -0.37 3.20
CA ASN D 75 -41.42 0.56 2.93
C ASN D 75 -41.48 1.71 3.96
N PRO D 76 -41.16 1.42 5.23
CA PRO D 76 -41.31 2.43 6.29
C PRO D 76 -40.23 3.51 6.20
N THR D 77 -40.51 4.51 5.38
CA THR D 77 -39.61 5.63 5.13
C THR D 77 -39.18 6.38 6.39
N LYS D 78 -40.08 6.58 7.34
CA LYS D 78 -39.75 7.30 8.59
C LYS D 78 -39.07 6.44 9.69
N PHE D 79 -38.80 5.18 9.41
CA PHE D 79 -38.13 4.33 10.39
C PHE D 79 -36.72 4.76 10.74
N ASP D 80 -36.43 4.89 12.02
CA ASP D 80 -35.11 5.30 12.45
C ASP D 80 -34.85 4.59 13.78
N ALA D 81 -34.05 3.52 13.72
CA ALA D 81 -33.84 2.69 14.89
C ALA D 81 -33.29 3.49 16.10
N LYS D 82 -32.48 4.50 15.83
CA LYS D 82 -31.89 5.38 16.87
C LYS D 82 -32.96 6.20 17.57
N LYS D 83 -33.89 6.71 16.82
CA LYS D 83 -35.03 7.40 17.36
C LYS D 83 -35.87 6.47 18.26
N TRP D 84 -36.14 5.26 17.78
CA TRP D 84 -36.91 4.28 18.59
C TRP D 84 -36.25 4.05 19.93
N ALA D 85 -34.94 3.87 19.92
CA ALA D 85 -34.19 3.54 21.13
C ALA D 85 -34.14 4.74 22.09
N LYS D 86 -34.06 5.95 21.55
CA LYS D 86 -34.13 7.17 22.35
C LYS D 86 -35.53 7.27 23.01
N MET D 87 -36.59 6.94 22.27
CA MET D 87 -37.94 6.95 22.86
C MET D 87 -38.08 5.95 24.04
N ALA D 88 -37.60 4.72 23.86
CA ALA D 88 -37.56 3.74 24.93
C ALA D 88 -36.72 4.19 26.15
N LYS D 89 -35.56 4.78 25.91
CA LYS D 89 -34.69 5.31 26.99
C LYS D 89 -35.38 6.39 27.82
N GLU D 90 -35.98 7.36 27.13
CA GLU D 90 -36.75 8.44 27.71
C GLU D 90 -37.96 7.92 28.53
N MET D 91 -38.61 6.87 28.04
CA MET D 91 -39.71 6.23 28.80
C MET D 91 -39.26 5.62 30.13
N GLY D 92 -38.00 5.25 30.23
CA GLY D 92 -37.50 4.55 31.40
C GLY D 92 -37.54 3.04 31.25
N THR D 93 -37.77 2.53 30.05
CA THR D 93 -37.79 1.06 29.82
C THR D 93 -36.38 0.53 29.80
N LYS D 94 -36.15 -0.56 30.52
CA LYS D 94 -34.81 -1.19 30.56
C LYS D 94 -34.63 -2.30 29.52
N TYR D 95 -35.74 -2.67 28.88
CA TYR D 95 -35.76 -3.65 27.85
C TYR D 95 -36.90 -3.46 26.90
N VAL D 96 -36.72 -4.00 25.70
CA VAL D 96 -37.75 -4.05 24.68
C VAL D 96 -37.92 -5.47 24.10
N LYS D 97 -39.18 -5.91 23.98
CA LYS D 97 -39.54 -7.21 23.41
C LYS D 97 -40.07 -6.92 22.02
N ILE D 98 -39.46 -7.53 20.99
CA ILE D 98 -39.78 -7.19 19.60
C ILE D 98 -40.42 -8.38 18.91
N THR D 99 -41.49 -8.12 18.17
CA THR D 99 -42.09 -9.17 17.31
C THR D 99 -41.17 -9.50 16.11
N THR D 100 -40.41 -10.58 16.22
CA THR D 100 -39.54 -11.01 15.13
C THR D 100 -40.41 -11.55 14.01
N LYS D 101 -41.46 -12.26 14.40
CA LYS D 101 -42.43 -12.87 13.48
C LYS D 101 -43.73 -12.99 14.30
N HIS D 102 -44.84 -12.37 13.84
CA HIS D 102 -46.18 -12.59 14.46
C HIS D 102 -46.89 -13.77 13.74
N HIS D 103 -48.16 -14.01 14.05
CA HIS D 103 -48.92 -15.12 13.45
C HIS D 103 -48.94 -15.09 11.91
N GLU D 104 -49.03 -13.89 11.34
CA GLU D 104 -48.97 -13.66 9.90
C GLU D 104 -47.71 -14.32 9.21
N GLY D 105 -46.61 -14.51 9.93
CA GLY D 105 -45.43 -15.20 9.39
C GLY D 105 -44.36 -14.30 8.77
N PHE D 106 -44.66 -13.02 8.54
CA PHE D 106 -43.71 -12.06 8.04
C PHE D 106 -42.56 -11.79 9.02
N CYS D 107 -41.33 -12.07 8.59
CA CYS D 107 -40.17 -11.97 9.44
C CYS D 107 -39.54 -10.59 9.35
N LEU D 108 -39.21 -10.00 10.48
CA LEU D 108 -38.49 -8.72 10.51
C LEU D 108 -36.94 -8.85 10.39
N TRP D 109 -36.44 -10.04 10.16
CA TRP D 109 -35.05 -10.28 9.83
C TRP D 109 -35.03 -11.13 8.56
N PRO D 110 -33.89 -11.12 7.81
CA PRO D 110 -33.91 -11.78 6.48
C PRO D 110 -33.69 -13.29 6.62
N SER D 111 -34.72 -14.00 7.06
CA SER D 111 -34.59 -15.43 7.25
C SER D 111 -34.29 -16.11 5.93
N LYS D 112 -33.46 -17.14 5.99
CA LYS D 112 -33.18 -17.93 4.80
C LYS D 112 -34.15 -19.08 4.69
N TYR D 113 -35.08 -19.22 5.64
CA TYR D 113 -35.99 -20.35 5.62
C TYR D 113 -37.37 -20.05 5.10
N THR D 114 -37.58 -18.85 4.61
CA THR D 114 -38.86 -18.45 4.01
C THR D 114 -38.62 -17.21 3.18
N LYS D 115 -39.45 -17.02 2.17
CA LYS D 115 -39.37 -15.77 1.39
C LYS D 115 -40.15 -14.62 2.05
N TYR D 116 -40.93 -14.88 3.10
CA TYR D 116 -41.81 -13.84 3.67
C TYR D 116 -41.03 -13.11 4.73
N THR D 117 -40.10 -12.28 4.27
CA THR D 117 -39.22 -11.52 5.12
C THR D 117 -39.01 -10.14 4.57
N VAL D 118 -38.49 -9.28 5.43
CA VAL D 118 -38.12 -7.93 5.06
C VAL D 118 -37.17 -7.81 3.86
N ALA D 119 -36.38 -8.84 3.56
CA ALA D 119 -35.47 -8.82 2.41
C ALA D 119 -36.20 -8.74 1.05
N ASN D 120 -37.39 -9.34 0.98
CA ASN D 120 -38.21 -9.27 -0.22
C ASN D 120 -39.28 -8.18 -0.17
N THR D 121 -38.96 -7.04 0.45
CA THR D 121 -39.82 -5.90 0.46
C THR D 121 -39.04 -4.81 -0.16
N PRO D 122 -39.71 -3.75 -0.63
CA PRO D 122 -38.96 -2.59 -1.13
C PRO D 122 -37.93 -2.06 -0.14
N TYR D 123 -38.22 -2.14 1.16
CA TYR D 123 -37.33 -1.63 2.19
C TYR D 123 -36.07 -2.43 2.28
N LYS D 124 -36.15 -3.75 2.11
CA LYS D 124 -34.98 -4.69 2.04
C LYS D 124 -34.18 -4.89 3.34
N ARG D 125 -34.08 -3.86 4.18
CA ARG D 125 -33.14 -3.88 5.29
C ARG D 125 -33.55 -4.79 6.47
N ASP D 126 -32.53 -5.25 7.17
CA ASP D 126 -32.68 -6.04 8.38
C ASP D 126 -33.10 -5.14 9.55
N ILE D 127 -34.40 -4.88 9.60
CA ILE D 127 -35.01 -4.07 10.64
C ILE D 127 -34.66 -4.59 12.01
N LEU D 128 -34.82 -5.89 12.20
CA LEU D 128 -34.56 -6.46 13.51
C LEU D 128 -33.10 -6.18 13.93
N GLY D 129 -32.13 -6.41 13.03
CA GLY D 129 -30.73 -6.13 13.34
C GLY D 129 -30.48 -4.65 13.65
N GLU D 130 -31.11 -3.76 12.91
CA GLU D 130 -31.00 -2.32 13.23
C GLU D 130 -31.52 -1.99 14.62
N LEU D 131 -32.63 -2.60 15.00
CA LEU D 131 -33.20 -2.40 16.34
C LEU D 131 -32.32 -2.95 17.44
N VAL D 132 -31.84 -4.16 17.25
CA VAL D 132 -30.97 -4.79 18.23
C VAL D 132 -29.77 -3.87 18.57
N LYS D 133 -29.09 -3.41 17.52
CA LYS D 133 -27.94 -2.52 17.63
C LYS D 133 -28.33 -1.21 18.36
N ALA D 134 -29.38 -0.54 17.88
CA ALA D 134 -29.79 0.74 18.42
C ALA D 134 -30.21 0.64 19.89
N TYR D 135 -30.98 -0.40 20.24
CA TYR D 135 -31.34 -0.57 21.63
C TYR D 135 -30.13 -0.90 22.46
N ASN D 136 -29.30 -1.85 22.00
CA ASN D 136 -28.11 -2.19 22.76
C ASN D 136 -27.18 -0.96 22.98
N ASP D 137 -27.07 -0.07 22.00
CA ASP D 137 -26.29 1.16 22.16
C ASP D 137 -26.80 2.07 23.26
N GLU D 138 -28.09 1.97 23.60
CA GLU D 138 -28.63 2.72 24.71
C GLU D 138 -28.58 1.96 26.04
N GLY D 139 -27.96 0.80 26.08
CA GLY D 139 -27.96 -0.05 27.28
C GLY D 139 -29.30 -0.70 27.56
N ILE D 140 -30.11 -0.91 26.52
CA ILE D 140 -31.44 -1.53 26.64
C ILE D 140 -31.34 -3.00 26.14
N ASP D 141 -31.70 -3.93 27.00
CA ASP D 141 -31.72 -5.35 26.59
C ASP D 141 -32.80 -5.55 25.52
N VAL D 142 -32.60 -6.58 24.69
CA VAL D 142 -33.55 -6.93 23.68
C VAL D 142 -34.01 -8.35 23.84
N HIS D 143 -35.32 -8.53 23.77
CA HIS D 143 -36.00 -9.80 23.90
C HIS D 143 -36.75 -10.05 22.60
N PHE D 144 -36.85 -11.32 22.22
CA PHE D 144 -37.50 -11.70 20.95
C PHE D 144 -38.81 -12.38 21.16
N TYR D 145 -39.87 -11.70 20.73
CA TYR D 145 -41.17 -12.34 20.61
C TYR D 145 -41.12 -13.22 19.36
N PHE D 146 -41.69 -14.41 19.46
CA PHE D 146 -41.73 -15.34 18.32
C PHE D 146 -43.04 -16.13 18.32
N SER D 147 -43.82 -16.04 17.24
CA SER D 147 -45.02 -16.82 17.15
C SER D 147 -44.78 -18.18 16.52
N VAL D 148 -45.09 -19.24 17.26
CA VAL D 148 -44.93 -20.56 16.71
C VAL D 148 -45.97 -20.78 15.62
N MET D 149 -47.24 -20.50 15.92
CA MET D 149 -48.31 -20.53 14.94
C MET D 149 -47.96 -19.58 13.80
N ASP D 150 -48.01 -20.10 12.58
CA ASP D 150 -47.54 -19.36 11.39
C ASP D 150 -48.52 -19.57 10.22
N TRP D 151 -49.28 -18.52 9.94
CA TRP D 151 -50.30 -18.51 8.90
C TRP D 151 -49.73 -18.41 7.47
N SER D 152 -48.41 -18.23 7.34
CA SER D 152 -47.73 -18.15 6.03
C SER D 152 -47.20 -19.49 5.56
N ASN D 153 -47.12 -20.47 6.45
CA ASN D 153 -46.53 -21.76 6.14
C ASN D 153 -47.60 -22.84 6.07
N PRO D 154 -47.84 -23.41 4.86
CA PRO D 154 -48.93 -24.38 4.69
C PRO D 154 -48.70 -25.72 5.41
N ASP D 155 -47.48 -25.99 5.87
CA ASP D 155 -47.23 -27.14 6.77
C ASP D 155 -47.70 -26.95 8.23
N TYR D 156 -48.14 -25.73 8.59
CA TYR D 156 -48.68 -25.54 9.94
C TYR D 156 -49.95 -26.38 10.11
N ARG D 157 -50.16 -26.93 11.31
CA ARG D 157 -51.39 -27.63 11.65
C ARG D 157 -51.90 -27.21 13.03
N TYR D 158 -53.22 -27.03 13.10
CA TYR D 158 -53.96 -26.69 14.33
C TYR D 158 -54.12 -27.93 15.19
N ASP D 159 -54.23 -29.09 14.56
CA ASP D 159 -54.26 -30.36 15.27
C ASP D 159 -53.72 -31.46 14.38
N ILE D 160 -53.38 -32.58 15.01
CA ILE D 160 -52.86 -33.75 14.32
C ILE D 160 -53.98 -34.81 14.23
N LYS D 161 -54.75 -34.80 13.13
CA LYS D 161 -55.87 -35.75 12.91
C LYS D 161 -55.57 -36.84 11.84
N SER D 162 -54.34 -36.93 11.31
CA SER D 162 -53.95 -37.92 10.28
C SER D 162 -52.43 -38.08 10.21
N LYS D 163 -51.96 -39.16 9.58
CA LYS D 163 -50.53 -39.35 9.30
C LYS D 163 -49.98 -38.21 8.38
N GLU D 164 -50.82 -37.66 7.49
CA GLU D 164 -50.45 -36.50 6.62
C GLU D 164 -50.20 -35.23 7.46
N ASP D 165 -51.07 -34.99 8.44
CA ASP D 165 -50.91 -33.89 9.40
C ASP D 165 -49.58 -34.03 10.15
N SER D 166 -49.28 -35.24 10.64
CA SER D 166 -48.00 -35.53 11.32
C SER D 166 -46.76 -35.23 10.49
N ILE D 167 -46.83 -35.60 9.21
CA ILE D 167 -45.70 -35.41 8.30
C ILE D 167 -45.44 -33.92 8.10
N ALA D 168 -46.51 -33.20 7.75
CA ALA D 168 -46.47 -31.76 7.50
C ALA D 168 -45.99 -31.00 8.74
N PHE D 169 -46.56 -31.33 9.89
CA PHE D 169 -46.20 -30.68 11.15
C PHE D 169 -44.75 -30.95 11.56
N SER D 170 -44.26 -32.17 11.31
CA SER D 170 -42.84 -32.49 11.57
C SER D 170 -41.91 -31.56 10.81
N ARG D 171 -42.24 -31.33 9.55
CA ARG D 171 -41.49 -30.42 8.70
C ARG D 171 -41.56 -28.97 9.24
N PHE D 172 -42.77 -28.56 9.64
CA PHE D 172 -43.00 -27.28 10.27
C PHE D 172 -42.15 -27.02 11.56
N LEU D 173 -42.06 -28.01 12.44
CA LEU D 173 -41.22 -27.93 13.62
C LEU D 173 -39.73 -27.81 13.29
N GLU D 174 -39.28 -28.45 12.21
CA GLU D 174 -37.88 -28.31 11.74
C GLU D 174 -37.62 -26.90 11.23
N PHE D 175 -38.53 -26.43 10.39
CA PHE D 175 -38.55 -25.03 9.93
C PHE D 175 -38.47 -24.03 11.12
N THR D 176 -39.22 -24.31 12.17
CA THR D 176 -39.28 -23.45 13.34
C THR D 176 -37.97 -23.45 14.06
N ASP D 177 -37.44 -24.65 14.30
CA ASP D 177 -36.09 -24.80 14.89
C ASP D 177 -35.05 -24.01 14.11
N ASN D 178 -35.13 -24.10 12.79
CA ASN D 178 -34.19 -23.43 11.93
C ASN D 178 -34.22 -21.92 12.06
N GLN D 179 -35.44 -21.36 12.05
CA GLN D 179 -35.62 -19.96 12.31
C GLN D 179 -35.07 -19.56 13.68
N LEU D 180 -35.38 -20.35 14.70
CA LEU D 180 -34.93 -20.01 16.04
C LEU D 180 -33.41 -20.02 16.19
N LYS D 181 -32.76 -21.09 15.68
CA LYS D 181 -31.29 -21.18 15.64
C LYS D 181 -30.68 -19.99 14.91
N GLU D 182 -31.30 -19.64 13.80
CA GLU D 182 -30.87 -18.49 13.03
C GLU D 182 -30.91 -17.19 13.83
N LEU D 183 -32.03 -16.96 14.52
CA LEU D 183 -32.17 -15.76 15.36
C LEU D 183 -31.08 -15.74 16.45
N ALA D 184 -30.87 -16.88 17.07
CA ALA D 184 -29.92 -16.97 18.22
C ALA D 184 -28.48 -16.72 17.82
N THR D 185 -28.13 -17.12 16.60
CA THR D 185 -26.76 -16.97 16.09
C THR D 185 -26.57 -15.69 15.29
N ARG D 186 -27.60 -15.19 14.60
CA ARG D 186 -27.48 -13.87 13.98
C ARG D 186 -27.45 -12.74 14.99
N TYR D 187 -28.16 -12.89 16.10
CA TYR D 187 -28.31 -11.78 17.09
C TYR D 187 -27.95 -12.29 18.48
N PRO D 188 -26.63 -12.57 18.72
CA PRO D 188 -26.23 -13.21 19.98
C PRO D 188 -26.37 -12.35 21.26
N THR D 189 -26.63 -11.05 21.16
CA THR D 189 -27.01 -10.25 22.37
C THR D 189 -28.47 -10.45 22.89
N VAL D 190 -29.31 -11.21 22.16
CA VAL D 190 -30.67 -11.50 22.62
C VAL D 190 -30.66 -12.04 24.05
N LYS D 191 -31.54 -11.53 24.91
CA LYS D 191 -31.64 -12.00 26.34
C LYS D 191 -32.83 -12.89 26.68
N ASP D 192 -33.78 -13.01 25.77
CA ASP D 192 -35.01 -13.75 26.07
C ASP D 192 -35.69 -14.11 24.77
N PHE D 193 -36.31 -15.27 24.75
CA PHE D 193 -37.30 -15.63 23.72
C PHE D 193 -38.68 -15.77 24.39
N TRP D 194 -39.66 -15.00 23.89
CA TRP D 194 -41.04 -14.98 24.41
C TRP D 194 -41.95 -15.58 23.35
N PHE D 195 -42.21 -16.85 23.51
CA PHE D 195 -43.04 -17.59 22.60
C PHE D 195 -44.54 -17.28 22.78
N ASP D 196 -45.24 -17.18 21.66
CA ASP D 196 -46.70 -17.01 21.59
C ASP D 196 -47.19 -18.04 20.57
N GLY D 197 -48.50 -18.17 20.46
CA GLY D 197 -49.07 -19.00 19.46
C GLY D 197 -48.71 -20.44 19.64
N THR D 198 -48.79 -20.91 20.87
CA THR D 198 -48.38 -22.27 21.23
C THR D 198 -49.51 -23.05 21.87
N TRP D 199 -50.73 -22.55 21.68
CA TRP D 199 -51.90 -23.07 22.41
C TRP D 199 -52.64 -24.18 21.65
N ASP D 200 -52.40 -24.26 20.34
CA ASP D 200 -53.04 -25.28 19.48
C ASP D 200 -52.70 -26.72 19.90
N ALA D 201 -53.65 -27.62 19.69
CA ALA D 201 -53.48 -29.05 20.06
C ALA D 201 -52.21 -29.68 19.46
N SER D 202 -51.84 -29.25 18.27
CA SER D 202 -50.62 -29.73 17.60
C SER D 202 -49.38 -29.56 18.46
N VAL D 203 -49.26 -28.37 19.04
CA VAL D 203 -48.15 -28.06 19.94
C VAL D 203 -48.31 -28.80 21.27
N LYS D 204 -49.51 -28.79 21.85
CA LYS D 204 -49.77 -29.50 23.13
C LYS D 204 -49.42 -31.02 23.03
N LYS D 205 -49.64 -31.61 21.85
CA LYS D 205 -49.29 -33.02 21.64
C LYS D 205 -47.78 -33.26 21.50
N ASN D 206 -47.00 -32.21 21.33
CA ASN D 206 -45.59 -32.30 21.08
C ASN D 206 -44.77 -31.53 22.12
N GLY D 207 -45.05 -31.85 23.37
CA GLY D 207 -44.32 -31.29 24.49
C GLY D 207 -42.81 -31.41 24.35
N TRP D 208 -42.35 -32.60 23.93
CA TRP D 208 -40.93 -32.87 23.70
C TRP D 208 -40.30 -31.73 22.88
N TRP D 209 -41.02 -31.23 21.88
CA TRP D 209 -40.46 -30.19 21.04
C TRP D 209 -40.26 -28.90 21.83
N THR D 210 -41.24 -28.54 22.69
CA THR D 210 -41.17 -27.32 23.47
C THR D 210 -39.96 -27.37 24.41
N ALA D 211 -39.74 -28.52 25.06
CA ALA D 211 -38.54 -28.72 25.94
C ALA D 211 -37.24 -28.70 25.17
N HIS D 212 -37.26 -29.30 23.98
CA HIS D 212 -36.11 -29.30 23.06
C HIS D 212 -35.74 -27.86 22.60
N ALA D 213 -36.75 -27.04 22.27
CA ALA D 213 -36.53 -25.68 21.87
C ALA D 213 -35.86 -24.87 22.98
N GLU D 214 -36.30 -25.09 24.20
CA GLU D 214 -35.77 -24.39 25.35
C GLU D 214 -34.32 -24.77 25.55
N GLN D 215 -34.06 -26.08 25.63
CA GLN D 215 -32.68 -26.62 25.73
C GLN D 215 -31.78 -26.07 24.61
N MET D 216 -32.23 -26.19 23.38
CA MET D 216 -31.48 -25.76 22.21
C MET D 216 -31.09 -24.29 22.31
N LEU D 217 -32.03 -23.43 22.69
CA LEU D 217 -31.74 -22.02 22.71
C LEU D 217 -30.80 -21.71 23.86
N LYS D 218 -30.97 -22.39 24.99
CA LYS D 218 -30.09 -22.16 26.13
C LYS D 218 -28.63 -22.53 25.84
N GLU D 219 -28.42 -23.53 24.96
CA GLU D 219 -27.06 -23.93 24.51
C GLU D 219 -26.48 -22.89 23.59
N LEU D 220 -27.32 -22.29 22.75
CA LEU D 220 -26.84 -21.27 21.84
C LEU D 220 -26.62 -19.89 22.42
N VAL D 221 -27.38 -19.52 23.46
CA VAL D 221 -27.33 -18.18 24.04
C VAL D 221 -27.17 -18.28 25.56
N PRO D 222 -25.93 -18.10 26.06
CA PRO D 222 -25.71 -18.28 27.51
C PRO D 222 -26.54 -17.32 28.35
N GLY D 223 -27.29 -17.86 29.30
CA GLY D 223 -28.13 -17.04 30.19
C GLY D 223 -29.48 -16.56 29.66
N VAL D 224 -29.88 -17.04 28.50
CA VAL D 224 -31.12 -16.61 27.87
C VAL D 224 -32.27 -17.04 28.75
N ALA D 225 -33.30 -16.20 28.79
CA ALA D 225 -34.53 -16.54 29.47
C ALA D 225 -35.53 -17.04 28.44
N ILE D 226 -36.36 -17.97 28.86
CA ILE D 226 -37.39 -18.56 28.01
C ILE D 226 -38.71 -18.51 28.80
N ASN D 227 -39.79 -18.01 28.18
CA ASN D 227 -41.10 -17.87 28.84
C ASN D 227 -41.87 -19.17 28.99
N SER D 228 -42.76 -19.19 29.95
CA SER D 228 -43.50 -20.40 30.29
C SER D 228 -44.48 -20.77 29.15
N ARG D 229 -44.88 -19.76 28.36
CA ARG D 229 -45.92 -19.95 27.32
C ARG D 229 -45.46 -20.90 26.19
N LEU D 230 -44.16 -21.05 26.00
CA LEU D 230 -43.61 -22.02 25.10
C LEU D 230 -44.03 -23.44 25.47
N ARG D 231 -44.04 -23.73 26.76
CA ARG D 231 -43.85 -25.09 27.24
C ARG D 231 -45.11 -25.87 27.49
N ALA D 232 -45.07 -27.14 27.05
CA ALA D 232 -46.08 -28.14 27.36
C ALA D 232 -45.35 -29.39 27.83
N ASP D 233 -45.90 -30.11 28.82
CA ASP D 233 -45.25 -31.32 29.27
C ASP D 233 -45.69 -32.55 28.43
N ASP D 234 -45.24 -33.73 28.87
CA ASP D 234 -45.60 -35.04 28.31
C ASP D 234 -47.12 -35.21 28.11
N LYS D 235 -47.91 -34.67 29.04
CA LYS D 235 -49.39 -34.81 29.02
C LYS D 235 -50.13 -33.70 28.31
N GLY D 236 -49.39 -32.71 27.79
CA GLY D 236 -49.99 -31.54 27.16
C GLY D 236 -50.44 -30.42 28.12
N LYS D 237 -50.06 -30.50 29.41
CA LYS D 237 -50.30 -29.39 30.38
C LYS D 237 -49.33 -28.23 30.07
N ARG D 238 -49.87 -27.02 29.91
CA ARG D 238 -49.11 -25.82 29.48
C ARG D 238 -48.77 -24.86 30.62
N HIS D 239 -47.60 -24.20 30.54
CA HIS D 239 -47.09 -23.24 31.56
C HIS D 239 -46.51 -23.91 32.81
N PHE D 240 -47.38 -24.59 33.56
CA PHE D 240 -47.00 -25.41 34.71
C PHE D 240 -47.24 -26.87 34.35
N ASP D 241 -46.31 -27.74 34.71
CA ASP D 241 -46.40 -29.14 34.32
C ASP D 241 -47.38 -29.94 35.20
N SER D 242 -47.52 -31.23 34.91
CA SER D 242 -48.53 -32.10 35.58
C SER D 242 -48.32 -32.21 37.10
N ASN D 243 -47.10 -31.93 37.56
CA ASN D 243 -46.81 -31.81 39.00
C ASN D 243 -46.91 -30.35 39.50
N GLY D 244 -47.52 -29.45 38.74
CA GLY D 244 -47.68 -28.06 39.15
C GLY D 244 -46.41 -27.24 39.26
N ARG D 245 -45.30 -27.69 38.65
CA ARG D 245 -44.06 -26.93 38.62
C ARG D 245 -43.98 -26.06 37.34
N LEU D 246 -43.50 -24.82 37.51
CA LEU D 246 -43.38 -23.88 36.43
C LEU D 246 -42.36 -24.35 35.41
N MET D 247 -42.73 -24.34 34.14
CA MET D 247 -41.77 -24.59 33.05
C MET D 247 -41.29 -23.26 32.50
N GLY D 248 -40.13 -23.29 31.87
CA GLY D 248 -39.44 -22.07 31.47
C GLY D 248 -38.89 -21.32 32.66
N ASP D 249 -38.38 -20.12 32.41
CA ASP D 249 -37.71 -19.36 33.45
C ASP D 249 -38.61 -18.40 34.20
N TYR D 250 -39.82 -18.14 33.65
CA TYR D 250 -40.75 -17.19 34.23
C TYR D 250 -42.15 -17.39 33.65
N GLU D 251 -43.13 -17.09 34.49
CA GLU D 251 -44.53 -17.21 34.15
C GLU D 251 -44.96 -16.01 33.31
N SER D 252 -45.68 -16.30 32.22
CA SER D 252 -46.00 -15.34 31.18
C SER D 252 -47.48 -15.38 30.74
N GLY D 253 -48.38 -15.71 31.62
CA GLY D 253 -49.80 -15.73 31.33
C GLY D 253 -50.57 -14.44 31.55
N TYR D 254 -50.01 -13.46 32.24
CA TYR D 254 -50.81 -12.27 32.63
C TYR D 254 -50.74 -11.31 31.50
N GLU D 255 -51.68 -11.49 30.58
CA GLU D 255 -51.79 -10.67 29.37
C GLU D 255 -53.03 -9.77 29.45
N ARG D 256 -52.84 -8.47 29.59
CA ARG D 256 -53.90 -7.52 29.80
C ARG D 256 -54.73 -7.77 31.08
N ARG D 257 -54.14 -8.41 32.08
CA ARG D 257 -54.76 -8.53 33.41
C ARG D 257 -53.62 -8.86 34.40
N LEU D 258 -53.93 -8.78 35.70
CA LEU D 258 -52.91 -8.90 36.73
C LEU D 258 -53.39 -9.71 37.89
N PRO D 259 -52.47 -10.38 38.61
CA PRO D 259 -52.89 -11.15 39.77
C PRO D 259 -53.49 -10.26 40.85
N ASP D 260 -54.43 -10.83 41.58
CA ASP D 260 -55.07 -10.09 42.67
C ASP D 260 -54.08 -9.89 43.83
N PRO D 261 -53.89 -8.62 44.31
CA PRO D 261 -52.93 -8.35 45.36
C PRO D 261 -53.19 -9.00 46.75
N VAL D 262 -54.40 -9.48 46.98
CA VAL D 262 -54.74 -10.20 48.20
C VAL D 262 -54.80 -11.70 47.96
N LYS D 263 -55.40 -12.15 46.86
CA LYS D 263 -55.65 -13.56 46.66
C LYS D 263 -54.62 -14.37 45.86
N ASP D 264 -53.75 -13.71 45.10
CA ASP D 264 -52.82 -14.38 44.20
C ASP D 264 -51.38 -14.18 44.62
N LEU D 265 -51.14 -14.16 45.93
CA LEU D 265 -49.79 -14.04 46.44
C LEU D 265 -48.85 -15.20 46.05
N LYS D 266 -49.39 -16.33 45.64
CA LYS D 266 -48.58 -17.43 45.13
C LYS D 266 -47.62 -17.00 44.03
N VAL D 267 -47.94 -15.94 43.29
CA VAL D 267 -47.10 -15.51 42.17
C VAL D 267 -45.74 -15.02 42.63
N THR D 268 -45.63 -14.67 43.93
CA THR D 268 -44.39 -14.17 44.43
C THR D 268 -43.29 -15.26 44.53
N GLN D 269 -43.69 -16.53 44.41
CA GLN D 269 -42.76 -17.65 44.46
C GLN D 269 -41.95 -17.88 43.20
N TRP D 270 -42.31 -17.24 42.10
CA TRP D 270 -41.58 -17.39 40.87
C TRP D 270 -41.45 -16.08 40.15
N ASP D 271 -40.54 -16.04 39.21
CA ASP D 271 -40.39 -14.88 38.31
C ASP D 271 -41.54 -14.89 37.31
N TRP D 272 -41.97 -13.70 36.91
CA TRP D 272 -43.10 -13.56 36.05
C TRP D 272 -43.12 -12.20 35.44
N GLU D 273 -43.72 -12.12 34.27
CA GLU D 273 -43.80 -10.88 33.49
C GLU D 273 -45.21 -10.74 32.92
N ALA D 274 -45.78 -9.57 33.10
CA ALA D 274 -47.08 -9.23 32.54
C ALA D 274 -46.86 -8.35 31.34
N CYS D 275 -47.80 -8.39 30.40
CA CYS D 275 -47.84 -7.46 29.29
C CYS D 275 -49.24 -6.83 29.20
N MET D 276 -49.30 -5.65 28.61
CA MET D 276 -50.54 -4.87 28.54
C MET D 276 -50.54 -3.98 27.31
N THR D 277 -51.75 -3.61 26.91
CA THR D 277 -52.00 -2.71 25.80
C THR D 277 -52.50 -1.43 26.36
N ILE D 278 -52.35 -0.36 25.58
CA ILE D 278 -52.90 0.96 25.95
C ILE D 278 -54.42 1.03 25.72
N PRO D 279 -54.88 0.73 24.50
CA PRO D 279 -56.30 0.45 24.37
C PRO D 279 -56.68 -0.89 24.98
N GLU D 280 -57.95 -1.24 24.90
CA GLU D 280 -58.42 -2.46 25.49
C GLU D 280 -57.76 -3.71 24.95
N ASN D 281 -57.69 -3.81 23.63
CA ASN D 281 -57.06 -4.94 22.96
C ASN D 281 -56.60 -4.61 21.52
N GLN D 282 -55.53 -3.82 21.43
CA GLN D 282 -54.84 -3.55 20.16
C GLN D 282 -53.35 -3.66 20.42
N TRP D 283 -52.68 -4.62 19.76
CA TRP D 283 -51.22 -4.77 19.90
C TRP D 283 -50.51 -4.17 18.71
N GLY D 284 -50.90 -4.62 17.52
CA GLY D 284 -50.48 -3.97 16.25
C GLY D 284 -51.21 -2.63 16.08
N TYR D 285 -50.66 -1.77 15.22
CA TYR D 285 -51.26 -0.50 14.88
C TYR D 285 -52.66 -0.62 14.35
N HIS D 286 -53.58 0.10 15.00
CA HIS D 286 -54.97 0.22 14.55
C HIS D 286 -55.25 1.69 14.39
N LYS D 287 -55.82 2.04 13.24
CA LYS D 287 -55.97 3.46 12.87
C LYS D 287 -57.03 4.24 13.69
N ASP D 288 -57.99 3.54 14.26
CA ASP D 288 -59.01 4.15 15.09
C ASP D 288 -59.05 3.68 16.56
N TRP D 289 -58.39 4.43 17.44
CA TRP D 289 -58.42 4.15 18.89
C TRP D 289 -59.68 4.64 19.65
N SER D 290 -60.57 5.38 18.98
CA SER D 290 -61.86 5.72 19.57
C SER D 290 -62.81 4.53 19.74
N LEU D 291 -62.50 3.35 19.19
CA LEU D 291 -63.41 2.19 19.32
C LEU D 291 -63.44 1.48 20.69
N SER D 292 -62.46 1.72 21.56
CA SER D 292 -62.45 1.08 22.90
C SER D 292 -61.76 2.02 23.80
N TYR D 293 -61.83 1.71 25.09
CA TYR D 293 -61.24 2.56 26.11
C TYR D 293 -59.71 2.61 25.99
N VAL D 294 -59.14 3.81 26.09
CA VAL D 294 -57.71 4.05 26.04
C VAL D 294 -57.23 4.48 27.43
N LYS D 295 -56.25 3.76 27.99
CA LYS D 295 -55.83 4.00 29.35
C LYS D 295 -55.06 5.30 29.42
N THR D 296 -55.18 5.98 30.56
CA THR D 296 -54.41 7.18 30.81
C THR D 296 -53.05 6.79 31.38
N PRO D 297 -52.11 7.75 31.43
CA PRO D 297 -50.80 7.39 31.93
C PRO D 297 -50.81 6.84 33.38
N ILE D 298 -51.63 7.43 34.23
CA ILE D 298 -51.71 6.99 35.63
C ILE D 298 -52.29 5.57 35.76
N GLU D 299 -53.29 5.23 34.96
CA GLU D 299 -53.78 3.88 34.88
C GLU D 299 -52.68 2.88 34.46
N VAL D 300 -51.77 3.30 33.59
CA VAL D 300 -50.68 2.45 33.14
C VAL D 300 -49.67 2.29 34.24
N ILE D 301 -49.34 3.42 34.86
CA ILE D 301 -48.36 3.46 35.96
C ILE D 301 -48.82 2.62 37.16
N ASP D 302 -50.09 2.70 37.45
CA ASP D 302 -50.72 1.82 38.43
C ASP D 302 -50.44 0.33 38.15
N ARG D 303 -50.58 -0.11 36.90
CA ARG D 303 -50.40 -1.50 36.57
C ARG D 303 -48.93 -1.88 36.64
N ILE D 304 -48.04 -0.95 36.24
CA ILE D 304 -46.60 -1.18 36.35
C ILE D 304 -46.22 -1.46 37.82
N VAL D 305 -46.67 -0.58 38.69
CA VAL D 305 -46.32 -0.69 40.13
C VAL D 305 -46.98 -1.90 40.76
N HIS D 306 -48.22 -2.18 40.36
CA HIS D 306 -48.92 -3.38 40.80
C HIS D 306 -48.06 -4.60 40.53
N ALA D 307 -47.59 -4.73 39.29
CA ALA D 307 -46.77 -5.88 38.93
C ALA D 307 -45.50 -6.03 39.81
N VAL D 308 -44.76 -4.93 39.96
CA VAL D 308 -43.55 -4.93 40.73
C VAL D 308 -43.81 -5.23 42.19
N SER D 309 -44.92 -4.71 42.71
CA SER D 309 -45.34 -4.99 44.10
C SER D 309 -45.63 -6.42 44.36
N MET D 310 -45.90 -7.19 43.31
CA MET D 310 -46.12 -8.65 43.43
C MET D 310 -45.00 -9.47 42.80
N GLY D 311 -43.85 -8.84 42.65
CA GLY D 311 -42.62 -9.54 42.22
C GLY D 311 -42.53 -9.81 40.72
N GLY D 312 -43.18 -9.00 39.89
CA GLY D 312 -43.22 -9.27 38.46
C GLY D 312 -42.80 -8.08 37.66
N ASN D 313 -42.47 -8.33 36.39
CA ASN D 313 -42.18 -7.28 35.43
C ASN D 313 -43.45 -6.86 34.67
N MET D 314 -43.44 -5.65 34.12
CA MET D 314 -44.50 -5.20 33.27
C MET D 314 -43.92 -4.71 31.93
N VAL D 315 -44.56 -5.11 30.83
CA VAL D 315 -44.20 -4.70 29.49
C VAL D 315 -45.38 -3.98 28.86
N VAL D 316 -45.17 -2.70 28.54
CA VAL D 316 -46.20 -1.86 27.97
C VAL D 316 -46.04 -1.88 26.43
N ASN D 317 -47.12 -2.20 25.72
CA ASN D 317 -47.04 -2.36 24.29
C ASN D 317 -47.21 -1.09 23.45
N PHE D 318 -46.47 -1.07 22.34
CA PHE D 318 -46.53 -0.05 21.29
C PHE D 318 -46.68 -0.73 19.92
N GLY D 319 -47.58 -0.19 19.10
CA GLY D 319 -47.86 -0.66 17.73
C GLY D 319 -47.46 0.46 16.76
N PRO D 320 -46.18 0.49 16.36
CA PRO D 320 -45.73 1.49 15.38
C PRO D 320 -46.52 1.56 14.08
N GLN D 321 -46.56 2.75 13.52
CA GLN D 321 -47.21 3.00 12.22
C GLN D 321 -46.47 2.29 11.08
N ALA D 322 -47.19 2.09 9.97
CA ALA D 322 -46.61 1.51 8.75
C ALA D 322 -45.39 2.31 8.28
N ASP D 323 -45.43 3.63 8.45
CA ASP D 323 -44.32 4.47 8.01
C ASP D 323 -43.10 4.41 8.90
N GLY D 324 -43.20 3.76 10.07
CA GLY D 324 -42.05 3.55 10.95
C GLY D 324 -41.94 4.58 12.06
N ASP D 325 -42.92 5.45 12.16
CA ASP D 325 -43.00 6.42 13.27
C ASP D 325 -44.08 5.93 14.26
N PHE D 326 -44.10 6.53 15.45
CA PHE D 326 -45.13 6.24 16.48
C PHE D 326 -46.21 7.31 16.50
N ARG D 327 -47.45 6.88 16.60
CA ARG D 327 -48.59 7.74 16.70
C ARG D 327 -48.45 8.67 17.91
N PRO D 328 -49.17 9.82 17.91
CA PRO D 328 -49.00 10.82 18.99
C PRO D 328 -49.44 10.40 20.40
N GLU D 329 -50.48 9.57 20.50
CA GLU D 329 -50.91 9.01 21.78
C GLU D 329 -49.78 8.18 22.43
N GLU D 330 -49.03 7.44 21.62
CA GLU D 330 -47.96 6.58 22.14
C GLU D 330 -46.74 7.39 22.54
N LYS D 331 -46.42 8.42 21.77
CA LYS D 331 -45.38 9.36 22.20
C LYS D 331 -45.70 10.05 23.53
N ALA D 332 -46.94 10.46 23.69
CA ALA D 332 -47.40 11.13 24.90
C ALA D 332 -47.35 10.15 26.11
N MET D 333 -47.79 8.91 25.90
CA MET D 333 -47.70 7.88 26.89
C MET D 333 -46.25 7.66 27.34
N ALA D 334 -45.35 7.50 26.39
CA ALA D 334 -43.96 7.20 26.72
C ALA D 334 -43.29 8.32 27.52
N THR D 335 -43.55 9.56 27.12
CA THR D 335 -43.02 10.74 27.81
C THR D 335 -43.61 10.84 29.23
N ALA D 336 -44.93 10.64 29.37
CA ALA D 336 -45.58 10.73 30.72
C ALA D 336 -45.10 9.64 31.68
N ILE D 337 -45.01 8.39 31.19
CA ILE D 337 -44.43 7.33 31.99
C ILE D 337 -42.97 7.71 32.36
N GLY D 338 -42.19 8.11 31.37
CA GLY D 338 -40.79 8.52 31.60
C GLY D 338 -40.58 9.62 32.67
N LYS D 339 -41.47 10.60 32.67
CA LYS D 339 -41.42 11.67 33.68
C LYS D 339 -41.68 11.11 35.09
N TRP D 340 -42.68 10.24 35.22
CA TRP D 340 -43.02 9.69 36.52
C TRP D 340 -41.89 8.78 36.98
N MET D 341 -41.38 7.95 36.07
CA MET D 341 -40.26 7.03 36.44
C MET D 341 -38.98 7.77 36.83
N ASN D 342 -38.72 8.87 36.16
CA ASN D 342 -37.53 9.66 36.47
C ASN D 342 -37.59 10.17 37.91
N ARG D 343 -38.77 10.56 38.36
CA ARG D 343 -38.99 10.99 39.74
C ARG D 343 -39.12 9.86 40.77
N TYR D 344 -39.85 8.79 40.43
CA TYR D 344 -40.25 7.79 41.43
C TYR D 344 -39.71 6.38 41.22
N GLY D 345 -38.88 6.22 40.19
CA GLY D 345 -38.43 4.93 39.74
C GLY D 345 -37.49 4.21 40.67
N LYS D 346 -36.97 4.88 41.70
CA LYS D 346 -36.30 4.14 42.81
C LYS D 346 -37.24 3.10 43.46
N ALA D 347 -38.55 3.32 43.40
CA ALA D 347 -39.57 2.37 43.90
C ALA D 347 -39.96 1.25 42.93
N VAL D 348 -39.41 1.25 41.72
CA VAL D 348 -39.77 0.31 40.63
C VAL D 348 -38.55 -0.51 40.22
N TYR D 349 -37.47 0.16 39.78
CA TYR D 349 -36.31 -0.56 39.28
C TYR D 349 -35.71 -1.38 40.39
N ALA D 350 -35.45 -2.65 40.12
CA ALA D 350 -34.78 -3.54 41.07
C ALA D 350 -35.56 -3.68 42.39
N CYS D 351 -36.86 -3.49 42.33
CA CYS D 351 -37.67 -3.71 43.51
C CYS D 351 -38.44 -5.05 43.41
N ASP D 352 -39.06 -5.47 44.52
CA ASP D 352 -39.72 -6.74 44.59
C ASP D 352 -40.87 -6.64 45.62
N TYR D 353 -41.55 -7.76 45.79
CA TYR D 353 -42.59 -7.95 46.79
C TYR D 353 -42.06 -7.57 48.19
N ALA D 354 -42.83 -6.81 48.96
CA ALA D 354 -42.44 -6.40 50.30
C ALA D 354 -42.93 -7.28 51.48
N GLY D 355 -43.85 -8.21 51.26
CA GLY D 355 -44.30 -9.06 52.35
C GLY D 355 -45.27 -8.39 53.32
N PHE D 356 -45.82 -7.23 52.97
CA PHE D 356 -46.82 -6.52 53.78
C PHE D 356 -48.26 -6.75 53.24
N GLU D 357 -49.21 -6.72 54.15
CA GLU D 357 -50.62 -6.82 53.80
C GLU D 357 -51.06 -5.60 53.00
N LYS D 358 -51.74 -5.84 51.91
CA LYS D 358 -52.19 -4.80 50.98
C LYS D 358 -53.12 -3.79 51.62
N GLN D 359 -52.92 -2.52 51.35
CA GLN D 359 -53.77 -1.47 51.87
C GLN D 359 -54.39 -0.72 50.69
N ASP D 360 -55.45 0.04 50.99
CA ASP D 360 -56.26 0.71 49.98
C ASP D 360 -55.58 1.88 49.27
N TRP D 361 -54.60 2.49 49.92
CA TRP D 361 -53.97 3.67 49.35
C TRP D 361 -53.10 3.38 48.17
N GLY D 362 -52.67 2.13 47.99
CA GLY D 362 -51.70 1.84 46.93
C GLY D 362 -50.91 0.58 47.16
N TYR D 363 -49.62 0.62 46.80
CA TYR D 363 -48.79 -0.61 46.82
C TYR D 363 -47.52 -0.39 47.59
N TYR D 364 -47.02 -1.45 48.17
CA TYR D 364 -45.69 -1.46 48.67
C TYR D 364 -44.71 -2.09 47.68
N THR D 365 -43.49 -1.57 47.62
CA THR D 365 -42.38 -2.29 46.99
C THR D 365 -41.15 -2.28 47.89
N ARG D 366 -40.31 -3.31 47.73
CA ARG D 366 -39.11 -3.49 48.54
C ARG D 366 -37.86 -3.29 47.66
N GLY D 367 -36.98 -2.38 48.05
CA GLY D 367 -35.69 -2.14 47.41
C GLY D 367 -34.64 -3.17 47.78
N LYS D 368 -33.49 -3.07 47.11
CA LYS D 368 -32.38 -4.02 47.34
C LYS D 368 -31.73 -4.01 48.73
N ASN D 369 -31.84 -2.90 49.43
CA ASN D 369 -31.32 -2.78 50.77
C ASN D 369 -32.46 -2.69 51.82
N ASP D 370 -33.55 -3.43 51.63
CA ASP D 370 -34.72 -3.41 52.53
C ASP D 370 -35.40 -2.06 52.77
N GLU D 371 -35.28 -1.14 51.80
CA GLU D 371 -36.14 0.03 51.75
C GLU D 371 -37.56 -0.47 51.44
N VAL D 372 -38.60 0.09 52.09
CA VAL D 372 -39.98 -0.25 51.81
C VAL D 372 -40.62 1.03 51.33
N TYR D 373 -41.05 1.02 50.07
CA TYR D 373 -41.68 2.15 49.49
C TYR D 373 -43.19 2.00 49.54
N MET D 374 -43.88 3.08 49.87
CA MET D 374 -45.32 3.14 49.82
C MET D 374 -45.63 3.96 48.61
N VAL D 375 -46.25 3.36 47.58
CA VAL D 375 -46.60 4.10 46.37
C VAL D 375 -48.10 4.37 46.45
N VAL D 376 -48.44 5.63 46.59
CA VAL D 376 -49.79 6.07 46.93
C VAL D 376 -50.53 6.52 45.72
N PHE D 377 -51.61 5.80 45.41
CA PHE D 377 -52.46 6.11 44.27
C PHE D 377 -53.85 6.70 44.67
N ASN D 378 -54.31 6.42 45.89
CA ASN D 378 -55.66 6.76 46.35
C ASN D 378 -55.50 7.45 47.70
N GLN D 379 -55.68 8.77 47.69
CA GLN D 379 -55.32 9.63 48.82
C GLN D 379 -56.47 9.61 49.82
N PRO D 380 -56.23 9.14 51.05
CA PRO D 380 -57.34 9.08 52.02
C PRO D 380 -57.71 10.43 52.58
N TYR D 381 -59.00 10.70 52.66
CA TYR D 381 -59.48 11.93 53.29
C TYR D 381 -59.12 11.98 54.78
N SER D 382 -58.93 10.81 55.41
CA SER D 382 -58.51 10.78 56.80
C SER D 382 -57.14 11.42 57.01
N GLU D 383 -56.37 11.56 55.94
CA GLU D 383 -55.01 12.05 55.95
C GLU D 383 -54.02 11.09 56.56
N ARG D 384 -54.41 9.81 56.65
CA ARG D 384 -53.62 8.82 57.32
C ARG D 384 -53.53 7.57 56.46
N LEU D 385 -52.31 7.06 56.27
CA LEU D 385 -52.05 5.94 55.41
C LEU D 385 -51.78 4.80 56.32
N ILE D 386 -52.66 3.82 56.33
CA ILE D 386 -52.56 2.72 57.28
C ILE D 386 -51.44 1.81 56.84
N VAL D 387 -50.62 1.41 57.78
CA VAL D 387 -49.52 0.48 57.54
C VAL D 387 -49.56 -0.57 58.60
N LYS D 388 -49.88 -1.78 58.19
CA LYS D 388 -49.89 -2.90 59.06
C LYS D 388 -48.63 -3.73 58.77
N THR D 389 -47.79 -3.92 59.78
CA THR D 389 -46.49 -4.54 59.59
C THR D 389 -46.61 -6.00 59.85
N PRO D 390 -45.77 -6.81 59.17
CA PRO D 390 -45.70 -8.22 59.59
C PRO D 390 -45.10 -8.35 61.00
N LYS D 391 -45.18 -9.55 61.53
CA LYS D 391 -44.67 -9.91 62.86
C LYS D 391 -43.18 -9.57 63.00
N GLY D 392 -42.81 -8.87 64.05
CA GLY D 392 -41.44 -8.49 64.28
C GLY D 392 -40.89 -7.29 63.55
N ILE D 393 -41.72 -6.59 62.78
CA ILE D 393 -41.24 -5.52 61.93
C ILE D 393 -41.77 -4.23 62.50
N THR D 394 -40.92 -3.21 62.59
CA THR D 394 -41.31 -1.91 63.06
C THR D 394 -40.90 -0.90 61.99
N VAL D 395 -41.55 0.24 62.04
CA VAL D 395 -41.26 1.33 61.14
C VAL D 395 -40.53 2.38 61.97
N GLU D 396 -39.28 2.67 61.62
CA GLU D 396 -38.47 3.65 62.37
C GLU D 396 -38.64 5.03 61.82
N LYS D 397 -38.89 5.16 60.53
CA LYS D 397 -38.91 6.47 59.89
C LYS D 397 -39.70 6.38 58.58
N ALA D 398 -40.35 7.48 58.22
CA ALA D 398 -40.95 7.69 56.95
C ALA D 398 -40.42 8.97 56.34
N THR D 399 -40.15 8.94 55.03
CA THR D 399 -39.57 10.08 54.31
C THR D 399 -40.27 10.23 52.97
N LEU D 400 -40.67 11.44 52.62
CA LEU D 400 -41.13 11.69 51.26
C LEU D 400 -39.96 11.59 50.25
N LEU D 401 -40.09 10.70 49.28
CA LEU D 401 -38.97 10.36 48.40
C LEU D 401 -38.43 11.55 47.65
N THR D 402 -39.30 12.41 47.11
CA THR D 402 -38.84 13.49 46.25
C THR D 402 -38.09 14.58 46.99
N THR D 403 -38.60 14.96 48.18
CA THR D 403 -38.04 16.10 48.91
C THR D 403 -37.13 15.75 50.08
N GLY D 404 -37.10 14.51 50.51
CA GLY D 404 -36.41 14.14 51.74
C GLY D 404 -37.12 14.54 53.05
N GLU D 405 -38.26 15.21 52.99
CA GLU D 405 -38.92 15.66 54.23
C GLU D 405 -39.40 14.47 55.09
N ASP D 406 -39.39 14.69 56.40
CA ASP D 406 -39.78 13.68 57.35
C ASP D 406 -41.31 13.63 57.43
N ILE D 407 -41.83 12.40 57.58
CA ILE D 407 -43.28 12.16 57.59
C ILE D 407 -43.60 11.51 58.93
N THR D 408 -44.60 12.04 59.63
CA THR D 408 -44.94 11.53 60.95
C THR D 408 -45.47 10.10 60.86
N VAL D 409 -45.02 9.23 61.74
CA VAL D 409 -45.51 7.88 61.90
C VAL D 409 -46.09 7.72 63.31
N VAL D 410 -47.36 7.36 63.43
CA VAL D 410 -48.01 7.21 64.73
C VAL D 410 -48.40 5.76 64.89
N GLU D 411 -48.04 5.15 66.02
CA GLU D 411 -48.44 3.79 66.31
C GLU D 411 -49.90 3.81 66.72
N THR D 412 -50.73 2.97 66.12
CA THR D 412 -52.14 2.91 66.51
C THR D 412 -52.48 1.65 67.27
N THR D 413 -51.80 0.57 66.95
CA THR D 413 -52.06 -0.74 67.47
C THR D 413 -50.69 -1.47 67.50
N ARG D 414 -50.60 -2.62 68.18
CA ARG D 414 -49.49 -3.58 67.96
C ARG D 414 -49.54 -3.90 66.47
N ASN D 415 -48.45 -3.75 65.77
CA ASN D 415 -48.42 -4.08 64.32
C ASN D 415 -49.17 -3.16 63.38
N GLU D 416 -49.57 -1.97 63.82
CA GLU D 416 -50.15 -1.02 62.89
C GLU D 416 -49.80 0.43 63.21
N TYR D 417 -49.61 1.20 62.15
CA TYR D 417 -49.36 2.60 62.23
C TYR D 417 -50.27 3.40 61.32
N ASN D 418 -50.39 4.68 61.61
CA ASN D 418 -50.86 5.66 60.67
C ASN D 418 -49.63 6.44 60.20
N VAL D 419 -49.35 6.43 58.90
CA VAL D 419 -48.33 7.29 58.29
C VAL D 419 -49.06 8.46 57.73
N SER D 420 -48.63 9.67 58.04
CA SER D 420 -49.37 10.84 57.61
C SER D 420 -49.13 11.06 56.17
N VAL D 421 -50.11 11.64 55.51
CA VAL D 421 -49.90 12.12 54.15
C VAL D 421 -48.94 13.32 54.23
N PRO D 422 -48.25 13.65 53.13
CA PRO D 422 -47.40 14.86 53.13
C PRO D 422 -48.21 16.11 53.42
N LYS D 423 -47.54 17.13 53.96
CA LYS D 423 -48.20 18.41 54.31
C LYS D 423 -48.82 19.08 53.10
N LYS D 424 -48.08 19.06 51.99
CA LYS D 424 -48.56 19.50 50.67
C LYS D 424 -48.97 18.27 49.82
N ASN D 425 -50.21 18.22 49.37
CA ASN D 425 -50.67 17.13 48.50
C ASN D 425 -49.84 17.06 47.22
N PRO D 426 -49.14 15.94 46.97
CA PRO D 426 -48.27 15.94 45.78
C PRO D 426 -48.98 16.07 44.42
N GLY D 427 -50.29 15.87 44.38
CA GLY D 427 -51.06 16.04 43.14
C GLY D 427 -50.89 14.93 42.10
N GLU D 428 -50.21 13.85 42.46
CA GLU D 428 -49.95 12.73 41.55
C GLU D 428 -49.58 11.51 42.41
N PRO D 429 -49.61 10.31 41.84
CA PRO D 429 -49.15 9.18 42.64
C PRO D 429 -47.76 9.40 43.13
N TYR D 430 -47.52 9.14 44.42
CA TYR D 430 -46.23 9.53 45.03
C TYR D 430 -45.66 8.44 45.91
N VAL D 431 -44.42 8.64 46.35
CA VAL D 431 -43.73 7.64 47.16
C VAL D 431 -43.31 8.17 48.50
N ILE D 432 -43.63 7.40 49.54
CA ILE D 432 -43.08 7.58 50.87
C ILE D 432 -42.19 6.39 51.14
N GLN D 433 -40.95 6.69 51.50
CA GLN D 433 -39.97 5.65 51.82
C GLN D 433 -39.93 5.37 53.32
N LEU D 434 -39.99 4.11 53.67
CA LEU D 434 -39.97 3.71 55.05
C LEU D 434 -38.66 3.06 55.36
N LYS D 435 -38.19 3.31 56.57
CA LYS D 435 -37.11 2.59 57.15
C LYS D 435 -37.75 1.61 58.11
N VAL D 436 -37.45 0.33 57.97
CA VAL D 436 -37.99 -0.70 58.83
C VAL D 436 -36.87 -1.47 59.56
N ARG D 437 -37.19 -2.05 60.71
CA ARG D 437 -36.26 -2.84 61.49
C ARG D 437 -36.96 -4.19 61.76
N ALA D 438 -36.21 -5.27 61.61
CA ALA D 438 -36.67 -6.60 61.98
C ALA D 438 -36.08 -6.99 63.34
N ALA D 439 -36.89 -7.48 64.27
CA ALA D 439 -36.37 -8.13 65.49
C ALA D 439 -35.56 -9.42 65.17
N LYS D 440 -34.47 -9.67 65.93
CA LYS D 440 -33.58 -10.82 65.71
C LYS D 440 -34.32 -12.17 65.79
N TYR D 446 -36.53 -9.82 55.81
CA TYR D 446 -35.85 -8.58 56.25
C TYR D 446 -34.57 -8.80 57.08
#